data_4RGI
# 
_entry.id   4RGI 
# 
_audit_conform.dict_name       mmcif_pdbx.dic 
_audit_conform.dict_version    5.399 
_audit_conform.dict_location   http://mmcif.pdb.org/dictionaries/ascii/mmcif_pdbx.dic 
# 
loop_
_database_2.database_id 
_database_2.database_code 
_database_2.pdbx_database_accession 
_database_2.pdbx_DOI 
PDB   4RGI         pdb_00004rgi 10.2210/pdb4rgi/pdb 
RCSB  RCSB087317   ?            ?                   
WWPDB D_1000087317 ?            ?                   
# 
loop_
_pdbx_audit_revision_history.ordinal 
_pdbx_audit_revision_history.data_content_type 
_pdbx_audit_revision_history.major_revision 
_pdbx_audit_revision_history.minor_revision 
_pdbx_audit_revision_history.revision_date 
1 'Structure model' 1 0 2014-12-31 
2 'Structure model' 1 1 2024-11-27 
# 
_pdbx_audit_revision_details.ordinal             1 
_pdbx_audit_revision_details.revision_ordinal    1 
_pdbx_audit_revision_details.data_content_type   'Structure model' 
_pdbx_audit_revision_details.provider            repository 
_pdbx_audit_revision_details.type                'Initial release' 
_pdbx_audit_revision_details.description         ? 
_pdbx_audit_revision_details.details             ? 
# 
loop_
_pdbx_audit_revision_group.ordinal 
_pdbx_audit_revision_group.revision_ordinal 
_pdbx_audit_revision_group.data_content_type 
_pdbx_audit_revision_group.group 
1 2 'Structure model' 'Data collection'      
2 2 'Structure model' 'Database references'  
3 2 'Structure model' 'Derived calculations' 
4 2 'Structure model' 'Structure summary'    
# 
loop_
_pdbx_audit_revision_category.ordinal 
_pdbx_audit_revision_category.revision_ordinal 
_pdbx_audit_revision_category.data_content_type 
_pdbx_audit_revision_category.category 
1 2 'Structure model' chem_comp_atom            
2 2 'Structure model' chem_comp_bond            
3 2 'Structure model' database_2                
4 2 'Structure model' pdbx_entry_details        
5 2 'Structure model' pdbx_modification_feature 
6 2 'Structure model' struct_conn               
7 2 'Structure model' struct_ref_seq_dif        
8 2 'Structure model' struct_site               
# 
loop_
_pdbx_audit_revision_item.ordinal 
_pdbx_audit_revision_item.revision_ordinal 
_pdbx_audit_revision_item.data_content_type 
_pdbx_audit_revision_item.item 
1 2 'Structure model' '_database_2.pdbx_DOI'                
2 2 'Structure model' '_database_2.pdbx_database_accession' 
3 2 'Structure model' '_struct_conn.pdbx_leaving_atom_flag' 
4 2 'Structure model' '_struct_ref_seq_dif.details'         
5 2 'Structure model' '_struct_site.pdbx_auth_asym_id'      
6 2 'Structure model' '_struct_site.pdbx_auth_comp_id'      
7 2 'Structure model' '_struct_site.pdbx_auth_seq_id'       
# 
_pdbx_database_status.status_code                     REL 
_pdbx_database_status.entry_id                        4RGI 
_pdbx_database_status.recvd_initial_deposition_date   2014-09-30 
_pdbx_database_status.deposit_site                    RCSB 
_pdbx_database_status.process_site                    RCSB 
_pdbx_database_status.status_code_sf                  REL 
_pdbx_database_status.status_code_mr                  ? 
_pdbx_database_status.SG_entry                        Y 
_pdbx_database_status.status_code_cs                  ? 
_pdbx_database_status.methods_development_category    ? 
_pdbx_database_status.pdb_format_compatible           Y 
_pdbx_database_status.status_code_nmr_data            ? 
# 
_pdbx_database_related.db_name        TargetTrack 
_pdbx_database_related.db_id          MCSG-APC114166 
_pdbx_database_related.details        . 
_pdbx_database_related.content_type   unspecified 
# 
loop_
_audit_author.name 
_audit_author.pdbx_ordinal 
'Kim, Y.'                                       1 
'Chhor, G.'                                     2 
'Endres, M.'                                    3 
'Babnigg, G.'                                   4 
'Joachimiak, A.'                                5 
'Midwest Center for Structural Genomics (MCSG)' 6 
# 
_citation.id                        primary 
_citation.title                     'Crystal Structure of KTSC Domain Protein YPO2434 from Yersinia pestis' 
_citation.journal_abbrev            'To be Published' 
_citation.journal_volume            ? 
_citation.page_first                ? 
_citation.page_last                 ? 
_citation.year                      ? 
_citation.journal_id_ASTM           ? 
_citation.country                   ? 
_citation.journal_id_ISSN           ? 
_citation.journal_id_CSD            0353 
_citation.book_publisher            ? 
_citation.pdbx_database_id_PubMed   ? 
_citation.pdbx_database_id_DOI      ? 
# 
loop_
_citation_author.citation_id 
_citation_author.name 
_citation_author.ordinal 
_citation_author.identifier_ORCID 
primary 'Kim, Y.'        1 ? 
primary 'Chhor, G.'      2 ? 
primary 'Endres, M.'     3 ? 
primary 'Babnigg, G.'    4 ? 
primary 'Joachimiak, A.' 5 ? 
# 
loop_
_entity.id 
_entity.type 
_entity.src_method 
_entity.pdbx_description 
_entity.formula_weight 
_entity.pdbx_number_of_molecules 
_entity.pdbx_ec 
_entity.pdbx_mutation 
_entity.pdbx_fragment 
_entity.details 
1 polymer     man 'Uncharacterized protein' 8509.262 1  ? ? ? ? 
2 non-polymer syn 'SULFATE ION'             96.063   1  ? ? ? ? 
3 non-polymer syn GLYCEROL                  92.094   3  ? ? ? ? 
4 water       nat water                     18.015   66 ? ? ? ? 
# 
_entity_poly.entity_id                      1 
_entity_poly.type                           'polypeptide(L)' 
_entity_poly.nstd_linkage                   no 
_entity_poly.nstd_monomer                   yes 
_entity_poly.pdbx_seq_one_letter_code       
;SNA(MSE)QRQPVSSSRILSIGYDPDNR(MSE)LEIQFREQGTYQYLGVPERAHQNF(MSE)SAVSKGRFFDGVIKGKFL
CRKIG
;
_entity_poly.pdbx_seq_one_letter_code_can   SNAMQRQPVSSSRILSIGYDPDNRMLEIQFREQGTYQYLGVPERAHQNFMSAVSKGRFFDGVIKGKFLCRKIG 
_entity_poly.pdbx_strand_id                 A 
_entity_poly.pdbx_target_identifier         MCSG-APC114166 
# 
loop_
_pdbx_entity_nonpoly.entity_id 
_pdbx_entity_nonpoly.name 
_pdbx_entity_nonpoly.comp_id 
2 'SULFATE ION' SO4 
3 GLYCEROL      GOL 
4 water         HOH 
# 
loop_
_entity_poly_seq.entity_id 
_entity_poly_seq.num 
_entity_poly_seq.mon_id 
_entity_poly_seq.hetero 
1 1  SER n 
1 2  ASN n 
1 3  ALA n 
1 4  MSE n 
1 5  GLN n 
1 6  ARG n 
1 7  GLN n 
1 8  PRO n 
1 9  VAL n 
1 10 SER n 
1 11 SER n 
1 12 SER n 
1 13 ARG n 
1 14 ILE n 
1 15 LEU n 
1 16 SER n 
1 17 ILE n 
1 18 GLY n 
1 19 TYR n 
1 20 ASP n 
1 21 PRO n 
1 22 ASP n 
1 23 ASN n 
1 24 ARG n 
1 25 MSE n 
1 26 LEU n 
1 27 GLU n 
1 28 ILE n 
1 29 GLN n 
1 30 PHE n 
1 31 ARG n 
1 32 GLU n 
1 33 GLN n 
1 34 GLY n 
1 35 THR n 
1 36 TYR n 
1 37 GLN n 
1 38 TYR n 
1 39 LEU n 
1 40 GLY n 
1 41 VAL n 
1 42 PRO n 
1 43 GLU n 
1 44 ARG n 
1 45 ALA n 
1 46 HIS n 
1 47 GLN n 
1 48 ASN n 
1 49 PHE n 
1 50 MSE n 
1 51 SER n 
1 52 ALA n 
1 53 VAL n 
1 54 SER n 
1 55 LYS n 
1 56 GLY n 
1 57 ARG n 
1 58 PHE n 
1 59 PHE n 
1 60 ASP n 
1 61 GLY n 
1 62 VAL n 
1 63 ILE n 
1 64 LYS n 
1 65 GLY n 
1 66 LYS n 
1 67 PHE n 
1 68 LEU n 
1 69 CYS n 
1 70 ARG n 
1 71 LYS n 
1 72 ILE n 
1 73 GLY n 
# 
_entity_src_gen.entity_id                          1 
_entity_src_gen.pdbx_src_id                        1 
_entity_src_gen.pdbx_alt_source_flag               sample 
_entity_src_gen.pdbx_seq_type                      ? 
_entity_src_gen.pdbx_beg_seq_num                   ? 
_entity_src_gen.pdbx_end_seq_num                   ? 
_entity_src_gen.gene_src_common_name               ? 
_entity_src_gen.gene_src_genus                     ? 
_entity_src_gen.pdbx_gene_src_gene                 'y1902, YPO2434, YP_2222' 
_entity_src_gen.gene_src_species                   ? 
_entity_src_gen.gene_src_strain                    CO92 
_entity_src_gen.gene_src_tissue                    ? 
_entity_src_gen.gene_src_tissue_fraction           ? 
_entity_src_gen.gene_src_details                   ? 
_entity_src_gen.pdbx_gene_src_fragment             ? 
_entity_src_gen.pdbx_gene_src_scientific_name      'Yersinia pestis' 
_entity_src_gen.pdbx_gene_src_ncbi_taxonomy_id     632 
_entity_src_gen.pdbx_gene_src_variant              ? 
_entity_src_gen.pdbx_gene_src_cell_line            ? 
_entity_src_gen.pdbx_gene_src_atcc                 ? 
_entity_src_gen.pdbx_gene_src_organ                ? 
_entity_src_gen.pdbx_gene_src_organelle            ? 
_entity_src_gen.pdbx_gene_src_cell                 ? 
_entity_src_gen.pdbx_gene_src_cellular_location    ? 
_entity_src_gen.host_org_common_name               ? 
_entity_src_gen.pdbx_host_org_scientific_name      'Escherichia coli' 
_entity_src_gen.pdbx_host_org_ncbi_taxonomy_id     469008 
_entity_src_gen.host_org_genus                     ? 
_entity_src_gen.pdbx_host_org_gene                 ? 
_entity_src_gen.pdbx_host_org_organ                ? 
_entity_src_gen.host_org_species                   ? 
_entity_src_gen.pdbx_host_org_tissue               ? 
_entity_src_gen.pdbx_host_org_tissue_fraction      ? 
_entity_src_gen.pdbx_host_org_strain               'BL21DE3 gold' 
_entity_src_gen.pdbx_host_org_variant              ? 
_entity_src_gen.pdbx_host_org_cell_line            ? 
_entity_src_gen.pdbx_host_org_atcc                 ? 
_entity_src_gen.pdbx_host_org_culture_collection   ? 
_entity_src_gen.pdbx_host_org_cell                 ? 
_entity_src_gen.pdbx_host_org_organelle            ? 
_entity_src_gen.pdbx_host_org_cellular_location    ? 
_entity_src_gen.pdbx_host_org_vector_type          plasmid 
_entity_src_gen.pdbx_host_org_vector               ? 
_entity_src_gen.host_org_details                   ? 
_entity_src_gen.expression_system_id               ? 
_entity_src_gen.plasmid_name                       pMCSG68 
_entity_src_gen.plasmid_details                    ? 
_entity_src_gen.pdbx_description                   ? 
# 
loop_
_chem_comp.id 
_chem_comp.type 
_chem_comp.mon_nstd_flag 
_chem_comp.name 
_chem_comp.pdbx_synonyms 
_chem_comp.formula 
_chem_comp.formula_weight 
ALA 'L-peptide linking' y ALANINE          ?                               'C3 H7 N O2'     89.093  
ARG 'L-peptide linking' y ARGININE         ?                               'C6 H15 N4 O2 1' 175.209 
ASN 'L-peptide linking' y ASPARAGINE       ?                               'C4 H8 N2 O3'    132.118 
ASP 'L-peptide linking' y 'ASPARTIC ACID'  ?                               'C4 H7 N O4'     133.103 
CYS 'L-peptide linking' y CYSTEINE         ?                               'C3 H7 N O2 S'   121.158 
GLN 'L-peptide linking' y GLUTAMINE        ?                               'C5 H10 N2 O3'   146.144 
GLU 'L-peptide linking' y 'GLUTAMIC ACID'  ?                               'C5 H9 N O4'     147.129 
GLY 'peptide linking'   y GLYCINE          ?                               'C2 H5 N O2'     75.067  
GOL non-polymer         . GLYCEROL         'GLYCERIN; PROPANE-1,2,3-TRIOL' 'C3 H8 O3'       92.094  
HIS 'L-peptide linking' y HISTIDINE        ?                               'C6 H10 N3 O2 1' 156.162 
HOH non-polymer         . WATER            ?                               'H2 O'           18.015  
ILE 'L-peptide linking' y ISOLEUCINE       ?                               'C6 H13 N O2'    131.173 
LEU 'L-peptide linking' y LEUCINE          ?                               'C6 H13 N O2'    131.173 
LYS 'L-peptide linking' y LYSINE           ?                               'C6 H15 N2 O2 1' 147.195 
MSE 'L-peptide linking' n SELENOMETHIONINE ?                               'C5 H11 N O2 Se' 196.106 
PHE 'L-peptide linking' y PHENYLALANINE    ?                               'C9 H11 N O2'    165.189 
PRO 'L-peptide linking' y PROLINE          ?                               'C5 H9 N O2'     115.130 
SER 'L-peptide linking' y SERINE           ?                               'C3 H7 N O3'     105.093 
SO4 non-polymer         . 'SULFATE ION'    ?                               'O4 S -2'        96.063  
THR 'L-peptide linking' y THREONINE        ?                               'C4 H9 N O3'     119.119 
TYR 'L-peptide linking' y TYROSINE         ?                               'C9 H11 N O3'    181.189 
VAL 'L-peptide linking' y VALINE           ?                               'C5 H11 N O2'    117.146 
# 
loop_
_pdbx_poly_seq_scheme.asym_id 
_pdbx_poly_seq_scheme.entity_id 
_pdbx_poly_seq_scheme.seq_id 
_pdbx_poly_seq_scheme.mon_id 
_pdbx_poly_seq_scheme.ndb_seq_num 
_pdbx_poly_seq_scheme.pdb_seq_num 
_pdbx_poly_seq_scheme.auth_seq_num 
_pdbx_poly_seq_scheme.pdb_mon_id 
_pdbx_poly_seq_scheme.auth_mon_id 
_pdbx_poly_seq_scheme.pdb_strand_id 
_pdbx_poly_seq_scheme.pdb_ins_code 
_pdbx_poly_seq_scheme.hetero 
A 1 1  SER 1  -2 ?  ?   ?   A . n 
A 1 2  ASN 2  -1 ?  ?   ?   A . n 
A 1 3  ALA 3  0  0  ALA ALA A . n 
A 1 4  MSE 4  1  1  MSE MSE A . n 
A 1 5  GLN 5  2  2  GLN GLN A . n 
A 1 6  ARG 6  3  3  ARG ARG A . n 
A 1 7  GLN 7  4  4  GLN GLN A . n 
A 1 8  PRO 8  5  5  PRO PRO A . n 
A 1 9  VAL 9  6  6  VAL VAL A . n 
A 1 10 SER 10 7  7  SER SER A . n 
A 1 11 SER 11 8  8  SER SER A . n 
A 1 12 SER 12 9  9  SER SER A . n 
A 1 13 ARG 13 10 10 ARG ARG A . n 
A 1 14 ILE 14 11 11 ILE ILE A . n 
A 1 15 LEU 15 12 12 LEU LEU A . n 
A 1 16 SER 16 13 13 SER SER A . n 
A 1 17 ILE 17 14 14 ILE ILE A . n 
A 1 18 GLY 18 15 15 GLY GLY A . n 
A 1 19 TYR 19 16 16 TYR TYR A . n 
A 1 20 ASP 20 17 17 ASP ASP A . n 
A 1 21 PRO 21 18 18 PRO PRO A . n 
A 1 22 ASP 22 19 19 ASP ASP A . n 
A 1 23 ASN 23 20 20 ASN ASN A . n 
A 1 24 ARG 24 21 21 ARG ARG A . n 
A 1 25 MSE 25 22 22 MSE MSE A . n 
A 1 26 LEU 26 23 23 LEU LEU A . n 
A 1 27 GLU 27 24 24 GLU GLU A . n 
A 1 28 ILE 28 25 25 ILE ILE A . n 
A 1 29 GLN 29 26 26 GLN GLN A . n 
A 1 30 PHE 30 27 27 PHE PHE A . n 
A 1 31 ARG 31 28 28 ARG ARG A . n 
A 1 32 GLU 32 29 29 GLU GLU A . n 
A 1 33 GLN 33 30 30 GLN GLN A . n 
A 1 34 GLY 34 31 31 GLY GLY A . n 
A 1 35 THR 35 32 32 THR THR A . n 
A 1 36 TYR 36 33 33 TYR TYR A . n 
A 1 37 GLN 37 34 34 GLN GLN A . n 
A 1 38 TYR 38 35 35 TYR TYR A . n 
A 1 39 LEU 39 36 36 LEU LEU A . n 
A 1 40 GLY 40 37 37 GLY GLY A . n 
A 1 41 VAL 41 38 38 VAL VAL A . n 
A 1 42 PRO 42 39 39 PRO PRO A . n 
A 1 43 GLU 43 40 40 GLU GLU A . n 
A 1 44 ARG 44 41 41 ARG ARG A . n 
A 1 45 ALA 45 42 42 ALA ALA A . n 
A 1 46 HIS 46 43 43 HIS HIS A . n 
A 1 47 GLN 47 44 44 GLN GLN A . n 
A 1 48 ASN 48 45 45 ASN ASN A . n 
A 1 49 PHE 49 46 46 PHE PHE A . n 
A 1 50 MSE 50 47 47 MSE MSE A . n 
A 1 51 SER 51 48 48 SER SER A . n 
A 1 52 ALA 52 49 49 ALA ALA A . n 
A 1 53 VAL 53 50 50 VAL VAL A . n 
A 1 54 SER 54 51 51 SER SER A . n 
A 1 55 LYS 55 52 52 LYS LYS A . n 
A 1 56 GLY 56 53 53 GLY GLY A . n 
A 1 57 ARG 57 54 54 ARG ARG A . n 
A 1 58 PHE 58 55 55 PHE PHE A . n 
A 1 59 PHE 59 56 56 PHE PHE A . n 
A 1 60 ASP 60 57 57 ASP ASP A . n 
A 1 61 GLY 61 58 58 GLY GLY A . n 
A 1 62 VAL 62 59 59 VAL VAL A . n 
A 1 63 ILE 63 60 60 ILE ILE A . n 
A 1 64 LYS 64 61 61 LYS LYS A . n 
A 1 65 GLY 65 62 62 GLY GLY A . n 
A 1 66 LYS 66 63 63 LYS LYS A . n 
A 1 67 PHE 67 64 64 PHE PHE A . n 
A 1 68 LEU 68 65 65 LEU LEU A . n 
A 1 69 CYS 69 66 66 CYS CYS A . n 
A 1 70 ARG 70 67 67 ARG ARG A . n 
A 1 71 LYS 71 68 68 LYS LYS A . n 
A 1 72 ILE 72 69 69 ILE ILE A . n 
A 1 73 GLY 73 70 70 GLY GLY A . n 
# 
loop_
_pdbx_nonpoly_scheme.asym_id 
_pdbx_nonpoly_scheme.entity_id 
_pdbx_nonpoly_scheme.mon_id 
_pdbx_nonpoly_scheme.ndb_seq_num 
_pdbx_nonpoly_scheme.pdb_seq_num 
_pdbx_nonpoly_scheme.auth_seq_num 
_pdbx_nonpoly_scheme.pdb_mon_id 
_pdbx_nonpoly_scheme.auth_mon_id 
_pdbx_nonpoly_scheme.pdb_strand_id 
_pdbx_nonpoly_scheme.pdb_ins_code 
B 2 SO4 1  101 80 SO4 SO4 A . 
C 3 GOL 1  102 81 GOL GOL A . 
D 3 GOL 1  103 82 GOL GOL A . 
E 3 GOL 1  104 83 GOL GOL A . 
F 4 HOH 1  201 1  HOH HOH A . 
F 4 HOH 2  202 2  HOH HOH A . 
F 4 HOH 3  203 3  HOH HOH A . 
F 4 HOH 4  204 4  HOH HOH A . 
F 4 HOH 5  205 5  HOH HOH A . 
F 4 HOH 6  206 6  HOH HOH A . 
F 4 HOH 7  207 7  HOH HOH A . 
F 4 HOH 8  208 8  HOH HOH A . 
F 4 HOH 9  209 9  HOH HOH A . 
F 4 HOH 10 210 10 HOH HOH A . 
F 4 HOH 11 211 11 HOH HOH A . 
F 4 HOH 12 212 12 HOH HOH A . 
F 4 HOH 13 213 13 HOH HOH A . 
F 4 HOH 14 214 14 HOH HOH A . 
F 4 HOH 15 215 15 HOH HOH A . 
F 4 HOH 16 216 16 HOH HOH A . 
F 4 HOH 17 217 17 HOH HOH A . 
F 4 HOH 18 218 18 HOH HOH A . 
F 4 HOH 19 219 19 HOH HOH A . 
F 4 HOH 20 220 20 HOH HOH A . 
F 4 HOH 21 221 21 HOH HOH A . 
F 4 HOH 22 222 22 HOH HOH A . 
F 4 HOH 23 223 23 HOH HOH A . 
F 4 HOH 24 224 24 HOH HOH A . 
F 4 HOH 25 225 25 HOH HOH A . 
F 4 HOH 26 226 26 HOH HOH A . 
F 4 HOH 27 227 27 HOH HOH A . 
F 4 HOH 28 228 28 HOH HOH A . 
F 4 HOH 29 229 29 HOH HOH A . 
F 4 HOH 30 230 30 HOH HOH A . 
F 4 HOH 31 231 31 HOH HOH A . 
F 4 HOH 32 232 32 HOH HOH A . 
F 4 HOH 33 233 33 HOH HOH A . 
F 4 HOH 34 234 34 HOH HOH A . 
F 4 HOH 35 235 35 HOH HOH A . 
F 4 HOH 36 236 36 HOH HOH A . 
F 4 HOH 37 237 37 HOH HOH A . 
F 4 HOH 38 238 38 HOH HOH A . 
F 4 HOH 39 239 39 HOH HOH A . 
F 4 HOH 40 240 40 HOH HOH A . 
F 4 HOH 41 241 41 HOH HOH A . 
F 4 HOH 42 242 42 HOH HOH A . 
F 4 HOH 43 243 43 HOH HOH A . 
F 4 HOH 44 244 44 HOH HOH A . 
F 4 HOH 45 245 45 HOH HOH A . 
F 4 HOH 46 246 46 HOH HOH A . 
F 4 HOH 47 247 47 HOH HOH A . 
F 4 HOH 48 248 48 HOH HOH A . 
F 4 HOH 49 249 49 HOH HOH A . 
F 4 HOH 50 250 50 HOH HOH A . 
F 4 HOH 51 251 51 HOH HOH A . 
F 4 HOH 52 252 52 HOH HOH A . 
F 4 HOH 53 253 53 HOH HOH A . 
F 4 HOH 54 254 54 HOH HOH A . 
F 4 HOH 55 255 55 HOH HOH A . 
F 4 HOH 56 256 56 HOH HOH A . 
F 4 HOH 57 257 57 HOH HOH A . 
F 4 HOH 58 258 58 HOH HOH A . 
F 4 HOH 59 259 59 HOH HOH A . 
F 4 HOH 60 260 60 HOH HOH A . 
F 4 HOH 61 261 61 HOH HOH A . 
F 4 HOH 62 262 62 HOH HOH A . 
F 4 HOH 63 263 63 HOH HOH A . 
F 4 HOH 64 264 64 HOH HOH A . 
F 4 HOH 65 265 65 HOH HOH A . 
F 4 HOH 66 266 66 HOH HOH A . 
# 
loop_
_software.name 
_software.classification 
_software.version 
_software.citation_id 
_software.pdbx_ordinal 
SBC-Collect 'data collection' .                           ? 1  
HKL-3000    'data collection' .                           ? 2  
HKL-3000    phasing           .                           ? 3  
SHELXS      phasing           .                           ? 4  
MLPHARE     phasing           .                           ? 5  
DM          'model building'  .                           ? 6  
PHENIX      refinement        '(phenix.refine: dev_1745)' ? 7  
HKL-3000    'data reduction'  .                           ? 8  
HKL-3000    'data scaling'    .                           ? 9  
DM          phasing           .                           ? 10 
# 
_cell.entry_id           4RGI 
_cell.length_a           38.166 
_cell.length_b           70.908 
_cell.length_c           55.846 
_cell.angle_alpha        90.00 
_cell.angle_beta         90.00 
_cell.angle_gamma        90.00 
_cell.Z_PDB              8 
_cell.pdbx_unique_axis   ? 
_cell.length_a_esd       ? 
_cell.length_b_esd       ? 
_cell.length_c_esd       ? 
_cell.angle_alpha_esd    ? 
_cell.angle_beta_esd     ? 
_cell.angle_gamma_esd    ? 
# 
_symmetry.entry_id                         4RGI 
_symmetry.space_group_name_H-M             'C 2 2 21' 
_symmetry.pdbx_full_space_group_name_H-M   ? 
_symmetry.cell_setting                     ? 
_symmetry.Int_Tables_number                20 
_symmetry.space_group_name_Hall            ? 
# 
_exptl.entry_id          4RGI 
_exptl.method            'X-RAY DIFFRACTION' 
_exptl.crystals_number   1 
# 
_exptl_crystal.id                    1 
_exptl_crystal.density_meas          ? 
_exptl_crystal.density_Matthews      2.22 
_exptl_crystal.density_percent_sol   44.60 
_exptl_crystal.description           ? 
_exptl_crystal.F_000                 ? 
_exptl_crystal.preparation           ? 
# 
_exptl_crystal_grow.crystal_id      1 
_exptl_crystal_grow.method          ? 
_exptl_crystal_grow.temp            289 
_exptl_crystal_grow.temp_details    ? 
_exptl_crystal_grow.pH              6.0 
_exptl_crystal_grow.pdbx_details    '0.1 M MES pH 6.0, 1.26 M ammonium sulfate, temperature 289K' 
_exptl_crystal_grow.pdbx_pH_range   ? 
# 
_diffrn.id                     1 
_diffrn.ambient_temp           100 
_diffrn.ambient_temp_details   ? 
_diffrn.crystal_id             1 
# 
_diffrn_detector.diffrn_id              1 
_diffrn_detector.detector               CCD 
_diffrn_detector.type                   'ADSC QUANTUM 315r' 
_diffrn_detector.pdbx_collection_date   2013-12-01 
_diffrn_detector.details                mirrors 
# 
_diffrn_radiation.diffrn_id                        1 
_diffrn_radiation.wavelength_id                    1 
_diffrn_radiation.pdbx_monochromatic_or_laue_m_l   M 
_diffrn_radiation.monochromator                    'double crystal monochromator' 
_diffrn_radiation.pdbx_diffrn_protocol             'SINGLE WAVELENGTH' 
_diffrn_radiation.pdbx_scattering_type             x-ray 
# 
_diffrn_radiation_wavelength.id           1 
_diffrn_radiation_wavelength.wavelength   0.97921 
_diffrn_radiation_wavelength.wt           1.0 
# 
_diffrn_source.diffrn_id                   1 
_diffrn_source.source                      SYNCHROTRON 
_diffrn_source.type                        'APS BEAMLINE 19-ID' 
_diffrn_source.pdbx_synchrotron_site       APS 
_diffrn_source.pdbx_synchrotron_beamline   19-ID 
_diffrn_source.pdbx_wavelength             ? 
_diffrn_source.pdbx_wavelength_list        0.97921 
# 
_reflns.entry_id                     4RGI 
_reflns.observed_criterion_sigma_I   0.0 
_reflns.observed_criterion_sigma_F   0.0 
_reflns.d_resolution_low             50 
_reflns.d_resolution_high            1.73 
_reflns.number_obs                   7880 
_reflns.number_all                   7880 
_reflns.percent_possible_obs         96.6 
_reflns.pdbx_Rmerge_I_obs            ? 
_reflns.pdbx_Rsym_value              0.090 
_reflns.pdbx_netI_over_sigmaI        14.36 
_reflns.B_iso_Wilson_estimate        18.52 
_reflns.pdbx_redundancy              4.4 
_reflns.R_free_details               ? 
_reflns.limit_h_max                  ? 
_reflns.limit_h_min                  ? 
_reflns.limit_k_max                  ? 
_reflns.limit_k_min                  ? 
_reflns.limit_l_max                  ? 
_reflns.limit_l_min                  ? 
_reflns.observed_criterion_F_max     ? 
_reflns.observed_criterion_F_min     ? 
_reflns.pdbx_chi_squared             ? 
_reflns.pdbx_scaling_rejects         ? 
_reflns.pdbx_ordinal                 1 
_reflns.pdbx_diffrn_id               1 
# 
_reflns_shell.d_res_high             1.73 
_reflns_shell.d_res_low              1.76 
_reflns_shell.percent_possible_all   83.7 
_reflns_shell.Rmerge_I_obs           ? 
_reflns_shell.pdbx_Rsym_value        0.653 
_reflns_shell.meanI_over_sigI_obs    1.58 
_reflns_shell.pdbx_redundancy        1.5 
_reflns_shell.percent_possible_obs   ? 
_reflns_shell.number_unique_all      328 
_reflns_shell.number_measured_all    ? 
_reflns_shell.number_measured_obs    ? 
_reflns_shell.number_unique_obs      ? 
_reflns_shell.pdbx_chi_squared       ? 
_reflns_shell.pdbx_ordinal           1 
_reflns_shell.pdbx_diffrn_id         1 
# 
_refine.entry_id                                 4RGI 
_refine.ls_number_reflns_obs                     7533 
_refine.ls_number_reflns_all                     7533 
_refine.pdbx_ls_sigma_I                          ? 
_refine.pdbx_ls_sigma_F                          0.0 
_refine.pdbx_data_cutoff_high_absF               ? 
_refine.pdbx_data_cutoff_low_absF                ? 
_refine.pdbx_data_cutoff_high_rms_absF           ? 
_refine.ls_d_res_low                             29.932 
_refine.ls_d_res_high                            1.732 
_refine.ls_percent_reflns_obs                    92.00 
_refine.ls_R_factor_obs                          0.176 
_refine.ls_R_factor_all                          0.176 
_refine.ls_R_factor_R_work                       0.174 
_refine.ls_R_factor_R_free                       0.201 
_refine.ls_R_factor_R_free_error                 ? 
_refine.ls_R_factor_R_free_error_details         ? 
_refine.ls_percent_reflns_R_free                 4.69 
_refine.ls_number_reflns_R_free                  353 
_refine.ls_number_parameters                     ? 
_refine.ls_number_restraints                     ? 
_refine.occupancy_min                            ? 
_refine.occupancy_max                            ? 
_refine.correlation_coeff_Fo_to_Fc               ? 
_refine.correlation_coeff_Fo_to_Fc_free          ? 
_refine.B_iso_mean                               22.8 
_refine.aniso_B[1][1]                            ? 
_refine.aniso_B[2][2]                            ? 
_refine.aniso_B[3][3]                            ? 
_refine.aniso_B[1][2]                            ? 
_refine.aniso_B[1][3]                            ? 
_refine.aniso_B[2][3]                            ? 
_refine.solvent_model_details                    'FLAT BULK SOLVENT MODEL' 
_refine.solvent_model_param_ksol                 ? 
_refine.solvent_model_param_bsol                 ? 
_refine.pdbx_solvent_vdw_probe_radii             1.11 
_refine.pdbx_solvent_ion_probe_radii             ? 
_refine.pdbx_solvent_shrinkage_radii             0.90 
_refine.pdbx_ls_cross_valid_method               THROUGHOUT 
_refine.details                                  ? 
_refine.pdbx_starting_model                      ? 
_refine.pdbx_method_to_determine_struct          SAD 
_refine.pdbx_isotropic_thermal_model             mixed 
_refine.pdbx_stereochemistry_target_values       ML 
_refine.pdbx_stereochem_target_val_spec_case     ? 
_refine.pdbx_R_Free_selection_details            random 
_refine.pdbx_overall_ESU_R                       ? 
_refine.pdbx_overall_ESU_R_Free                  ? 
_refine.overall_SU_ML                            0.18 
_refine.pdbx_overall_phase_error                 21.53 
_refine.overall_SU_B                             ? 
_refine.overall_SU_R_Cruickshank_DPI             ? 
_refine.ls_redundancy_reflns_obs                 ? 
_refine.B_iso_min                                ? 
_refine.B_iso_max                                ? 
_refine.overall_SU_R_free                        ? 
_refine.ls_wR_factor_R_free                      ? 
_refine.ls_wR_factor_R_work                      ? 
_refine.overall_FOM_free_R_set                   ? 
_refine.overall_FOM_work_R_set                   ? 
_refine.pdbx_diffrn_id                           1 
_refine.pdbx_refine_id                           'X-RAY DIFFRACTION' 
_refine.pdbx_TLS_residual_ADP_flag               ? 
_refine.pdbx_overall_SU_R_free_Cruickshank_DPI   ? 
_refine.pdbx_overall_SU_R_Blow_DPI               ? 
_refine.pdbx_overall_SU_R_free_Blow_DPI          ? 
# 
_refine_hist.pdbx_refine_id                   'X-RAY DIFFRACTION' 
_refine_hist.cycle_id                         LAST 
_refine_hist.pdbx_number_atoms_protein        572 
_refine_hist.pdbx_number_atoms_nucleic_acid   0 
_refine_hist.pdbx_number_atoms_ligand         23 
_refine_hist.number_atoms_solvent             66 
_refine_hist.number_atoms_total               661 
_refine_hist.d_res_high                       1.732 
_refine_hist.d_res_low                        29.932 
# 
loop_
_refine_ls_restr.type 
_refine_ls_restr.dev_ideal 
_refine_ls_restr.dev_ideal_target 
_refine_ls_restr.weight 
_refine_ls_restr.number 
_refine_ls_restr.pdbx_restraint_function 
_refine_ls_restr.pdbx_refine_id 
f_bond_d           0.008  ? ? 627 ? 'X-RAY DIFFRACTION' 
f_angle_d          1.111  ? ? 836 ? 'X-RAY DIFFRACTION' 
f_dihedral_angle_d 15.311 ? ? 246 ? 'X-RAY DIFFRACTION' 
f_chiral_restr     0.047  ? ? 81  ? 'X-RAY DIFFRACTION' 
f_plane_restr      0.004  ? ? 109 ? 'X-RAY DIFFRACTION' 
# 
loop_
_refine_ls_shell.pdbx_total_number_of_bins_used 
_refine_ls_shell.d_res_high 
_refine_ls_shell.d_res_low 
_refine_ls_shell.number_reflns_R_work 
_refine_ls_shell.R_factor_R_work 
_refine_ls_shell.percent_reflns_obs 
_refine_ls_shell.R_factor_R_free 
_refine_ls_shell.R_factor_R_free_error 
_refine_ls_shell.percent_reflns_R_free 
_refine_ls_shell.number_reflns_R_free 
_refine_ls_shell.number_reflns_all 
_refine_ls_shell.R_factor_all 
_refine_ls_shell.number_reflns_obs 
_refine_ls_shell.redundancy_reflns_obs 
_refine_ls_shell.pdbx_refine_id 
. 1.7320 1.9825  2071 0.1942 81.00 0.2471 . . 103 . . 2174 . 'X-RAY DIFFRACTION' 
. 1.9825 2.4976  2544 0.1894 99.00 0.2262 . . 119 . . 2663 . 'X-RAY DIFFRACTION' 
. 2.4976 29.9361 2565 0.1629 96.00 0.1812 . . 131 . . 2696 . 'X-RAY DIFFRACTION' 
# 
_struct.entry_id                  4RGI 
_struct.title                     'Crystal Structure of KTSC Domain Protein YPO2434 from Yersinia pestis' 
_struct.pdbx_model_details        ? 
_struct.pdbx_CASP_flag            ? 
_struct.pdbx_model_type_details   ? 
# 
_struct_keywords.entry_id        4RGI 
_struct_keywords.pdbx_keywords   'STRUCTURAL GENOMICS, UNKNOWN FUNCTION' 
_struct_keywords.text            
;Chicago Center for Functional Annotation, Structural Genomics, PSI-Biology, Midwest Center for Structural Genomics, MCSG, alpha-beta sandwich, UNKNOWN FUNCTION
;
# 
loop_
_struct_asym.id 
_struct_asym.pdbx_blank_PDB_chainid_flag 
_struct_asym.pdbx_modified 
_struct_asym.entity_id 
_struct_asym.details 
A N N 1 ? 
B N N 2 ? 
C N N 3 ? 
D N N 3 ? 
E N N 3 ? 
F N N 4 ? 
# 
_struct_ref.id                         1 
_struct_ref.db_name                    UNP 
_struct_ref.db_code                    Q7CIU6_YERPE 
_struct_ref.pdbx_db_accession          Q7CIU6 
_struct_ref.entity_id                  1 
_struct_ref.pdbx_seq_one_letter_code   MQRQPVSSSRILSIGYDPDNRMLEIQFREQGTYQYLGVPERAHQNFMSAVSKGRFFDGVIKGKFLCRKIG 
_struct_ref.pdbx_align_begin           1 
_struct_ref.pdbx_db_isoform            ? 
# 
_struct_ref_seq.align_id                      1 
_struct_ref_seq.ref_id                        1 
_struct_ref_seq.pdbx_PDB_id_code              4RGI 
_struct_ref_seq.pdbx_strand_id                A 
_struct_ref_seq.seq_align_beg                 4 
_struct_ref_seq.pdbx_seq_align_beg_ins_code   ? 
_struct_ref_seq.seq_align_end                 73 
_struct_ref_seq.pdbx_seq_align_end_ins_code   ? 
_struct_ref_seq.pdbx_db_accession             Q7CIU6 
_struct_ref_seq.db_align_beg                  1 
_struct_ref_seq.pdbx_db_align_beg_ins_code    ? 
_struct_ref_seq.db_align_end                  70 
_struct_ref_seq.pdbx_db_align_end_ins_code    ? 
_struct_ref_seq.pdbx_auth_seq_align_beg       1 
_struct_ref_seq.pdbx_auth_seq_align_end       70 
# 
loop_
_struct_ref_seq_dif.align_id 
_struct_ref_seq_dif.pdbx_pdb_id_code 
_struct_ref_seq_dif.mon_id 
_struct_ref_seq_dif.pdbx_pdb_strand_id 
_struct_ref_seq_dif.seq_num 
_struct_ref_seq_dif.pdbx_pdb_ins_code 
_struct_ref_seq_dif.pdbx_seq_db_name 
_struct_ref_seq_dif.pdbx_seq_db_accession_code 
_struct_ref_seq_dif.db_mon_id 
_struct_ref_seq_dif.pdbx_seq_db_seq_num 
_struct_ref_seq_dif.details 
_struct_ref_seq_dif.pdbx_auth_seq_num 
_struct_ref_seq_dif.pdbx_ordinal 
1 4RGI SER A 1 ? UNP Q7CIU6 ? ? 'expression tag' -2 1 
1 4RGI ASN A 2 ? UNP Q7CIU6 ? ? 'expression tag' -1 2 
1 4RGI ALA A 3 ? UNP Q7CIU6 ? ? 'expression tag' 0  3 
# 
_pdbx_struct_assembly.id                   1 
_pdbx_struct_assembly.details              author_and_software_defined_assembly 
_pdbx_struct_assembly.method_details       PISA 
_pdbx_struct_assembly.oligomeric_details   monomeric 
_pdbx_struct_assembly.oligomeric_count     1 
# 
_pdbx_struct_assembly_gen.assembly_id       1 
_pdbx_struct_assembly_gen.oper_expression   1 
_pdbx_struct_assembly_gen.asym_id_list      A,B,C,D,E,F 
# 
_pdbx_struct_oper_list.id                   1 
_pdbx_struct_oper_list.type                 'identity operation' 
_pdbx_struct_oper_list.name                 1_555 
_pdbx_struct_oper_list.symmetry_operation   x,y,z 
_pdbx_struct_oper_list.matrix[1][1]         1.0000000000 
_pdbx_struct_oper_list.matrix[1][2]         0.0000000000 
_pdbx_struct_oper_list.matrix[1][3]         0.0000000000 
_pdbx_struct_oper_list.vector[1]            0.0000000000 
_pdbx_struct_oper_list.matrix[2][1]         0.0000000000 
_pdbx_struct_oper_list.matrix[2][2]         1.0000000000 
_pdbx_struct_oper_list.matrix[2][3]         0.0000000000 
_pdbx_struct_oper_list.vector[2]            0.0000000000 
_pdbx_struct_oper_list.matrix[3][1]         0.0000000000 
_pdbx_struct_oper_list.matrix[3][2]         0.0000000000 
_pdbx_struct_oper_list.matrix[3][3]         1.0000000000 
_pdbx_struct_oper_list.vector[3]            0.0000000000 
# 
_struct_biol.id        1 
_struct_biol.details   ? 
# 
loop_
_struct_conf.conf_type_id 
_struct_conf.id 
_struct_conf.pdbx_PDB_helix_id 
_struct_conf.beg_label_comp_id 
_struct_conf.beg_label_asym_id 
_struct_conf.beg_label_seq_id 
_struct_conf.pdbx_beg_PDB_ins_code 
_struct_conf.end_label_comp_id 
_struct_conf.end_label_asym_id 
_struct_conf.end_label_seq_id 
_struct_conf.pdbx_end_PDB_ins_code 
_struct_conf.beg_auth_comp_id 
_struct_conf.beg_auth_asym_id 
_struct_conf.beg_auth_seq_id 
_struct_conf.end_auth_comp_id 
_struct_conf.end_auth_asym_id 
_struct_conf.end_auth_seq_id 
_struct_conf.pdbx_PDB_helix_class 
_struct_conf.details 
_struct_conf.pdbx_PDB_helix_length 
HELX_P HELX_P1 1 PRO A 42 ? ALA A 52 ? PRO A 39 ALA A 49 1 ? 11 
HELX_P HELX_P2 2 SER A 54 ? ILE A 63 ? SER A 51 ILE A 60 1 ? 10 
# 
_struct_conf_type.id          HELX_P 
_struct_conf_type.criteria    ? 
_struct_conf_type.reference   ? 
# 
loop_
_struct_conn.id 
_struct_conn.conn_type_id 
_struct_conn.pdbx_leaving_atom_flag 
_struct_conn.pdbx_PDB_id 
_struct_conn.ptnr1_label_asym_id 
_struct_conn.ptnr1_label_comp_id 
_struct_conn.ptnr1_label_seq_id 
_struct_conn.ptnr1_label_atom_id 
_struct_conn.pdbx_ptnr1_label_alt_id 
_struct_conn.pdbx_ptnr1_PDB_ins_code 
_struct_conn.pdbx_ptnr1_standard_comp_id 
_struct_conn.ptnr1_symmetry 
_struct_conn.ptnr2_label_asym_id 
_struct_conn.ptnr2_label_comp_id 
_struct_conn.ptnr2_label_seq_id 
_struct_conn.ptnr2_label_atom_id 
_struct_conn.pdbx_ptnr2_label_alt_id 
_struct_conn.pdbx_ptnr2_PDB_ins_code 
_struct_conn.ptnr1_auth_asym_id 
_struct_conn.ptnr1_auth_comp_id 
_struct_conn.ptnr1_auth_seq_id 
_struct_conn.ptnr2_auth_asym_id 
_struct_conn.ptnr2_auth_comp_id 
_struct_conn.ptnr2_auth_seq_id 
_struct_conn.ptnr2_symmetry 
_struct_conn.pdbx_ptnr3_label_atom_id 
_struct_conn.pdbx_ptnr3_label_seq_id 
_struct_conn.pdbx_ptnr3_label_comp_id 
_struct_conn.pdbx_ptnr3_label_asym_id 
_struct_conn.pdbx_ptnr3_label_alt_id 
_struct_conn.pdbx_ptnr3_PDB_ins_code 
_struct_conn.details 
_struct_conn.pdbx_dist_value 
_struct_conn.pdbx_value_order 
_struct_conn.pdbx_role 
covale1  covale both ? A ALA 3  C ? ? ? 1_555 A MSE 4  N A ? A ALA 0  A MSE 1  1_555 ? ? ? ? ? ? ? 1.327 ? ? 
covale2  covale both ? A ALA 3  C ? ? ? 1_555 A MSE 4  N B ? A ALA 0  A MSE 1  1_555 ? ? ? ? ? ? ? 1.328 ? ? 
covale3  covale both ? A MSE 4  C A ? ? 1_555 A GLN 5  N ? ? A MSE 1  A GLN 2  1_555 ? ? ? ? ? ? ? 1.324 ? ? 
covale4  covale both ? A MSE 4  C B ? ? 1_555 A GLN 5  N ? ? A MSE 1  A GLN 2  1_555 ? ? ? ? ? ? ? 1.328 ? ? 
covale5  covale both ? A ARG 24 C ? ? ? 1_555 A MSE 25 N A ? A ARG 21 A MSE 22 1_555 ? ? ? ? ? ? ? 1.326 ? ? 
covale6  covale both ? A ARG 24 C ? ? ? 1_555 A MSE 25 N B ? A ARG 21 A MSE 22 1_555 ? ? ? ? ? ? ? 1.327 ? ? 
covale7  covale both ? A MSE 25 C A ? ? 1_555 A LEU 26 N ? ? A MSE 22 A LEU 23 1_555 ? ? ? ? ? ? ? 1.334 ? ? 
covale8  covale both ? A MSE 25 C B ? ? 1_555 A LEU 26 N ? ? A MSE 22 A LEU 23 1_555 ? ? ? ? ? ? ? 1.329 ? ? 
covale9  covale both ? A PHE 49 C ? ? ? 1_555 A MSE 50 N ? ? A PHE 46 A MSE 47 1_555 ? ? ? ? ? ? ? 1.326 ? ? 
covale10 covale both ? A MSE 50 C ? ? ? 1_555 A SER 51 N ? ? A MSE 47 A SER 48 1_555 ? ? ? ? ? ? ? 1.330 ? ? 
# 
_struct_conn_type.id          covale 
_struct_conn_type.criteria    ? 
_struct_conn_type.reference   ? 
# 
loop_
_pdbx_modification_feature.ordinal 
_pdbx_modification_feature.label_comp_id 
_pdbx_modification_feature.label_asym_id 
_pdbx_modification_feature.label_seq_id 
_pdbx_modification_feature.label_alt_id 
_pdbx_modification_feature.modified_residue_label_comp_id 
_pdbx_modification_feature.modified_residue_label_asym_id 
_pdbx_modification_feature.modified_residue_label_seq_id 
_pdbx_modification_feature.modified_residue_label_alt_id 
_pdbx_modification_feature.auth_comp_id 
_pdbx_modification_feature.auth_asym_id 
_pdbx_modification_feature.auth_seq_id 
_pdbx_modification_feature.PDB_ins_code 
_pdbx_modification_feature.symmetry 
_pdbx_modification_feature.modified_residue_auth_comp_id 
_pdbx_modification_feature.modified_residue_auth_asym_id 
_pdbx_modification_feature.modified_residue_auth_seq_id 
_pdbx_modification_feature.modified_residue_PDB_ins_code 
_pdbx_modification_feature.modified_residue_symmetry 
_pdbx_modification_feature.comp_id_linking_atom 
_pdbx_modification_feature.modified_residue_id_linking_atom 
_pdbx_modification_feature.modified_residue_id 
_pdbx_modification_feature.ref_pcm_id 
_pdbx_modification_feature.ref_comp_id 
_pdbx_modification_feature.type 
_pdbx_modification_feature.category 
1 MSE A 4  A . . . . MSE A 1  ? 1_555 . . . . . . . MET 1 MSE Selenomethionine 'Named protein modification' 
2 MSE A 4  B . . . . MSE A 1  ? 1_555 . . . . . . . MET 1 MSE Selenomethionine 'Named protein modification' 
3 MSE A 25 A . . . . MSE A 22 ? 1_555 . . . . . . . MET 1 MSE Selenomethionine 'Named protein modification' 
4 MSE A 25 B . . . . MSE A 22 ? 1_555 . . . . . . . MET 1 MSE Selenomethionine 'Named protein modification' 
5 MSE A 50 ? . . . . MSE A 47 ? 1_555 . . . . . . . MET 1 MSE Selenomethionine 'Named protein modification' 
# 
_struct_sheet.id               A 
_struct_sheet.type             ? 
_struct_sheet.number_strands   5 
_struct_sheet.details          ? 
# 
loop_
_struct_sheet_order.sheet_id 
_struct_sheet_order.range_id_1 
_struct_sheet_order.range_id_2 
_struct_sheet_order.offset 
_struct_sheet_order.sense 
A 1 2 ? anti-parallel 
A 2 3 ? anti-parallel 
A 3 4 ? anti-parallel 
A 4 5 ? anti-parallel 
# 
loop_
_struct_sheet_range.sheet_id 
_struct_sheet_range.id 
_struct_sheet_range.beg_label_comp_id 
_struct_sheet_range.beg_label_asym_id 
_struct_sheet_range.beg_label_seq_id 
_struct_sheet_range.pdbx_beg_PDB_ins_code 
_struct_sheet_range.end_label_comp_id 
_struct_sheet_range.end_label_asym_id 
_struct_sheet_range.end_label_seq_id 
_struct_sheet_range.pdbx_end_PDB_ins_code 
_struct_sheet_range.beg_auth_comp_id 
_struct_sheet_range.beg_auth_asym_id 
_struct_sheet_range.beg_auth_seq_id 
_struct_sheet_range.end_auth_comp_id 
_struct_sheet_range.end_auth_asym_id 
_struct_sheet_range.end_auth_seq_id 
A 1 GLN A 7  ? PRO A 8  ? GLN A 4  PRO A 5  
A 2 ILE A 14 ? ASP A 20 ? ILE A 11 ASP A 17 
A 3 MSE A 25 ? PHE A 30 ? MSE A 22 PHE A 27 
A 4 GLY A 34 ? LEU A 39 ? GLY A 31 LEU A 36 
A 5 CYS A 69 ? ILE A 72 ? CYS A 66 ILE A 69 
# 
loop_
_pdbx_struct_sheet_hbond.sheet_id 
_pdbx_struct_sheet_hbond.range_id_1 
_pdbx_struct_sheet_hbond.range_id_2 
_pdbx_struct_sheet_hbond.range_1_label_atom_id 
_pdbx_struct_sheet_hbond.range_1_label_comp_id 
_pdbx_struct_sheet_hbond.range_1_label_asym_id 
_pdbx_struct_sheet_hbond.range_1_label_seq_id 
_pdbx_struct_sheet_hbond.range_1_PDB_ins_code 
_pdbx_struct_sheet_hbond.range_1_auth_atom_id 
_pdbx_struct_sheet_hbond.range_1_auth_comp_id 
_pdbx_struct_sheet_hbond.range_1_auth_asym_id 
_pdbx_struct_sheet_hbond.range_1_auth_seq_id 
_pdbx_struct_sheet_hbond.range_2_label_atom_id 
_pdbx_struct_sheet_hbond.range_2_label_comp_id 
_pdbx_struct_sheet_hbond.range_2_label_asym_id 
_pdbx_struct_sheet_hbond.range_2_label_seq_id 
_pdbx_struct_sheet_hbond.range_2_PDB_ins_code 
_pdbx_struct_sheet_hbond.range_2_auth_atom_id 
_pdbx_struct_sheet_hbond.range_2_auth_comp_id 
_pdbx_struct_sheet_hbond.range_2_auth_asym_id 
_pdbx_struct_sheet_hbond.range_2_auth_seq_id 
A 1 2 N GLN A 7  ? N GLN A 4  O ILE A 17 ? O ILE A 14 
A 2 3 N LEU A 15 ? N LEU A 12 O GLN A 29 ? O GLN A 26 
A 3 4 N PHE A 30 ? N PHE A 27 O GLY A 34 ? O GLY A 31 
A 4 5 N GLN A 37 ? N GLN A 34 O ARG A 70 ? O ARG A 67 
# 
loop_
_struct_site.id 
_struct_site.pdbx_evidence_code 
_struct_site.pdbx_auth_asym_id 
_struct_site.pdbx_auth_comp_id 
_struct_site.pdbx_auth_seq_id 
_struct_site.pdbx_auth_ins_code 
_struct_site.pdbx_num_residues 
_struct_site.details 
AC1 Software A SO4 101 ? 9 'BINDING SITE FOR RESIDUE SO4 A 101' 
AC2 Software A GOL 102 ? 7 'BINDING SITE FOR RESIDUE GOL A 102' 
AC3 Software A GOL 103 ? 3 'BINDING SITE FOR RESIDUE GOL A 103' 
AC4 Software A GOL 104 ? 7 'BINDING SITE FOR RESIDUE GOL A 104' 
# 
loop_
_struct_site_gen.id 
_struct_site_gen.site_id 
_struct_site_gen.pdbx_num_res 
_struct_site_gen.label_comp_id 
_struct_site_gen.label_asym_id 
_struct_site_gen.label_seq_id 
_struct_site_gen.pdbx_auth_ins_code 
_struct_site_gen.auth_comp_id 
_struct_site_gen.auth_asym_id 
_struct_site_gen.auth_seq_id 
_struct_site_gen.label_atom_id 
_struct_site_gen.label_alt_id 
_struct_site_gen.symmetry 
_struct_site_gen.details 
1  AC1 9 SER A 11 ? SER A 8   . ? 1_555 ? 
2  AC1 9 SER A 12 ? SER A 9   . ? 1_555 ? 
3  AC1 9 SER A 54 ? SER A 51  . ? 1_555 ? 
4  AC1 9 LYS A 55 ? LYS A 52  . ? 1_555 ? 
5  AC1 9 GLY A 56 ? GLY A 53  . ? 1_555 ? 
6  AC1 9 GLY A 65 ? GLY A 62  . ? 8_455 ? 
7  AC1 9 HOH F .  ? HOH A 207 . ? 8_455 ? 
8  AC1 9 HOH F .  ? HOH A 208 . ? 1_555 ? 
9  AC1 9 HOH F .  ? HOH A 211 . ? 1_555 ? 
10 AC2 7 VAL A 9  ? VAL A 6   . ? 1_555 ? 
11 AC2 7 SER A 10 ? SER A 7   . ? 1_555 ? 
12 AC2 7 MSE A 50 ? MSE A 47  . ? 1_555 ? 
13 AC2 7 LYS A 55 ? LYS A 52  . ? 1_555 ? 
14 AC2 7 LYS A 64 ? LYS A 61  . ? 8_455 ? 
15 AC2 7 HOH F .  ? HOH A 242 . ? 1_555 ? 
16 AC2 7 HOH F .  ? HOH A 262 . ? 1_555 ? 
17 AC3 3 ARG A 57 ? ARG A 54  . ? 1_555 ? 
18 AC3 3 LYS A 71 ? LYS A 68  . ? 8_455 ? 
19 AC3 3 HOH F .  ? HOH A 236 . ? 1_555 ? 
20 AC4 7 ARG A 24 ? ARG A 21  . ? 1_555 ? 
21 AC4 7 PRO A 42 ? PRO A 39  . ? 1_555 ? 
22 AC4 7 GLU A 43 ? GLU A 40  . ? 1_555 ? 
23 AC4 7 LEU A 68 ? LEU A 65  . ? 3_655 ? 
24 AC4 7 HOH F .  ? HOH A 218 . ? 1_555 ? 
25 AC4 7 HOH F .  ? HOH A 259 . ? 1_555 ? 
26 AC4 7 HOH F .  ? HOH A 260 . ? 1_555 ? 
# 
_pdbx_entry_details.entry_id                   4RGI 
_pdbx_entry_details.compound_details           ? 
_pdbx_entry_details.source_details             ? 
_pdbx_entry_details.nonpolymer_details         ? 
_pdbx_entry_details.sequence_details           ? 
_pdbx_entry_details.has_ligand_of_interest     ? 
_pdbx_entry_details.has_protein_modification   Y 
# 
_pdbx_SG_project.id                    1 
_pdbx_SG_project.project_name          PSI:Biology 
_pdbx_SG_project.full_name_of_center   'Midwest Center for Structural Genomics' 
_pdbx_SG_project.initial_of_center     MCSG 
# 
loop_
_pdbx_struct_mod_residue.id 
_pdbx_struct_mod_residue.label_asym_id 
_pdbx_struct_mod_residue.label_comp_id 
_pdbx_struct_mod_residue.label_seq_id 
_pdbx_struct_mod_residue.auth_asym_id 
_pdbx_struct_mod_residue.auth_comp_id 
_pdbx_struct_mod_residue.auth_seq_id 
_pdbx_struct_mod_residue.PDB_ins_code 
_pdbx_struct_mod_residue.parent_comp_id 
_pdbx_struct_mod_residue.details 
1 A MSE 4  A MSE 1  ? MET SELENOMETHIONINE 
2 A MSE 25 A MSE 22 ? MET SELENOMETHIONINE 
3 A MSE 50 A MSE 47 ? MET SELENOMETHIONINE 
# 
loop_
_pdbx_struct_special_symmetry.id 
_pdbx_struct_special_symmetry.PDB_model_num 
_pdbx_struct_special_symmetry.auth_asym_id 
_pdbx_struct_special_symmetry.auth_comp_id 
_pdbx_struct_special_symmetry.auth_seq_id 
_pdbx_struct_special_symmetry.PDB_ins_code 
_pdbx_struct_special_symmetry.label_asym_id 
_pdbx_struct_special_symmetry.label_comp_id 
_pdbx_struct_special_symmetry.label_seq_id 
1 1 A HOH 222 ? F HOH . 
2 1 A HOH 244 ? F HOH . 
3 1 A HOH 257 ? F HOH . 
4 1 A HOH 261 ? F HOH . 
# 
loop_
_pdbx_refine_tls.pdbx_refine_id 
_pdbx_refine_tls.id 
_pdbx_refine_tls.details 
_pdbx_refine_tls.method 
_pdbx_refine_tls.origin_x 
_pdbx_refine_tls.origin_y 
_pdbx_refine_tls.origin_z 
_pdbx_refine_tls.T[1][1] 
_pdbx_refine_tls.T[2][2] 
_pdbx_refine_tls.T[3][3] 
_pdbx_refine_tls.T[1][2] 
_pdbx_refine_tls.T[1][3] 
_pdbx_refine_tls.T[2][3] 
_pdbx_refine_tls.L[1][1] 
_pdbx_refine_tls.L[2][2] 
_pdbx_refine_tls.L[3][3] 
_pdbx_refine_tls.L[1][2] 
_pdbx_refine_tls.L[1][3] 
_pdbx_refine_tls.L[2][3] 
_pdbx_refine_tls.S[1][1] 
_pdbx_refine_tls.S[1][2] 
_pdbx_refine_tls.S[1][3] 
_pdbx_refine_tls.S[2][1] 
_pdbx_refine_tls.S[2][2] 
_pdbx_refine_tls.S[2][3] 
_pdbx_refine_tls.S[3][1] 
_pdbx_refine_tls.S[3][2] 
_pdbx_refine_tls.S[3][3] 
'X-RAY DIFFRACTION' 1 ? refined -2.1079 0.2667  -6.4560 0.1901 0.3507 0.1982 -0.0730 -0.0105 0.0564  3.7140 2.8599 2.1056 1.5980  -0.7161 -0.3987 -0.3583 0.1523  0.4449  -0.5246 0.2317  -0.1660 -0.0408 0.2925  0.1689  
'X-RAY DIFFRACTION' 2 ? refined 4.1311  1.1240  -2.4760 0.1103 0.1604 0.1085 -0.0333 0.0081  0.0239  5.2159 3.0930 2.3560 -0.7144 1.1851  0.4303  -0.1257 0.5202  0.6198  -0.3345 0.2084  -0.3222 -0.1364 0.3670  0.0946  
'X-RAY DIFFRACTION' 3 ? refined 0.5400  -1.1244 0.7507  0.0898 0.1184 0.1029 0.0066  0.0046  -0.0044 1.3022 3.1243 1.6606 0.8685  0.6900  -0.3753 -0.0605 0.1016  -0.0442 -0.1412 0.1408  0.0589  -0.0203 0.0569  -0.0829 
'X-RAY DIFFRACTION' 4 ? refined -1.8590 0.4251  5.5146  0.1040 0.1185 0.1098 -0.0055 0.0182  -0.0156 1.8269 2.7050 1.6048 0.5299  0.3965  0.3900  0.0875  -0.0619 0.1477  0.2023  -0.0254 0.1779  -0.0419 -0.0571 -0.0435 
# 
loop_
_pdbx_refine_tls_group.pdbx_refine_id 
_pdbx_refine_tls_group.id 
_pdbx_refine_tls_group.refine_tls_id 
_pdbx_refine_tls_group.beg_auth_asym_id 
_pdbx_refine_tls_group.beg_auth_seq_id 
_pdbx_refine_tls_group.beg_label_asym_id 
_pdbx_refine_tls_group.beg_label_seq_id 
_pdbx_refine_tls_group.end_auth_asym_id 
_pdbx_refine_tls_group.end_auth_seq_id 
_pdbx_refine_tls_group.end_label_asym_id 
_pdbx_refine_tls_group.end_label_seq_id 
_pdbx_refine_tls_group.selection 
_pdbx_refine_tls_group.selection_details 
'X-RAY DIFFRACTION' 1 1 ? ? ? ? ? ? ? ? ? 
;chain 'A' and (resid 0 through 10 )
;
'X-RAY DIFFRACTION' 2 2 ? ? ? ? ? ? ? ? ? 
;chain 'A' and (resid 11 through 27 )
;
'X-RAY DIFFRACTION' 3 3 ? ? ? ? ? ? ? ? ? 
;chain 'A' and (resid 28 through 48 )
;
'X-RAY DIFFRACTION' 4 4 ? ? ? ? ? ? ? ? ? 
;chain 'A' and (resid 49 through 70 )
;
# 
loop_
_pdbx_unobs_or_zero_occ_residues.id 
_pdbx_unobs_or_zero_occ_residues.PDB_model_num 
_pdbx_unobs_or_zero_occ_residues.polymer_flag 
_pdbx_unobs_or_zero_occ_residues.occupancy_flag 
_pdbx_unobs_or_zero_occ_residues.auth_asym_id 
_pdbx_unobs_or_zero_occ_residues.auth_comp_id 
_pdbx_unobs_or_zero_occ_residues.auth_seq_id 
_pdbx_unobs_or_zero_occ_residues.PDB_ins_code 
_pdbx_unobs_or_zero_occ_residues.label_asym_id 
_pdbx_unobs_or_zero_occ_residues.label_comp_id 
_pdbx_unobs_or_zero_occ_residues.label_seq_id 
1 1 Y 1 A SER -2 ? A SER 1 
2 1 Y 1 A ASN -1 ? A ASN 2 
# 
loop_
_chem_comp_atom.comp_id 
_chem_comp_atom.atom_id 
_chem_comp_atom.type_symbol 
_chem_comp_atom.pdbx_aromatic_flag 
_chem_comp_atom.pdbx_stereo_config 
_chem_comp_atom.pdbx_ordinal 
ALA N    N  N N 1   
ALA CA   C  N S 2   
ALA C    C  N N 3   
ALA O    O  N N 4   
ALA CB   C  N N 5   
ALA OXT  O  N N 6   
ALA H    H  N N 7   
ALA H2   H  N N 8   
ALA HA   H  N N 9   
ALA HB1  H  N N 10  
ALA HB2  H  N N 11  
ALA HB3  H  N N 12  
ALA HXT  H  N N 13  
ARG N    N  N N 14  
ARG CA   C  N S 15  
ARG C    C  N N 16  
ARG O    O  N N 17  
ARG CB   C  N N 18  
ARG CG   C  N N 19  
ARG CD   C  N N 20  
ARG NE   N  N N 21  
ARG CZ   C  N N 22  
ARG NH1  N  N N 23  
ARG NH2  N  N N 24  
ARG OXT  O  N N 25  
ARG H    H  N N 26  
ARG H2   H  N N 27  
ARG HA   H  N N 28  
ARG HB2  H  N N 29  
ARG HB3  H  N N 30  
ARG HG2  H  N N 31  
ARG HG3  H  N N 32  
ARG HD2  H  N N 33  
ARG HD3  H  N N 34  
ARG HE   H  N N 35  
ARG HH11 H  N N 36  
ARG HH12 H  N N 37  
ARG HH21 H  N N 38  
ARG HH22 H  N N 39  
ARG HXT  H  N N 40  
ASN N    N  N N 41  
ASN CA   C  N S 42  
ASN C    C  N N 43  
ASN O    O  N N 44  
ASN CB   C  N N 45  
ASN CG   C  N N 46  
ASN OD1  O  N N 47  
ASN ND2  N  N N 48  
ASN OXT  O  N N 49  
ASN H    H  N N 50  
ASN H2   H  N N 51  
ASN HA   H  N N 52  
ASN HB2  H  N N 53  
ASN HB3  H  N N 54  
ASN HD21 H  N N 55  
ASN HD22 H  N N 56  
ASN HXT  H  N N 57  
ASP N    N  N N 58  
ASP CA   C  N S 59  
ASP C    C  N N 60  
ASP O    O  N N 61  
ASP CB   C  N N 62  
ASP CG   C  N N 63  
ASP OD1  O  N N 64  
ASP OD2  O  N N 65  
ASP OXT  O  N N 66  
ASP H    H  N N 67  
ASP H2   H  N N 68  
ASP HA   H  N N 69  
ASP HB2  H  N N 70  
ASP HB3  H  N N 71  
ASP HD2  H  N N 72  
ASP HXT  H  N N 73  
CYS N    N  N N 74  
CYS CA   C  N R 75  
CYS C    C  N N 76  
CYS O    O  N N 77  
CYS CB   C  N N 78  
CYS SG   S  N N 79  
CYS OXT  O  N N 80  
CYS H    H  N N 81  
CYS H2   H  N N 82  
CYS HA   H  N N 83  
CYS HB2  H  N N 84  
CYS HB3  H  N N 85  
CYS HG   H  N N 86  
CYS HXT  H  N N 87  
GLN N    N  N N 88  
GLN CA   C  N S 89  
GLN C    C  N N 90  
GLN O    O  N N 91  
GLN CB   C  N N 92  
GLN CG   C  N N 93  
GLN CD   C  N N 94  
GLN OE1  O  N N 95  
GLN NE2  N  N N 96  
GLN OXT  O  N N 97  
GLN H    H  N N 98  
GLN H2   H  N N 99  
GLN HA   H  N N 100 
GLN HB2  H  N N 101 
GLN HB3  H  N N 102 
GLN HG2  H  N N 103 
GLN HG3  H  N N 104 
GLN HE21 H  N N 105 
GLN HE22 H  N N 106 
GLN HXT  H  N N 107 
GLU N    N  N N 108 
GLU CA   C  N S 109 
GLU C    C  N N 110 
GLU O    O  N N 111 
GLU CB   C  N N 112 
GLU CG   C  N N 113 
GLU CD   C  N N 114 
GLU OE1  O  N N 115 
GLU OE2  O  N N 116 
GLU OXT  O  N N 117 
GLU H    H  N N 118 
GLU H2   H  N N 119 
GLU HA   H  N N 120 
GLU HB2  H  N N 121 
GLU HB3  H  N N 122 
GLU HG2  H  N N 123 
GLU HG3  H  N N 124 
GLU HE2  H  N N 125 
GLU HXT  H  N N 126 
GLY N    N  N N 127 
GLY CA   C  N N 128 
GLY C    C  N N 129 
GLY O    O  N N 130 
GLY OXT  O  N N 131 
GLY H    H  N N 132 
GLY H2   H  N N 133 
GLY HA2  H  N N 134 
GLY HA3  H  N N 135 
GLY HXT  H  N N 136 
GOL C1   C  N N 137 
GOL O1   O  N N 138 
GOL C2   C  N N 139 
GOL O2   O  N N 140 
GOL C3   C  N N 141 
GOL O3   O  N N 142 
GOL H11  H  N N 143 
GOL H12  H  N N 144 
GOL HO1  H  N N 145 
GOL H2   H  N N 146 
GOL HO2  H  N N 147 
GOL H31  H  N N 148 
GOL H32  H  N N 149 
GOL HO3  H  N N 150 
HIS N    N  N N 151 
HIS CA   C  N S 152 
HIS C    C  N N 153 
HIS O    O  N N 154 
HIS CB   C  N N 155 
HIS CG   C  Y N 156 
HIS ND1  N  Y N 157 
HIS CD2  C  Y N 158 
HIS CE1  C  Y N 159 
HIS NE2  N  Y N 160 
HIS OXT  O  N N 161 
HIS H    H  N N 162 
HIS H2   H  N N 163 
HIS HA   H  N N 164 
HIS HB2  H  N N 165 
HIS HB3  H  N N 166 
HIS HD1  H  N N 167 
HIS HD2  H  N N 168 
HIS HE1  H  N N 169 
HIS HE2  H  N N 170 
HIS HXT  H  N N 171 
HOH O    O  N N 172 
HOH H1   H  N N 173 
HOH H2   H  N N 174 
ILE N    N  N N 175 
ILE CA   C  N S 176 
ILE C    C  N N 177 
ILE O    O  N N 178 
ILE CB   C  N S 179 
ILE CG1  C  N N 180 
ILE CG2  C  N N 181 
ILE CD1  C  N N 182 
ILE OXT  O  N N 183 
ILE H    H  N N 184 
ILE H2   H  N N 185 
ILE HA   H  N N 186 
ILE HB   H  N N 187 
ILE HG12 H  N N 188 
ILE HG13 H  N N 189 
ILE HG21 H  N N 190 
ILE HG22 H  N N 191 
ILE HG23 H  N N 192 
ILE HD11 H  N N 193 
ILE HD12 H  N N 194 
ILE HD13 H  N N 195 
ILE HXT  H  N N 196 
LEU N    N  N N 197 
LEU CA   C  N S 198 
LEU C    C  N N 199 
LEU O    O  N N 200 
LEU CB   C  N N 201 
LEU CG   C  N N 202 
LEU CD1  C  N N 203 
LEU CD2  C  N N 204 
LEU OXT  O  N N 205 
LEU H    H  N N 206 
LEU H2   H  N N 207 
LEU HA   H  N N 208 
LEU HB2  H  N N 209 
LEU HB3  H  N N 210 
LEU HG   H  N N 211 
LEU HD11 H  N N 212 
LEU HD12 H  N N 213 
LEU HD13 H  N N 214 
LEU HD21 H  N N 215 
LEU HD22 H  N N 216 
LEU HD23 H  N N 217 
LEU HXT  H  N N 218 
LYS N    N  N N 219 
LYS CA   C  N S 220 
LYS C    C  N N 221 
LYS O    O  N N 222 
LYS CB   C  N N 223 
LYS CG   C  N N 224 
LYS CD   C  N N 225 
LYS CE   C  N N 226 
LYS NZ   N  N N 227 
LYS OXT  O  N N 228 
LYS H    H  N N 229 
LYS H2   H  N N 230 
LYS HA   H  N N 231 
LYS HB2  H  N N 232 
LYS HB3  H  N N 233 
LYS HG2  H  N N 234 
LYS HG3  H  N N 235 
LYS HD2  H  N N 236 
LYS HD3  H  N N 237 
LYS HE2  H  N N 238 
LYS HE3  H  N N 239 
LYS HZ1  H  N N 240 
LYS HZ2  H  N N 241 
LYS HZ3  H  N N 242 
LYS HXT  H  N N 243 
MSE N    N  N N 244 
MSE CA   C  N S 245 
MSE C    C  N N 246 
MSE O    O  N N 247 
MSE OXT  O  N N 248 
MSE CB   C  N N 249 
MSE CG   C  N N 250 
MSE SE   SE N N 251 
MSE CE   C  N N 252 
MSE H    H  N N 253 
MSE H2   H  N N 254 
MSE HA   H  N N 255 
MSE HXT  H  N N 256 
MSE HB2  H  N N 257 
MSE HB3  H  N N 258 
MSE HG2  H  N N 259 
MSE HG3  H  N N 260 
MSE HE1  H  N N 261 
MSE HE2  H  N N 262 
MSE HE3  H  N N 263 
PHE N    N  N N 264 
PHE CA   C  N S 265 
PHE C    C  N N 266 
PHE O    O  N N 267 
PHE CB   C  N N 268 
PHE CG   C  Y N 269 
PHE CD1  C  Y N 270 
PHE CD2  C  Y N 271 
PHE CE1  C  Y N 272 
PHE CE2  C  Y N 273 
PHE CZ   C  Y N 274 
PHE OXT  O  N N 275 
PHE H    H  N N 276 
PHE H2   H  N N 277 
PHE HA   H  N N 278 
PHE HB2  H  N N 279 
PHE HB3  H  N N 280 
PHE HD1  H  N N 281 
PHE HD2  H  N N 282 
PHE HE1  H  N N 283 
PHE HE2  H  N N 284 
PHE HZ   H  N N 285 
PHE HXT  H  N N 286 
PRO N    N  N N 287 
PRO CA   C  N S 288 
PRO C    C  N N 289 
PRO O    O  N N 290 
PRO CB   C  N N 291 
PRO CG   C  N N 292 
PRO CD   C  N N 293 
PRO OXT  O  N N 294 
PRO H    H  N N 295 
PRO HA   H  N N 296 
PRO HB2  H  N N 297 
PRO HB3  H  N N 298 
PRO HG2  H  N N 299 
PRO HG3  H  N N 300 
PRO HD2  H  N N 301 
PRO HD3  H  N N 302 
PRO HXT  H  N N 303 
SER N    N  N N 304 
SER CA   C  N S 305 
SER C    C  N N 306 
SER O    O  N N 307 
SER CB   C  N N 308 
SER OG   O  N N 309 
SER OXT  O  N N 310 
SER H    H  N N 311 
SER H2   H  N N 312 
SER HA   H  N N 313 
SER HB2  H  N N 314 
SER HB3  H  N N 315 
SER HG   H  N N 316 
SER HXT  H  N N 317 
SO4 S    S  N N 318 
SO4 O1   O  N N 319 
SO4 O2   O  N N 320 
SO4 O3   O  N N 321 
SO4 O4   O  N N 322 
THR N    N  N N 323 
THR CA   C  N S 324 
THR C    C  N N 325 
THR O    O  N N 326 
THR CB   C  N R 327 
THR OG1  O  N N 328 
THR CG2  C  N N 329 
THR OXT  O  N N 330 
THR H    H  N N 331 
THR H2   H  N N 332 
THR HA   H  N N 333 
THR HB   H  N N 334 
THR HG1  H  N N 335 
THR HG21 H  N N 336 
THR HG22 H  N N 337 
THR HG23 H  N N 338 
THR HXT  H  N N 339 
TYR N    N  N N 340 
TYR CA   C  N S 341 
TYR C    C  N N 342 
TYR O    O  N N 343 
TYR CB   C  N N 344 
TYR CG   C  Y N 345 
TYR CD1  C  Y N 346 
TYR CD2  C  Y N 347 
TYR CE1  C  Y N 348 
TYR CE2  C  Y N 349 
TYR CZ   C  Y N 350 
TYR OH   O  N N 351 
TYR OXT  O  N N 352 
TYR H    H  N N 353 
TYR H2   H  N N 354 
TYR HA   H  N N 355 
TYR HB2  H  N N 356 
TYR HB3  H  N N 357 
TYR HD1  H  N N 358 
TYR HD2  H  N N 359 
TYR HE1  H  N N 360 
TYR HE2  H  N N 361 
TYR HH   H  N N 362 
TYR HXT  H  N N 363 
VAL N    N  N N 364 
VAL CA   C  N S 365 
VAL C    C  N N 366 
VAL O    O  N N 367 
VAL CB   C  N N 368 
VAL CG1  C  N N 369 
VAL CG2  C  N N 370 
VAL OXT  O  N N 371 
VAL H    H  N N 372 
VAL H2   H  N N 373 
VAL HA   H  N N 374 
VAL HB   H  N N 375 
VAL HG11 H  N N 376 
VAL HG12 H  N N 377 
VAL HG13 H  N N 378 
VAL HG21 H  N N 379 
VAL HG22 H  N N 380 
VAL HG23 H  N N 381 
VAL HXT  H  N N 382 
# 
loop_
_chem_comp_bond.comp_id 
_chem_comp_bond.atom_id_1 
_chem_comp_bond.atom_id_2 
_chem_comp_bond.value_order 
_chem_comp_bond.pdbx_aromatic_flag 
_chem_comp_bond.pdbx_stereo_config 
_chem_comp_bond.pdbx_ordinal 
ALA N   CA   sing N N 1   
ALA N   H    sing N N 2   
ALA N   H2   sing N N 3   
ALA CA  C    sing N N 4   
ALA CA  CB   sing N N 5   
ALA CA  HA   sing N N 6   
ALA C   O    doub N N 7   
ALA C   OXT  sing N N 8   
ALA CB  HB1  sing N N 9   
ALA CB  HB2  sing N N 10  
ALA CB  HB3  sing N N 11  
ALA OXT HXT  sing N N 12  
ARG N   CA   sing N N 13  
ARG N   H    sing N N 14  
ARG N   H2   sing N N 15  
ARG CA  C    sing N N 16  
ARG CA  CB   sing N N 17  
ARG CA  HA   sing N N 18  
ARG C   O    doub N N 19  
ARG C   OXT  sing N N 20  
ARG CB  CG   sing N N 21  
ARG CB  HB2  sing N N 22  
ARG CB  HB3  sing N N 23  
ARG CG  CD   sing N N 24  
ARG CG  HG2  sing N N 25  
ARG CG  HG3  sing N N 26  
ARG CD  NE   sing N N 27  
ARG CD  HD2  sing N N 28  
ARG CD  HD3  sing N N 29  
ARG NE  CZ   sing N N 30  
ARG NE  HE   sing N N 31  
ARG CZ  NH1  sing N N 32  
ARG CZ  NH2  doub N N 33  
ARG NH1 HH11 sing N N 34  
ARG NH1 HH12 sing N N 35  
ARG NH2 HH21 sing N N 36  
ARG NH2 HH22 sing N N 37  
ARG OXT HXT  sing N N 38  
ASN N   CA   sing N N 39  
ASN N   H    sing N N 40  
ASN N   H2   sing N N 41  
ASN CA  C    sing N N 42  
ASN CA  CB   sing N N 43  
ASN CA  HA   sing N N 44  
ASN C   O    doub N N 45  
ASN C   OXT  sing N N 46  
ASN CB  CG   sing N N 47  
ASN CB  HB2  sing N N 48  
ASN CB  HB3  sing N N 49  
ASN CG  OD1  doub N N 50  
ASN CG  ND2  sing N N 51  
ASN ND2 HD21 sing N N 52  
ASN ND2 HD22 sing N N 53  
ASN OXT HXT  sing N N 54  
ASP N   CA   sing N N 55  
ASP N   H    sing N N 56  
ASP N   H2   sing N N 57  
ASP CA  C    sing N N 58  
ASP CA  CB   sing N N 59  
ASP CA  HA   sing N N 60  
ASP C   O    doub N N 61  
ASP C   OXT  sing N N 62  
ASP CB  CG   sing N N 63  
ASP CB  HB2  sing N N 64  
ASP CB  HB3  sing N N 65  
ASP CG  OD1  doub N N 66  
ASP CG  OD2  sing N N 67  
ASP OD2 HD2  sing N N 68  
ASP OXT HXT  sing N N 69  
CYS N   CA   sing N N 70  
CYS N   H    sing N N 71  
CYS N   H2   sing N N 72  
CYS CA  C    sing N N 73  
CYS CA  CB   sing N N 74  
CYS CA  HA   sing N N 75  
CYS C   O    doub N N 76  
CYS C   OXT  sing N N 77  
CYS CB  SG   sing N N 78  
CYS CB  HB2  sing N N 79  
CYS CB  HB3  sing N N 80  
CYS SG  HG   sing N N 81  
CYS OXT HXT  sing N N 82  
GLN N   CA   sing N N 83  
GLN N   H    sing N N 84  
GLN N   H2   sing N N 85  
GLN CA  C    sing N N 86  
GLN CA  CB   sing N N 87  
GLN CA  HA   sing N N 88  
GLN C   O    doub N N 89  
GLN C   OXT  sing N N 90  
GLN CB  CG   sing N N 91  
GLN CB  HB2  sing N N 92  
GLN CB  HB3  sing N N 93  
GLN CG  CD   sing N N 94  
GLN CG  HG2  sing N N 95  
GLN CG  HG3  sing N N 96  
GLN CD  OE1  doub N N 97  
GLN CD  NE2  sing N N 98  
GLN NE2 HE21 sing N N 99  
GLN NE2 HE22 sing N N 100 
GLN OXT HXT  sing N N 101 
GLU N   CA   sing N N 102 
GLU N   H    sing N N 103 
GLU N   H2   sing N N 104 
GLU CA  C    sing N N 105 
GLU CA  CB   sing N N 106 
GLU CA  HA   sing N N 107 
GLU C   O    doub N N 108 
GLU C   OXT  sing N N 109 
GLU CB  CG   sing N N 110 
GLU CB  HB2  sing N N 111 
GLU CB  HB3  sing N N 112 
GLU CG  CD   sing N N 113 
GLU CG  HG2  sing N N 114 
GLU CG  HG3  sing N N 115 
GLU CD  OE1  doub N N 116 
GLU CD  OE2  sing N N 117 
GLU OE2 HE2  sing N N 118 
GLU OXT HXT  sing N N 119 
GLY N   CA   sing N N 120 
GLY N   H    sing N N 121 
GLY N   H2   sing N N 122 
GLY CA  C    sing N N 123 
GLY CA  HA2  sing N N 124 
GLY CA  HA3  sing N N 125 
GLY C   O    doub N N 126 
GLY C   OXT  sing N N 127 
GLY OXT HXT  sing N N 128 
GOL C1  O1   sing N N 129 
GOL C1  C2   sing N N 130 
GOL C1  H11  sing N N 131 
GOL C1  H12  sing N N 132 
GOL O1  HO1  sing N N 133 
GOL C2  O2   sing N N 134 
GOL C2  C3   sing N N 135 
GOL C2  H2   sing N N 136 
GOL O2  HO2  sing N N 137 
GOL C3  O3   sing N N 138 
GOL C3  H31  sing N N 139 
GOL C3  H32  sing N N 140 
GOL O3  HO3  sing N N 141 
HIS N   CA   sing N N 142 
HIS N   H    sing N N 143 
HIS N   H2   sing N N 144 
HIS CA  C    sing N N 145 
HIS CA  CB   sing N N 146 
HIS CA  HA   sing N N 147 
HIS C   O    doub N N 148 
HIS C   OXT  sing N N 149 
HIS CB  CG   sing N N 150 
HIS CB  HB2  sing N N 151 
HIS CB  HB3  sing N N 152 
HIS CG  ND1  sing Y N 153 
HIS CG  CD2  doub Y N 154 
HIS ND1 CE1  doub Y N 155 
HIS ND1 HD1  sing N N 156 
HIS CD2 NE2  sing Y N 157 
HIS CD2 HD2  sing N N 158 
HIS CE1 NE2  sing Y N 159 
HIS CE1 HE1  sing N N 160 
HIS NE2 HE2  sing N N 161 
HIS OXT HXT  sing N N 162 
HOH O   H1   sing N N 163 
HOH O   H2   sing N N 164 
ILE N   CA   sing N N 165 
ILE N   H    sing N N 166 
ILE N   H2   sing N N 167 
ILE CA  C    sing N N 168 
ILE CA  CB   sing N N 169 
ILE CA  HA   sing N N 170 
ILE C   O    doub N N 171 
ILE C   OXT  sing N N 172 
ILE CB  CG1  sing N N 173 
ILE CB  CG2  sing N N 174 
ILE CB  HB   sing N N 175 
ILE CG1 CD1  sing N N 176 
ILE CG1 HG12 sing N N 177 
ILE CG1 HG13 sing N N 178 
ILE CG2 HG21 sing N N 179 
ILE CG2 HG22 sing N N 180 
ILE CG2 HG23 sing N N 181 
ILE CD1 HD11 sing N N 182 
ILE CD1 HD12 sing N N 183 
ILE CD1 HD13 sing N N 184 
ILE OXT HXT  sing N N 185 
LEU N   CA   sing N N 186 
LEU N   H    sing N N 187 
LEU N   H2   sing N N 188 
LEU CA  C    sing N N 189 
LEU CA  CB   sing N N 190 
LEU CA  HA   sing N N 191 
LEU C   O    doub N N 192 
LEU C   OXT  sing N N 193 
LEU CB  CG   sing N N 194 
LEU CB  HB2  sing N N 195 
LEU CB  HB3  sing N N 196 
LEU CG  CD1  sing N N 197 
LEU CG  CD2  sing N N 198 
LEU CG  HG   sing N N 199 
LEU CD1 HD11 sing N N 200 
LEU CD1 HD12 sing N N 201 
LEU CD1 HD13 sing N N 202 
LEU CD2 HD21 sing N N 203 
LEU CD2 HD22 sing N N 204 
LEU CD2 HD23 sing N N 205 
LEU OXT HXT  sing N N 206 
LYS N   CA   sing N N 207 
LYS N   H    sing N N 208 
LYS N   H2   sing N N 209 
LYS CA  C    sing N N 210 
LYS CA  CB   sing N N 211 
LYS CA  HA   sing N N 212 
LYS C   O    doub N N 213 
LYS C   OXT  sing N N 214 
LYS CB  CG   sing N N 215 
LYS CB  HB2  sing N N 216 
LYS CB  HB3  sing N N 217 
LYS CG  CD   sing N N 218 
LYS CG  HG2  sing N N 219 
LYS CG  HG3  sing N N 220 
LYS CD  CE   sing N N 221 
LYS CD  HD2  sing N N 222 
LYS CD  HD3  sing N N 223 
LYS CE  NZ   sing N N 224 
LYS CE  HE2  sing N N 225 
LYS CE  HE3  sing N N 226 
LYS NZ  HZ1  sing N N 227 
LYS NZ  HZ2  sing N N 228 
LYS NZ  HZ3  sing N N 229 
LYS OXT HXT  sing N N 230 
MSE N   CA   sing N N 231 
MSE N   H    sing N N 232 
MSE N   H2   sing N N 233 
MSE CA  C    sing N N 234 
MSE CA  CB   sing N N 235 
MSE CA  HA   sing N N 236 
MSE C   O    doub N N 237 
MSE C   OXT  sing N N 238 
MSE OXT HXT  sing N N 239 
MSE CB  CG   sing N N 240 
MSE CB  HB2  sing N N 241 
MSE CB  HB3  sing N N 242 
MSE CG  SE   sing N N 243 
MSE CG  HG2  sing N N 244 
MSE CG  HG3  sing N N 245 
MSE SE  CE   sing N N 246 
MSE CE  HE1  sing N N 247 
MSE CE  HE2  sing N N 248 
MSE CE  HE3  sing N N 249 
PHE N   CA   sing N N 250 
PHE N   H    sing N N 251 
PHE N   H2   sing N N 252 
PHE CA  C    sing N N 253 
PHE CA  CB   sing N N 254 
PHE CA  HA   sing N N 255 
PHE C   O    doub N N 256 
PHE C   OXT  sing N N 257 
PHE CB  CG   sing N N 258 
PHE CB  HB2  sing N N 259 
PHE CB  HB3  sing N N 260 
PHE CG  CD1  doub Y N 261 
PHE CG  CD2  sing Y N 262 
PHE CD1 CE1  sing Y N 263 
PHE CD1 HD1  sing N N 264 
PHE CD2 CE2  doub Y N 265 
PHE CD2 HD2  sing N N 266 
PHE CE1 CZ   doub Y N 267 
PHE CE1 HE1  sing N N 268 
PHE CE2 CZ   sing Y N 269 
PHE CE2 HE2  sing N N 270 
PHE CZ  HZ   sing N N 271 
PHE OXT HXT  sing N N 272 
PRO N   CA   sing N N 273 
PRO N   CD   sing N N 274 
PRO N   H    sing N N 275 
PRO CA  C    sing N N 276 
PRO CA  CB   sing N N 277 
PRO CA  HA   sing N N 278 
PRO C   O    doub N N 279 
PRO C   OXT  sing N N 280 
PRO CB  CG   sing N N 281 
PRO CB  HB2  sing N N 282 
PRO CB  HB3  sing N N 283 
PRO CG  CD   sing N N 284 
PRO CG  HG2  sing N N 285 
PRO CG  HG3  sing N N 286 
PRO CD  HD2  sing N N 287 
PRO CD  HD3  sing N N 288 
PRO OXT HXT  sing N N 289 
SER N   CA   sing N N 290 
SER N   H    sing N N 291 
SER N   H2   sing N N 292 
SER CA  C    sing N N 293 
SER CA  CB   sing N N 294 
SER CA  HA   sing N N 295 
SER C   O    doub N N 296 
SER C   OXT  sing N N 297 
SER CB  OG   sing N N 298 
SER CB  HB2  sing N N 299 
SER CB  HB3  sing N N 300 
SER OG  HG   sing N N 301 
SER OXT HXT  sing N N 302 
SO4 S   O1   doub N N 303 
SO4 S   O2   doub N N 304 
SO4 S   O3   sing N N 305 
SO4 S   O4   sing N N 306 
THR N   CA   sing N N 307 
THR N   H    sing N N 308 
THR N   H2   sing N N 309 
THR CA  C    sing N N 310 
THR CA  CB   sing N N 311 
THR CA  HA   sing N N 312 
THR C   O    doub N N 313 
THR C   OXT  sing N N 314 
THR CB  OG1  sing N N 315 
THR CB  CG2  sing N N 316 
THR CB  HB   sing N N 317 
THR OG1 HG1  sing N N 318 
THR CG2 HG21 sing N N 319 
THR CG2 HG22 sing N N 320 
THR CG2 HG23 sing N N 321 
THR OXT HXT  sing N N 322 
TYR N   CA   sing N N 323 
TYR N   H    sing N N 324 
TYR N   H2   sing N N 325 
TYR CA  C    sing N N 326 
TYR CA  CB   sing N N 327 
TYR CA  HA   sing N N 328 
TYR C   O    doub N N 329 
TYR C   OXT  sing N N 330 
TYR CB  CG   sing N N 331 
TYR CB  HB2  sing N N 332 
TYR CB  HB3  sing N N 333 
TYR CG  CD1  doub Y N 334 
TYR CG  CD2  sing Y N 335 
TYR CD1 CE1  sing Y N 336 
TYR CD1 HD1  sing N N 337 
TYR CD2 CE2  doub Y N 338 
TYR CD2 HD2  sing N N 339 
TYR CE1 CZ   doub Y N 340 
TYR CE1 HE1  sing N N 341 
TYR CE2 CZ   sing Y N 342 
TYR CE2 HE2  sing N N 343 
TYR CZ  OH   sing N N 344 
TYR OH  HH   sing N N 345 
TYR OXT HXT  sing N N 346 
VAL N   CA   sing N N 347 
VAL N   H    sing N N 348 
VAL N   H2   sing N N 349 
VAL CA  C    sing N N 350 
VAL CA  CB   sing N N 351 
VAL CA  HA   sing N N 352 
VAL C   O    doub N N 353 
VAL C   OXT  sing N N 354 
VAL CB  CG1  sing N N 355 
VAL CB  CG2  sing N N 356 
VAL CB  HB   sing N N 357 
VAL CG1 HG11 sing N N 358 
VAL CG1 HG12 sing N N 359 
VAL CG1 HG13 sing N N 360 
VAL CG2 HG21 sing N N 361 
VAL CG2 HG22 sing N N 362 
VAL CG2 HG23 sing N N 363 
VAL OXT HXT  sing N N 364 
# 
_atom_sites.entry_id                    4RGI 
_atom_sites.fract_transf_matrix[1][1]   0.00899704 
_atom_sites.fract_transf_matrix[1][2]   0.01959914 
_atom_sites.fract_transf_matrix[1][3]   0.01488017 
_atom_sites.fract_transf_matrix[2][1]   -0.00654743 
_atom_sites.fract_transf_matrix[2][2]   -0.00550662 
_atom_sites.fract_transf_matrix[2][3]   0.01121173 
_atom_sites.fract_transf_matrix[3][1]   0.01461892 
_atom_sites.fract_transf_matrix[3][2]   -0.00960927 
_atom_sites.fract_transf_matrix[3][3]   0.00381759 
_atom_sites.fract_transf_vector[1]      0.265066 
_atom_sites.fract_transf_vector[2]      0.151217 
_atom_sites.fract_transf_vector[3]      0.080387 
# 
loop_
_atom_type.symbol 
C  
N  
O  
S  
SE 
# 
loop_
_atom_site.group_PDB 
_atom_site.id 
_atom_site.type_symbol 
_atom_site.label_atom_id 
_atom_site.label_alt_id 
_atom_site.label_comp_id 
_atom_site.label_asym_id 
_atom_site.label_entity_id 
_atom_site.label_seq_id 
_atom_site.pdbx_PDB_ins_code 
_atom_site.Cartn_x 
_atom_site.Cartn_y 
_atom_site.Cartn_z 
_atom_site.occupancy 
_atom_site.B_iso_or_equiv 
_atom_site.pdbx_formal_charge 
_atom_site.auth_seq_id 
_atom_site.auth_comp_id 
_atom_site.auth_asym_id 
_atom_site.auth_atom_id 
_atom_site.pdbx_PDB_model_num 
ATOM   1   N  N   . ALA A 1 3  ? 11.765  2.079   -11.835 1.00 51.15 ? 0   ALA A N   1 
ATOM   2   C  CA  . ALA A 1 3  ? 11.025  2.626   -10.708 1.00 44.33 ? 0   ALA A CA  1 
ATOM   3   C  C   . ALA A 1 3  ? 9.838   1.734   -10.448 1.00 48.05 ? 0   ALA A C   1 
ATOM   4   O  O   . ALA A 1 3  ? 9.651   0.732   -11.136 1.00 64.07 ? 0   ALA A O   1 
ATOM   5   C  CB  . ALA A 1 3  ? 10.582  4.042   -10.983 1.00 39.41 ? 0   ALA A CB  1 
HETATM 6   N  N   A MSE A 1 4  ? 9.030   2.101   -9.462  0.48 41.98 ? 1   MSE A N   1 
HETATM 7   N  N   B MSE A 1 4  ? 9.021   2.079   -9.460  0.52 41.79 ? 1   MSE A N   1 
HETATM 8   C  CA  A MSE A 1 4  ? 7.867   1.299   -9.115  0.48 42.58 ? 1   MSE A CA  1 
HETATM 9   C  CA  B MSE A 1 4  ? 7.886   1.221   -9.139  0.52 43.18 ? 1   MSE A CA  1 
HETATM 10  C  C   A MSE A 1 4  ? 6.607   1.854   -9.760  0.48 38.01 ? 1   MSE A C   1 
HETATM 11  C  C   B MSE A 1 4  ? 6.561   1.828   -9.583  0.52 38.01 ? 1   MSE A C   1 
HETATM 12  O  O   A MSE A 1 4  ? 6.481   3.059   -9.984  0.48 36.41 ? 1   MSE A O   1 
HETATM 13  O  O   B MSE A 1 4  ? 6.348   3.037   -9.499  0.52 37.57 ? 1   MSE A O   1 
HETATM 14  C  CB  A MSE A 1 4  ? 7.687   1.231   -7.601  0.48 42.92 ? 1   MSE A CB  1 
HETATM 15  C  CB  B MSE A 1 4  ? 7.853   0.904   -7.644  0.52 43.28 ? 1   MSE A CB  1 
HETATM 16  C  CG  A MSE A 1 4  ? 6.995   2.441   -7.013  0.48 45.26 ? 1   MSE A CG  1 
HETATM 17  C  CG  B MSE A 1 4  ? 7.800   2.099   -6.719  0.52 45.23 ? 1   MSE A CG  1 
HETATM 18  SE SE  A MSE A 1 4  ? 5.838   1.931   -5.531  0.40 34.88 ? 1   MSE A SE  1 
HETATM 19  SE SE  B MSE A 1 4  ? 6.352   1.847   -5.432  0.50 46.96 ? 1   MSE A SE  1 
HETATM 20  C  CE  A MSE A 1 4  ? 7.048   2.264   -4.045  0.48 26.34 ? 1   MSE A CE  1 
HETATM 21  C  CE  B MSE A 1 4  ? 4.905   2.336   -6.656  0.52 25.22 ? 1   MSE A CE  1 
ATOM   22  N  N   . GLN A 1 5  ? 5.678   0.962   -10.068 1.00 30.61 ? 2   GLN A N   1 
ATOM   23  C  CA  . GLN A 1 5  ? 4.391   1.380   -10.581 1.00 31.02 ? 2   GLN A CA  1 
ATOM   24  C  C   . GLN A 1 5  ? 3.276   0.731   -9.789  1.00 26.55 ? 2   GLN A C   1 
ATOM   25  O  O   . GLN A 1 5  ? 3.390   -0.424  -9.379  1.00 29.29 ? 2   GLN A O   1 
ATOM   26  C  CB  . GLN A 1 5  ? 4.260   1.034   -12.053 1.00 33.43 ? 2   GLN A CB  1 
ATOM   27  C  CG  . GLN A 1 5  ? 5.126   1.891   -12.954 1.00 42.00 ? 2   GLN A CG  1 
ATOM   28  C  CD  . GLN A 1 5  ? 4.909   1.545   -14.399 1.00 48.44 ? 2   GLN A CD  1 
ATOM   29  O  OE1 . GLN A 1 5  ? 3.795   1.677   -14.911 1.00 52.50 ? 2   GLN A OE1 1 
ATOM   30  N  NE2 . GLN A 1 5  ? 5.960   1.064   -15.066 1.00 39.30 ? 2   GLN A NE2 1 
ATOM   31  N  N   . ARG A 1 6  ? 2.200   1.478   -9.579  1.00 25.56 ? 3   ARG A N   1 
ATOM   32  C  CA  . ARG A 1 6  ? 1.091   0.968   -8.799  1.00 23.13 ? 3   ARG A CA  1 
ATOM   33  C  C   . ARG A 1 6  ? 0.168   0.120   -9.665  1.00 23.01 ? 3   ARG A C   1 
ATOM   34  O  O   . ARG A 1 6  ? -0.034  0.410   -10.851 1.00 32.34 ? 3   ARG A O   1 
ATOM   35  C  CB  . ARG A 1 6  ? 0.312   2.112   -8.145  1.00 22.70 ? 3   ARG A CB  1 
ATOM   36  C  CG  . ARG A 1 6  ? 1.149   3.001   -7.235  1.00 23.06 ? 3   ARG A CG  1 
ATOM   37  C  CD  . ARG A 1 6  ? 0.264   3.936   -6.442  1.00 22.71 ? 3   ARG A CD  1 
ATOM   38  N  NE  . ARG A 1 6  ? -0.600  4.733   -7.306  1.00 30.91 ? 3   ARG A NE  1 
ATOM   39  C  CZ  . ARG A 1 6  ? -0.330  5.974   -7.694  1.00 24.91 ? 3   ARG A CZ  1 
ATOM   40  N  NH1 . ARG A 1 6  ? 0.783   6.569   -7.288  1.00 25.69 ? 3   ARG A NH1 1 
ATOM   41  N  NH2 . ARG A 1 6  ? -1.180  6.620   -8.476  1.00 27.82 ? 3   ARG A NH2 1 
ATOM   42  N  N   . GLN A 1 7  ? -0.368  -0.937  -9.064  1.00 21.83 ? 4   GLN A N   1 
ATOM   43  C  CA  . GLN A 1 7  ? -1.346  -1.799  -9.713  1.00 21.71 ? 4   GLN A CA  1 
ATOM   44  C  C   . GLN A 1 7  ? -2.723  -1.403  -9.257  1.00 20.77 ? 4   GLN A C   1 
ATOM   45  O  O   . GLN A 1 7  ? -2.945  -1.251  -8.067  1.00 19.69 ? 4   GLN A O   1 
ATOM   46  C  CB  . GLN A 1 7  ? -1.119  -3.265  -9.364  1.00 21.86 ? 4   GLN A CB  1 
ATOM   47  C  CG  . GLN A 1 7  ? 0.261   -3.793  -9.621  1.00 35.32 ? 4   GLN A CG  1 
ATOM   48  C  CD  . GLN A 1 7  ? 0.374   -5.258  -9.242  1.00 61.03 ? 4   GLN A CD  1 
ATOM   49  O  OE1 . GLN A 1 7  ? 0.642   -5.600  -8.084  1.00 62.81 ? 4   GLN A OE1 1 
ATOM   50  N  NE2 . GLN A 1 7  ? 0.152   -6.137  -10.215 1.00 65.18 ? 4   GLN A NE2 1 
ATOM   51  N  N   . PRO A 1 8  ? -3.668  -1.241  -10.186 1.00 21.42 ? 5   PRO A N   1 
ATOM   52  C  CA  . PRO A 1 8  ? -5.033  -0.947  -9.727  1.00 20.73 ? 5   PRO A CA  1 
ATOM   53  C  C   . PRO A 1 8  ? -5.632  -2.115  -8.952  1.00 19.46 ? 5   PRO A C   1 
ATOM   54  O  O   . PRO A 1 8  ? -5.314  -3.256  -9.265  1.00 19.55 ? 5   PRO A O   1 
ATOM   55  C  CB  . PRO A 1 8  ? -5.799  -0.706  -11.028 1.00 26.07 ? 5   PRO A CB  1 
ATOM   56  C  CG  . PRO A 1 8  ? -4.737  -0.329  -12.018 1.00 32.29 ? 5   PRO A CG  1 
ATOM   57  C  CD  . PRO A 1 8  ? -3.531  -1.122  -11.645 1.00 23.13 ? 5   PRO A CD  1 
ATOM   58  N  N   . VAL A 1 9  ? -6.436  -1.822  -7.934  1.00 18.54 ? 6   VAL A N   1 
ATOM   59  C  CA  . VAL A 1 9  ? -7.141  -2.863  -7.174  1.00 17.52 ? 6   VAL A CA  1 
ATOM   60  C  C   . VAL A 1 9  ? -8.603  -2.478  -7.003  1.00 24.02 ? 6   VAL A C   1 
ATOM   61  O  O   . VAL A 1 9  ? -8.977  -1.324  -7.217  1.00 20.76 ? 6   VAL A O   1 
ATOM   62  C  CB  . VAL A 1 9  ? -6.514  -3.086  -5.771  1.00 16.56 ? 6   VAL A CB  1 
ATOM   63  C  CG1 . VAL A 1 9  ? -5.076  -3.548  -5.877  1.00 16.89 ? 6   VAL A CG1 1 
ATOM   64  C  CG2 . VAL A 1 9  ? -6.592  -1.822  -4.939  1.00 16.47 ? 6   VAL A CG2 1 
ATOM   65  N  N   A SER A 1 10 ? -9.436  -3.445  -6.620  0.51 18.03 ? 7   SER A N   1 
ATOM   66  N  N   B SER A 1 10 ? -9.425  -3.451  -6.607  0.49 17.77 ? 7   SER A N   1 
ATOM   67  C  CA  A SER A 1 10 ? -10.835 -3.151  -6.335  0.51 19.64 ? 7   SER A CA  1 
ATOM   68  C  CA  B SER A 1 10 ? -10.835 -3.206  -6.319  0.49 19.88 ? 7   SER A CA  1 
ATOM   69  C  C   A SER A 1 10 ? -11.030 -3.062  -4.831  0.51 19.51 ? 7   SER A C   1 
ATOM   70  C  C   B SER A 1 10 ? -11.030 -3.070  -4.815  0.49 19.52 ? 7   SER A C   1 
ATOM   71  O  O   A SER A 1 10 ? -10.766 -4.019  -4.102  0.51 20.76 ? 7   SER A O   1 
ATOM   72  O  O   B SER A 1 10 ? -10.772 -4.010  -4.067  0.49 20.62 ? 7   SER A O   1 
ATOM   73  C  CB  A SER A 1 10 ? -11.763 -4.212  -6.937  0.51 21.58 ? 7   SER A CB  1 
ATOM   74  C  CB  B SER A 1 10 ? -11.711 -4.341  -6.869  0.49 20.24 ? 7   SER A CB  1 
ATOM   75  O  OG  A SER A 1 10 ? -13.120 -3.899  -6.664  0.51 17.58 ? 7   SER A OG  1 
ATOM   76  O  OG  B SER A 1 10 ? -11.415 -4.615  -8.227  0.49 20.63 ? 7   SER A OG  1 
ATOM   77  N  N   . SER A 1 11 ? -11.479 -1.901  -4.374  1.00 17.98 ? 8   SER A N   1 
ATOM   78  C  CA  . SER A 1 11 ? -11.618 -1.631  -2.952  1.00 15.95 ? 8   SER A CA  1 
ATOM   79  C  C   . SER A 1 11 ? -12.468 -0.394  -2.766  1.00 19.74 ? 8   SER A C   1 
ATOM   80  O  O   . SER A 1 11 ? -12.400 0.526   -3.573  1.00 22.75 ? 8   SER A O   1 
ATOM   81  C  CB  . SER A 1 11 ? -10.243 -1.428  -2.289  1.00 15.57 ? 8   SER A CB  1 
ATOM   82  O  OG  . SER A 1 11 ? -10.395 -0.917  -0.978  1.00 18.25 ? 8   SER A OG  1 
ATOM   83  N  N   . SER A 1 12 ? -13.235 -0.352  -1.687  1.00 20.13 ? 9   SER A N   1 
ATOM   84  C  CA  . SER A 1 12 ? -14.050 0.820   -1.410  1.00 23.41 ? 9   SER A CA  1 
ATOM   85  C  C   . SER A 1 12 ? -13.183 1.981   -0.917  1.00 29.28 ? 9   SER A C   1 
ATOM   86  O  O   . SER A 1 12 ? -13.621 3.129   -0.897  1.00 30.50 ? 9   SER A O   1 
ATOM   87  C  CB  . SER A 1 12 ? -15.138 0.491   -0.388  1.00 21.46 ? 9   SER A CB  1 
ATOM   88  O  OG  . SER A 1 12 ? -14.604 0.216   0.894   1.00 27.04 ? 9   SER A OG  1 
ATOM   89  N  N   . ARG A 1 13 ? -11.946 1.690   -0.530  1.00 21.04 ? 10  ARG A N   1 
ATOM   90  C  CA  . ARG A 1 13 ? -11.105 2.730   0.053   1.00 18.45 ? 10  ARG A CA  1 
ATOM   91  C  C   . ARG A 1 13 ? -9.807  2.964   -0.696  1.00 18.40 ? 10  ARG A C   1 
ATOM   92  O  O   . ARG A 1 13 ? -9.213  4.039   -0.602  1.00 19.33 ? 10  ARG A O   1 
ATOM   93  C  CB  . ARG A 1 13 ? -10.800 2.380   1.501   1.00 20.74 ? 10  ARG A CB  1 
ATOM   94  C  CG  . ARG A 1 13 ? -12.047 2.337   2.360   1.00 27.87 ? 10  ARG A CG  1 
ATOM   95  C  CD  . ARG A 1 13 ? -11.804 1.563   3.596   1.00 23.14 ? 10  ARG A CD  1 
ATOM   96  N  NE  . ARG A 1 13 ? -10.768 2.180   4.424   1.00 22.93 ? 10  ARG A NE  1 
ATOM   97  C  CZ  . ARG A 1 13 ? -10.290 1.612   5.522   1.00 30.50 ? 10  ARG A CZ  1 
ATOM   98  N  NH1 . ARG A 1 13 ? -10.758 0.429   5.891   1.00 33.84 ? 10  ARG A NH1 1 
ATOM   99  N  NH2 . ARG A 1 13 ? -9.342  2.210   6.241   1.00 29.99 ? 10  ARG A NH2 1 
ATOM   100 N  N   . ILE A 1 14 ? -9.361  1.955   -1.434  1.00 14.87 ? 11  ILE A N   1 
ATOM   101 C  CA  . ILE A 1 14 ? -8.050  2.005   -2.066  1.00 12.22 ? 11  ILE A CA  1 
ATOM   102 C  C   . ILE A 1 14 ? -8.165  1.845   -3.573  1.00 13.31 ? 11  ILE A C   1 
ATOM   103 O  O   . ILE A 1 14 ? -8.890  0.979   -4.061  1.00 15.57 ? 11  ILE A O   1 
ATOM   104 C  CB  . ILE A 1 14 ? -7.127  0.918   -1.466  1.00 13.57 ? 11  ILE A CB  1 
ATOM   105 C  CG1 . ILE A 1 14 ? -6.885  1.233   0.017   1.00 8.81  ? 11  ILE A CG1 1 
ATOM   106 C  CG2 . ILE A 1 14 ? -5.801  0.827   -2.244  1.00 14.15 ? 11  ILE A CG2 1 
ATOM   107 C  CD1 . ILE A 1 14 ? -6.274  0.093   0.847   1.00 11.14 ? 11  ILE A CD1 1 
ATOM   108 N  N   . LEU A 1 15 ? -7.461  2.694   -4.315  1.00 13.67 ? 12  LEU A N   1 
ATOM   109 C  CA  . LEU A 1 15 ? -7.501  2.644   -5.777  1.00 12.14 ? 12  LEU A CA  1 
ATOM   110 C  C   . LEU A 1 15 ? -6.370  1.826   -6.402  1.00 12.58 ? 12  LEU A C   1 
ATOM   111 O  O   . LEU A 1 15 ? -6.583  1.100   -7.375  1.00 14.85 ? 12  LEU A O   1 
ATOM   112 C  CB  . LEU A 1 15 ? -7.473  4.062   -6.348  1.00 15.02 ? 12  LEU A CB  1 
ATOM   113 C  CG  . LEU A 1 15 ? -8.696  4.939   -6.084  1.00 23.95 ? 12  LEU A CG  1 
ATOM   114 C  CD1 . LEU A 1 15 ? -8.412  6.349   -6.544  1.00 31.74 ? 12  LEU A CD1 1 
ATOM   115 C  CD2 . LEU A 1 15 ? -9.910  4.387   -6.816  1.00 28.96 ? 12  LEU A CD2 1 
ATOM   116 N  N   . SER A 1 16 ? -5.163  1.939   -5.852  1.00 12.19 ? 13  SER A N   1 
ATOM   117 C  CA  . SER A 1 16 ? -4.013  1.231   -6.400  1.00 11.29 ? 13  SER A CA  1 
ATOM   118 C  C   . SER A 1 16 ? -2.901  1.082   -5.359  1.00 11.89 ? 13  SER A C   1 
ATOM   119 O  O   . SER A 1 16 ? -2.827  1.846   -4.407  1.00 11.33 ? 13  SER A O   1 
ATOM   120 C  CB  . SER A 1 16 ? -3.447  1.943   -7.643  1.00 16.61 ? 13  SER A CB  1 
ATOM   121 O  OG  . SER A 1 16 ? -2.976  3.248   -7.328  1.00 19.59 ? 13  SER A OG  1 
ATOM   122 N  N   . ILE A 1 17 ? -2.051  0.082   -5.569  1.00 11.54 ? 14  ILE A N   1 
ATOM   123 C  CA  . ILE A 1 17 ? -0.999  -0.281  -4.624  1.00 11.55 ? 14  ILE A CA  1 
ATOM   124 C  C   . ILE A 1 17 ? 0.248   -0.602  -5.393  1.00 13.44 ? 14  ILE A C   1 
ATOM   125 O  O   . ILE A 1 17 ? 0.190   -1.379  -6.344  1.00 12.76 ? 14  ILE A O   1 
ATOM   126 C  CB  . ILE A 1 17 ? -1.378  -1.508  -3.774  1.00 7.64  ? 14  ILE A CB  1 
ATOM   127 C  CG1 . ILE A 1 17 ? -2.631  -1.241  -2.946  1.00 10.29 ? 14  ILE A CG1 1 
ATOM   128 C  CG2 . ILE A 1 17 ? -0.229  -1.903  -2.834  1.00 8.83  ? 14  ILE A CG2 1 
ATOM   129 C  CD1 . ILE A 1 17 ? -3.185  -2.496  -2.284  1.00 9.71  ? 14  ILE A CD1 1 
ATOM   130 N  N   . GLY A 1 18 ? 1.376   -0.024  -4.981  1.00 11.16 ? 15  GLY A N   1 
ATOM   131 C  CA  . GLY A 1 18 ? 2.653   -0.360  -5.589  1.00 11.86 ? 15  GLY A CA  1 
ATOM   132 C  C   . GLY A 1 18 ? 3.686   -0.741  -4.545  1.00 11.02 ? 15  GLY A C   1 
ATOM   133 O  O   . GLY A 1 18 ? 3.539   -0.398  -3.381  1.00 12.92 ? 15  GLY A O   1 
ATOM   134 N  N   . TYR A 1 19 ? 4.720   -1.465  -4.960  1.00 11.98 ? 16  TYR A N   1 
ATOM   135 C  CA  . TYR A 1 19 ? 5.767   -1.852  -4.032  1.00 10.95 ? 16  TYR A CA  1 
ATOM   136 C  C   . TYR A 1 19 ? 7.123   -1.820  -4.726  1.00 16.71 ? 16  TYR A C   1 
ATOM   137 O  O   . TYR A 1 19 ? 7.274   -2.294  -5.858  1.00 14.15 ? 16  TYR A O   1 
ATOM   138 C  CB  . TYR A 1 19 ? 5.493   -3.232  -3.449  1.00 16.61 ? 16  TYR A CB  1 
ATOM   139 C  CG  . TYR A 1 19 ? 6.503   -3.667  -2.411  1.00 13.80 ? 16  TYR A CG  1 
ATOM   140 C  CD1 . TYR A 1 19 ? 6.514   -3.105  -1.140  1.00 13.42 ? 16  TYR A CD1 1 
ATOM   141 C  CD2 . TYR A 1 19 ? 7.450   -4.633  -2.704  1.00 18.74 ? 16  TYR A CD2 1 
ATOM   142 C  CE1 . TYR A 1 19 ? 7.457   -3.502  -0.182  1.00 15.85 ? 16  TYR A CE1 1 
ATOM   143 C  CE2 . TYR A 1 19 ? 8.384   -5.046  -1.750  1.00 19.87 ? 16  TYR A CE2 1 
ATOM   144 C  CZ  . TYR A 1 19 ? 8.395   -4.466  -0.501  1.00 16.02 ? 16  TYR A CZ  1 
ATOM   145 O  OH  . TYR A 1 19 ? 9.330   -4.883  0.435   1.00 17.95 ? 16  TYR A OH  1 
ATOM   146 N  N   . ASP A 1 20 ? 8.089   -1.220  -4.039  1.00 13.72 ? 17  ASP A N   1 
ATOM   147 C  CA  . ASP A 1 20 ? 9.469   -1.115  -4.515  1.00 21.81 ? 17  ASP A CA  1 
ATOM   148 C  C   . ASP A 1 20 ? 10.327  -2.025  -3.652  1.00 23.28 ? 17  ASP A C   1 
ATOM   149 O  O   . ASP A 1 20 ? 10.648  -1.680  -2.520  1.00 22.64 ? 17  ASP A O   1 
ATOM   150 C  CB  . ASP A 1 20 ? 9.923   0.350   -4.433  1.00 20.74 ? 17  ASP A CB  1 
ATOM   151 C  CG  . ASP A 1 20 ? 11.337  0.575   -4.933  1.00 29.39 ? 17  ASP A CG  1 
ATOM   152 O  OD1 . ASP A 1 20 ? 12.044  -0.393  -5.285  1.00 35.40 ? 17  ASP A OD1 1 
ATOM   153 O  OD2 . ASP A 1 20 ? 11.735  1.752   -4.953  1.00 31.27 ? 17  ASP A OD2 1 
ATOM   154 N  N   . PRO A 1 21 ? 10.677  -3.211  -4.169  1.00 23.82 ? 18  PRO A N   1 
ATOM   155 C  CA  . PRO A 1 21 ? 11.394  -4.187  -3.344  1.00 24.34 ? 18  PRO A CA  1 
ATOM   156 C  C   . PRO A 1 21 ? 12.779  -3.702  -2.933  1.00 27.42 ? 18  PRO A C   1 
ATOM   157 O  O   . PRO A 1 21 ? 13.280  -4.124  -1.897  1.00 30.79 ? 18  PRO A O   1 
ATOM   158 C  CB  . PRO A 1 21 ? 11.486  -5.410  -4.257  1.00 31.03 ? 18  PRO A CB  1 
ATOM   159 C  CG  . PRO A 1 21 ? 11.424  -4.848  -5.624  1.00 32.57 ? 18  PRO A CG  1 
ATOM   160 C  CD  . PRO A 1 21 ? 10.501  -3.680  -5.554  1.00 25.18 ? 18  PRO A CD  1 
ATOM   161 N  N   . ASP A 1 22 ? 13.375  -2.816  -3.722  1.00 28.89 ? 19  ASP A N   1 
ATOM   162 C  CA  . ASP A 1 22 ? 14.710  -2.319  -3.423  1.00 33.56 ? 19  ASP A CA  1 
ATOM   163 C  C   . ASP A 1 22 ? 14.728  -1.410  -2.196  1.00 33.95 ? 19  ASP A C   1 
ATOM   164 O  O   . ASP A 1 22 ? 15.568  -1.574  -1.315  1.00 32.07 ? 19  ASP A O   1 
ATOM   165 C  CB  . ASP A 1 22 ? 15.282  -1.581  -4.632  1.00 45.84 ? 19  ASP A CB  1 
ATOM   166 C  CG  . ASP A 1 22 ? 15.455  -2.490  -5.838  1.00 63.34 ? 19  ASP A CG  1 
ATOM   167 O  OD1 . ASP A 1 22 ? 15.648  -3.713  -5.642  1.00 60.91 ? 19  ASP A OD1 1 
ATOM   168 O  OD2 . ASP A 1 22 ? 15.397  -1.980  -6.979  1.00 72.15 ? 19  ASP A OD2 1 
ATOM   169 N  N   . ASN A 1 23 ? 13.799  -0.462  -2.139  1.00 24.92 ? 20  ASN A N   1 
ATOM   170 C  CA  . ASN A 1 23 ? 13.734  0.479   -1.030  1.00 21.17 ? 20  ASN A CA  1 
ATOM   171 C  C   . ASN A 1 23 ? 12.791  0.010   0.072   1.00 15.96 ? 20  ASN A C   1 
ATOM   172 O  O   . ASN A 1 23 ? 12.608  0.701   1.071   1.00 22.90 ? 20  ASN A O   1 
ATOM   173 C  CB  . ASN A 1 23 ? 13.292  1.856   -1.530  1.00 28.90 ? 20  ASN A CB  1 
ATOM   174 C  CG  . ASN A 1 23 ? 14.064  2.311   -2.753  1.00 43.81 ? 20  ASN A CG  1 
ATOM   175 O  OD1 . ASN A 1 23 ? 15.190  1.874   -2.982  1.00 47.98 ? 20  ASN A OD1 1 
ATOM   176 N  ND2 . ASN A 1 23 ? 13.460  3.188   -3.549  1.00 49.43 ? 20  ASN A ND2 1 
ATOM   177 N  N   . ARG A 1 24 ? 12.196  -1.165  -0.122  1.00 17.27 ? 21  ARG A N   1 
ATOM   178 C  CA  . ARG A 1 24 ? 11.186  -1.707  0.791   1.00 21.28 ? 21  ARG A CA  1 
ATOM   179 C  C   . ARG A 1 24 ? 10.085  -0.691  1.064   1.00 17.52 ? 21  ARG A C   1 
ATOM   180 O  O   . ARG A 1 24 ? 9.683   -0.469  2.209   1.00 14.62 ? 21  ARG A O   1 
ATOM   181 C  CB  . ARG A 1 24 ? 11.817  -2.148  2.107   1.00 17.60 ? 21  ARG A CB  1 
ATOM   182 C  CG  . ARG A 1 24 ? 13.128  -2.909  1.963   1.00 25.60 ? 21  ARG A CG  1 
ATOM   183 C  CD  . ARG A 1 24 ? 13.018  -4.222  1.223   1.00 31.29 ? 21  ARG A CD  1 
ATOM   184 N  NE  . ARG A 1 24 ? 14.148  -5.105  1.538   1.00 42.26 ? 21  ARG A NE  1 
ATOM   185 C  CZ  . ARG A 1 24 ? 15.399  -4.932  1.107   1.00 47.10 ? 21  ARG A CZ  1 
ATOM   186 N  NH1 . ARG A 1 24 ? 15.709  -3.904  0.329   1.00 52.08 ? 21  ARG A NH1 1 
ATOM   187 N  NH2 . ARG A 1 24 ? 16.350  -5.790  1.458   1.00 41.35 ? 21  ARG A NH2 1 
HETATM 188 N  N   A MSE A 1 25 ? 9.583   -0.103  -0.013  0.68 12.61 ? 22  MSE A N   1 
HETATM 189 N  N   B MSE A 1 25 ? 9.606   -0.050  0.005   0.32 13.91 ? 22  MSE A N   1 
HETATM 190 C  CA  A MSE A 1 25 ? 8.603   0.966   0.087   0.68 12.52 ? 22  MSE A CA  1 
HETATM 191 C  CA  B MSE A 1 25 ? 8.579   0.969   0.156   0.32 12.89 ? 22  MSE A CA  1 
HETATM 192 C  C   A MSE A 1 25 ? 7.275   0.571   -0.526  0.68 12.55 ? 22  MSE A C   1 
HETATM 193 C  C   B MSE A 1 25 ? 7.277   0.558   -0.507  0.32 12.33 ? 22  MSE A C   1 
HETATM 194 O  O   A MSE A 1 25 ? 7.245   0.011   -1.621  0.68 13.27 ? 22  MSE A O   1 
HETATM 195 O  O   B MSE A 1 25 ? 7.263   0.012   -1.614  0.32 12.73 ? 22  MSE A O   1 
HETATM 196 C  CB  A MSE A 1 25 ? 9.154   2.213   -0.588  0.68 13.71 ? 22  MSE A CB  1 
HETATM 197 C  CB  B MSE A 1 25 ? 9.058   2.304   -0.409  0.32 17.90 ? 22  MSE A CB  1 
HETATM 198 C  CG  A MSE A 1 25 ? 8.289   3.451   -0.471  0.68 24.64 ? 22  MSE A CG  1 
HETATM 199 C  CG  B MSE A 1 25 ? 8.030   3.411   -0.290  0.32 17.75 ? 22  MSE A CG  1 
HETATM 200 SE SE  A MSE A 1 25 ? 9.369   4.967   -1.000  0.70 55.31 ? 22  MSE A SE  1 
HETATM 201 SE SE  B MSE A 1 25 ? 6.916   3.591   -1.884  0.20 24.12 ? 22  MSE A SE  1 
HETATM 202 C  CE  A MSE A 1 25 ? 9.369   4.675   -2.934  0.68 53.25 ? 22  MSE A CE  1 
HETATM 203 C  CE  B MSE A 1 25 ? 8.246   4.394   -3.070  0.32 43.33 ? 22  MSE A CE  1 
ATOM   204 N  N   . LEU A 1 26 ? 6.184   0.835   0.196   1.00 9.54  ? 23  LEU A N   1 
ATOM   205 C  CA  . LEU A 1 26 ? 4.845   0.493   -0.243  1.00 8.59  ? 23  LEU A CA  1 
ATOM   206 C  C   . LEU A 1 26 ? 4.105   1.776   -0.565  1.00 11.77 ? 23  LEU A C   1 
ATOM   207 O  O   . LEU A 1 26 ? 4.132   2.695   0.233   1.00 14.67 ? 23  LEU A O   1 
ATOM   208 C  CB  . LEU A 1 26 ? 4.110   -0.264  0.855   1.00 8.72  ? 23  LEU A CB  1 
ATOM   209 C  CG  . LEU A 1 26 ? 2.671   -0.667  0.597   1.00 9.57  ? 23  LEU A CG  1 
ATOM   210 C  CD1 . LEU A 1 26 ? 2.612   -1.857  -0.351  1.00 12.50 ? 23  LEU A CD1 1 
ATOM   211 C  CD2 . LEU A 1 26 ? 2.065   -1.016  1.913   1.00 10.31 ? 23  LEU A CD2 1 
ATOM   212 N  N   . GLU A 1 27 ? 3.453   1.853   -1.724  1.00 10.41 ? 24  GLU A N   1 
ATOM   213 C  CA  . GLU A 1 27 ? 2.734   3.071   -2.079  1.00 10.44 ? 24  GLU A CA  1 
ATOM   214 C  C   . GLU A 1 27 ? 1.255   2.756   -2.221  1.00 15.77 ? 24  GLU A C   1 
ATOM   215 O  O   . GLU A 1 27 ? 0.876   1.831   -2.936  1.00 12.65 ? 24  GLU A O   1 
ATOM   216 C  CB  . GLU A 1 27 ? 3.293   3.674   -3.368  1.00 12.78 ? 24  GLU A CB  1 
ATOM   217 C  CG  . GLU A 1 27 ? 2.859   5.101   -3.632  1.00 18.17 ? 24  GLU A CG  1 
ATOM   218 C  CD  . GLU A 1 27 ? 3.659   5.735   -4.770  1.00 25.77 ? 24  GLU A CD  1 
ATOM   219 O  OE1 . GLU A 1 27 ? 4.784   6.214   -4.527  1.00 26.34 ? 24  GLU A OE1 1 
ATOM   220 O  OE2 . GLU A 1 27 ? 3.168   5.714   -5.909  1.00 24.93 ? 24  GLU A OE2 1 
ATOM   221 N  N   . ILE A 1 28 ? 0.425   3.516   -1.519  1.00 9.50  ? 25  ILE A N   1 
ATOM   222 C  CA  . ILE A 1 28 ? -1.007  3.261   -1.520  1.00 8.91  ? 25  ILE A CA  1 
ATOM   223 C  C   . ILE A 1 28 ? -1.734  4.511   -1.996  1.00 10.56 ? 25  ILE A C   1 
ATOM   224 O  O   . ILE A 1 28 ? -1.563  5.573   -1.418  1.00 12.16 ? 25  ILE A O   1 
ATOM   225 C  CB  . ILE A 1 28 ? -1.533  2.897   -0.129  1.00 7.85  ? 25  ILE A CB  1 
ATOM   226 C  CG1 . ILE A 1 28 ? -0.749  1.715   0.454   1.00 6.86  ? 25  ILE A CG1 1 
ATOM   227 C  CG2 . ILE A 1 28 ? -3.032  2.564   -0.222  1.00 10.01 ? 25  ILE A CG2 1 
ATOM   228 C  CD1 . ILE A 1 28 ? -1.247  1.285   1.817   1.00 8.99  ? 25  ILE A CD1 1 
ATOM   229 N  N   . GLN A 1 29 ? -2.528  4.386   -3.051  1.00 11.20 ? 26  GLN A N   1 
ATOM   230 C  CA  . GLN A 1 29 ? -3.371  5.495   -3.461  1.00 12.67 ? 26  GLN A CA  1 
ATOM   231 C  C   . GLN A 1 29 ? -4.798  5.282   -2.943  1.00 12.43 ? 26  GLN A C   1 
ATOM   232 O  O   . GLN A 1 29 ? -5.460  4.321   -3.319  1.00 17.46 ? 26  GLN A O   1 
ATOM   233 C  CB  . GLN A 1 29 ? -3.349  5.629   -4.977  1.00 13.77 ? 26  GLN A CB  1 
ATOM   234 C  CG  . GLN A 1 29 ? -4.317  6.657   -5.515  1.00 15.55 ? 26  GLN A CG  1 
ATOM   235 C  CD  . GLN A 1 29 ? -4.284  6.718   -7.013  1.00 21.33 ? 26  GLN A CD  1 
ATOM   236 O  OE1 . GLN A 1 29 ? -4.077  5.708   -7.689  1.00 19.61 ? 26  GLN A OE1 1 
ATOM   237 N  NE2 . GLN A 1 29 ? -4.495  7.915   -7.553  1.00 24.31 ? 26  GLN A NE2 1 
ATOM   238 N  N   . PHE A 1 30 ? -5.253  6.165   -2.061  1.00 15.11 ? 27  PHE A N   1 
ATOM   239 C  CA  . PHE A 1 30 ? -6.586  6.064   -1.468  1.00 16.79 ? 27  PHE A CA  1 
ATOM   240 C  C   . PHE A 1 30 ? -7.647  6.797   -2.304  1.00 23.87 ? 27  PHE A C   1 
ATOM   241 O  O   . PHE A 1 30 ? -7.335  7.735   -3.027  1.00 26.36 ? 27  PHE A O   1 
ATOM   242 C  CB  . PHE A 1 30 ? -6.574  6.625   -0.047  1.00 17.74 ? 27  PHE A CB  1 
ATOM   243 C  CG  . PHE A 1 30 ? -5.690  5.865   0.897   1.00 14.60 ? 27  PHE A CG  1 
ATOM   244 C  CD1 . PHE A 1 30 ? -4.383  6.256   1.119   1.00 12.64 ? 27  PHE A CD1 1 
ATOM   245 C  CD2 . PHE A 1 30 ? -6.175  4.762   1.570   1.00 16.36 ? 27  PHE A CD2 1 
ATOM   246 C  CE1 . PHE A 1 30 ? -3.580  5.548   1.995   1.00 15.61 ? 27  PHE A CE1 1 
ATOM   247 C  CE2 . PHE A 1 30 ? -5.381  4.055   2.431   1.00 12.37 ? 27  PHE A CE2 1 
ATOM   248 C  CZ  . PHE A 1 30 ? -4.084  4.441   2.644   1.00 13.96 ? 27  PHE A CZ  1 
ATOM   249 N  N   . ARG A 1 31 ? -8.903  6.375   -2.196  1.00 20.81 ? 28  ARG A N   1 
ATOM   250 C  CA  . ARG A 1 31 ? -9.970  7.003   -2.972  1.00 28.90 ? 28  ARG A CA  1 
ATOM   251 C  C   . ARG A 1 31 ? -10.120 8.499   -2.701  1.00 35.92 ? 28  ARG A C   1 
ATOM   252 O  O   . ARG A 1 31 ? -10.049 9.313   -3.630  1.00 43.62 ? 28  ARG A O   1 
ATOM   253 C  CB  . ARG A 1 31 ? -11.304 6.314   -2.701  1.00 31.83 ? 28  ARG A CB  1 
ATOM   254 C  CG  . ARG A 1 31 ? -11.417 4.960   -3.348  1.00 33.52 ? 28  ARG A CG  1 
ATOM   255 C  CD  . ARG A 1 31 ? -12.851 4.632   -3.685  1.00 32.36 ? 28  ARG A CD  1 
ATOM   256 N  NE  . ARG A 1 31 ? -12.922 3.379   -4.424  1.00 32.55 ? 28  ARG A NE  1 
ATOM   257 C  CZ  . ARG A 1 31 ? -13.125 3.293   -5.731  1.00 35.95 ? 28  ARG A CZ  1 
ATOM   258 N  NH1 . ARG A 1 31 ? -13.293 4.392   -6.455  1.00 34.39 ? 28  ARG A NH1 1 
ATOM   259 N  NH2 . ARG A 1 31 ? -13.170 2.102   -6.313  1.00 44.00 ? 28  ARG A NH2 1 
ATOM   260 N  N   . GLU A 1 32 ? -10.325 8.844   -1.431  1.00 38.43 ? 29  GLU A N   1 
ATOM   261 C  CA  . GLU A 1 32 ? -10.619 10.219  -1.016  1.00 35.05 ? 29  GLU A CA  1 
ATOM   262 C  C   . GLU A 1 32 ? -9.378  10.944  -0.468  1.00 26.90 ? 29  GLU A C   1 
ATOM   263 O  O   . GLU A 1 32 ? -9.287  12.168  -0.543  1.00 39.93 ? 29  GLU A O   1 
ATOM   264 C  CB  . GLU A 1 32 ? -11.768 10.220  0.031   1.00 35.78 ? 29  GLU A CB  1 
ATOM   265 C  CG  . GLU A 1 32 ? -11.620 11.221  1.209   1.00 60.36 ? 29  GLU A CG  1 
ATOM   266 C  CD  . GLU A 1 32 ? -12.807 11.239  2.200   1.00 51.92 ? 29  GLU A CD  1 
ATOM   267 O  OE1 . GLU A 1 32 ? -13.498 12.276  2.288   1.00 46.58 ? 29  GLU A OE1 1 
ATOM   268 O  OE2 . GLU A 1 32 ? -13.031 10.236  2.913   1.00 46.68 ? 29  GLU A OE2 1 
ATOM   269 N  N   . GLN A 1 33 ? -8.403  10.205  0.052   1.00 21.12 ? 30  GLN A N   1 
ATOM   270 C  CA  . GLN A 1 33 ? -7.360  10.852  0.840   1.00 20.91 ? 30  GLN A CA  1 
ATOM   271 C  C   . GLN A 1 33 ? -5.975  10.942  0.208   1.00 14.81 ? 30  GLN A C   1 
ATOM   272 O  O   . GLN A 1 33 ? -5.018  11.278  0.891   1.00 18.02 ? 30  GLN A O   1 
ATOM   273 C  CB  . GLN A 1 33 ? -7.234  10.147  2.193   1.00 29.89 ? 30  GLN A CB  1 
ATOM   274 C  CG  . GLN A 1 33 ? -8.345  10.514  3.175   1.00 39.93 ? 30  GLN A CG  1 
ATOM   275 C  CD  . GLN A 1 33 ? -8.044  10.077  4.597   1.00 40.85 ? 30  GLN A CD  1 
ATOM   276 O  OE1 . GLN A 1 33 ? -7.072  10.529  5.217   1.00 39.02 ? 30  GLN A OE1 1 
ATOM   277 N  NE2 . GLN A 1 33 ? -8.876  9.188   5.121   1.00 36.17 ? 30  GLN A NE2 1 
ATOM   278 N  N   . GLY A 1 34 ? -5.847  10.681  -1.086  1.00 19.84 ? 31  GLY A N   1 
ATOM   279 C  CA  . GLY A 1 34 ? -4.567  10.892  -1.748  1.00 14.97 ? 31  GLY A CA  1 
ATOM   280 C  C   . GLY A 1 34 ? -3.612  9.718   -1.704  1.00 15.13 ? 31  GLY A C   1 
ATOM   281 O  O   . GLY A 1 34 ? -4.018  8.589   -1.455  1.00 15.87 ? 31  GLY A O   1 
ATOM   282 N  N   . THR A 1 35 ? -2.333  9.982   -1.945  1.00 13.72 ? 32  THR A N   1 
ATOM   283 C  CA  . THR A 1 35 ? -1.347  8.907   -2.054  1.00 12.38 ? 32  THR A CA  1 
ATOM   284 C  C   . THR A 1 35 ? -0.288  8.973   -0.958  1.00 11.18 ? 32  THR A C   1 
ATOM   285 O  O   . THR A 1 35 ? 0.263   10.023  -0.693  1.00 12.86 ? 32  THR A O   1 
ATOM   286 C  CB  . THR A 1 35 ? -0.673  8.937   -3.440  1.00 15.48 ? 32  THR A CB  1 
ATOM   287 O  OG1 . THR A 1 35 ? -1.694  8.833   -4.444  1.00 15.00 ? 32  THR A OG1 1 
ATOM   288 C  CG2 . THR A 1 35 ? 0.292   7.786   -3.610  1.00 18.48 ? 32  THR A CG2 1 
ATOM   289 N  N   . TYR A 1 36 ? -0.042  7.837   -0.309  1.00 10.20 ? 33  TYR A N   1 
ATOM   290 C  CA  . TYR A 1 36 ? 0.950   7.745   0.766   1.00 9.82  ? 33  TYR A CA  1 
ATOM   291 C  C   . TYR A 1 36 ? 2.003   6.696   0.478   1.00 10.15 ? 33  TYR A C   1 
ATOM   292 O  O   . TYR A 1 36 ? 1.692   5.671   -0.121  1.00 11.92 ? 33  TYR A O   1 
ATOM   293 C  CB  . TYR A 1 36 ? 0.277   7.377   2.087   1.00 9.79  ? 33  TYR A CB  1 
ATOM   294 C  CG  . TYR A 1 36 ? -0.519  8.485   2.714   1.00 13.27 ? 33  TYR A CG  1 
ATOM   295 C  CD1 . TYR A 1 36 ? -1.701  8.916   2.151   1.00 10.75 ? 33  TYR A CD1 1 
ATOM   296 C  CD2 . TYR A 1 36 ? -0.095  9.090   3.889   1.00 15.28 ? 33  TYR A CD2 1 
ATOM   297 C  CE1 . TYR A 1 36 ? -2.434  9.924   2.725   1.00 11.55 ? 33  TYR A CE1 1 
ATOM   298 C  CE2 . TYR A 1 36 ? -0.816  10.115  4.460   1.00 12.76 ? 33  TYR A CE2 1 
ATOM   299 C  CZ  . TYR A 1 36 ? -1.981  10.521  3.882   1.00 12.99 ? 33  TYR A CZ  1 
ATOM   300 O  OH  . TYR A 1 36 ? -2.706  11.543  4.451   1.00 13.63 ? 33  TYR A OH  1 
ATOM   301 N  N   . GLN A 1 37 ? 3.227   6.932   0.948   1.00 10.55 ? 34  GLN A N   1 
ATOM   302 C  CA  . GLN A 1 37 ? 4.272   5.931   0.945   1.00 9.75  ? 34  GLN A CA  1 
ATOM   303 C  C   . GLN A 1 37 ? 4.514   5.434   2.355   1.00 11.62 ? 34  GLN A C   1 
ATOM   304 O  O   . GLN A 1 37 ? 4.560   6.236   3.284   1.00 13.40 ? 34  GLN A O   1 
ATOM   305 C  CB  . GLN A 1 37 ? 5.569   6.501   0.363   1.00 12.85 ? 34  GLN A CB  1 
ATOM   306 C  CG  . GLN A 1 37 ? 5.431   6.876   -1.090  1.00 17.83 ? 34  GLN A CG  1 
ATOM   307 C  CD  . GLN A 1 37 ? 6.679   7.526   -1.625  1.00 28.90 ? 34  GLN A CD  1 
ATOM   308 O  OE1 . GLN A 1 37 ? 7.452   8.100   -0.866  1.00 26.93 ? 34  GLN A OE1 1 
ATOM   309 N  NE2 . GLN A 1 37 ? 6.889   7.433   -2.931  1.00 29.30 ? 34  GLN A NE2 1 
ATOM   310 N  N   . TYR A 1 38 ? 4.688   4.120   2.493   1.00 11.85 ? 35  TYR A N   1 
ATOM   311 C  CA  . TYR A 1 38 ? 4.968   3.473   3.769   1.00 10.96 ? 35  TYR A CA  1 
ATOM   312 C  C   . TYR A 1 38 ? 6.362   2.891   3.686   1.00 10.49 ? 35  TYR A C   1 
ATOM   313 O  O   . TYR A 1 38 ? 6.686   2.187   2.734   1.00 9.95  ? 35  TYR A O   1 
ATOM   314 C  CB  . TYR A 1 38 ? 3.943   2.379   4.081   1.00 8.46  ? 35  TYR A CB  1 
ATOM   315 C  CG  . TYR A 1 38 ? 2.595   2.962   4.428   1.00 10.74 ? 35  TYR A CG  1 
ATOM   316 C  CD1 . TYR A 1 38 ? 2.234   3.158   5.753   1.00 12.56 ? 35  TYR A CD1 1 
ATOM   317 C  CD2 . TYR A 1 38 ? 1.715   3.376   3.434   1.00 14.68 ? 35  TYR A CD2 1 
ATOM   318 C  CE1 . TYR A 1 38 ? 1.004   3.723   6.090   1.00 17.38 ? 35  TYR A CE1 1 
ATOM   319 C  CE2 . TYR A 1 38 ? 0.482   3.946   3.759   1.00 10.85 ? 35  TYR A CE2 1 
ATOM   320 C  CZ  . TYR A 1 38 ? 0.140   4.116   5.086   1.00 16.49 ? 35  TYR A CZ  1 
ATOM   321 O  OH  . TYR A 1 38 ? -1.078  4.674   5.420   1.00 23.35 ? 35  TYR A OH  1 
ATOM   322 N  N   . LEU A 1 39 ? 7.191   3.191   4.673   1.00 9.86  ? 36  LEU A N   1 
ATOM   323 C  CA  . LEU A 1 39 ? 8.609   2.890   4.564   1.00 9.94  ? 36  LEU A CA  1 
ATOM   324 C  C   . LEU A 1 39 ? 8.958   1.683   5.386   1.00 13.06 ? 36  LEU A C   1 
ATOM   325 O  O   . LEU A 1 39 ? 8.417   1.490   6.460   1.00 14.04 ? 36  LEU A O   1 
ATOM   326 C  CB  . LEU A 1 39 ? 9.449   4.084   5.013   1.00 13.30 ? 36  LEU A CB  1 
ATOM   327 C  CG  . LEU A 1 39 ? 9.137   5.391   4.309   1.00 22.77 ? 36  LEU A CG  1 
ATOM   328 C  CD1 . LEU A 1 39 ? 10.088  6.448   4.807   1.00 20.36 ? 36  LEU A CD1 1 
ATOM   329 C  CD2 . LEU A 1 39 ? 9.312   5.196   2.841   1.00 23.47 ? 36  LEU A CD2 1 
ATOM   330 N  N   . GLY A 1 40 ? 9.856   0.860   4.870   1.00 10.88 ? 37  GLY A N   1 
ATOM   331 C  CA  . GLY A 1 40 ? 10.354  -0.267  5.627   1.00 15.93 ? 37  GLY A CA  1 
ATOM   332 C  C   . GLY A 1 40 ? 9.356   -1.397  5.704   1.00 14.37 ? 37  GLY A C   1 
ATOM   333 O  O   . GLY A 1 40 ? 9.245   -2.051  6.722   1.00 14.15 ? 37  GLY A O   1 
ATOM   334 N  N   . VAL A 1 41 ? 8.646   -1.623  4.607   1.00 12.59 ? 38  VAL A N   1 
ATOM   335 C  CA  . VAL A 1 41 ? 7.643   -2.673  4.509   1.00 10.59 ? 38  VAL A CA  1 
ATOM   336 C  C   . VAL A 1 41 ? 8.241   -3.900  3.839   1.00 13.32 ? 38  VAL A C   1 
ATOM   337 O  O   . VAL A 1 41 ? 8.757   -3.799  2.727   1.00 13.04 ? 38  VAL A O   1 
ATOM   338 C  CB  . VAL A 1 41 ? 6.414   -2.169  3.702   1.00 10.48 ? 38  VAL A CB  1 
ATOM   339 C  CG1 . VAL A 1 41 ? 5.374   -3.251  3.548   1.00 12.25 ? 38  VAL A CG1 1 
ATOM   340 C  CG2 . VAL A 1 41 ? 5.818   -0.960  4.393   1.00 8.69  ? 38  VAL A CG2 1 
ATOM   341 N  N   . PRO A 1 42 ? 8.175   -5.062  4.510   1.00 11.68 ? 39  PRO A N   1 
ATOM   342 C  CA  . PRO A 1 42 ? 8.743   -6.287  3.956   1.00 15.47 ? 39  PRO A CA  1 
ATOM   343 C  C   . PRO A 1 42 ? 7.943   -6.812  2.776   1.00 14.90 ? 39  PRO A C   1 
ATOM   344 O  O   . PRO A 1 42 ? 6.740   -6.604  2.691   1.00 15.10 ? 39  PRO A O   1 
ATOM   345 C  CB  . PRO A 1 42 ? 8.683   -7.267  5.130   1.00 14.85 ? 39  PRO A CB  1 
ATOM   346 C  CG  . PRO A 1 42 ? 7.591   -6.779  5.972   1.00 17.41 ? 39  PRO A CG  1 
ATOM   347 C  CD  . PRO A 1 42 ? 7.608   -5.281  5.849   1.00 10.27 ? 39  PRO A CD  1 
ATOM   348 N  N   . GLU A 1 43 ? 8.620   -7.497  1.866   1.00 14.73 ? 40  GLU A N   1 
ATOM   349 C  CA  . GLU A 1 43 ? 7.960   -7.965  0.657   1.00 19.47 ? 40  GLU A CA  1 
ATOM   350 C  C   . GLU A 1 43 ? 6.800   -8.911  0.969   1.00 15.80 ? 40  GLU A C   1 
ATOM   351 O  O   . GLU A 1 43 ? 5.779   -8.876  0.292   1.00 16.27 ? 40  GLU A O   1 
ATOM   352 C  CB  . GLU A 1 43 ? 8.975   -8.641  -0.269  1.00 27.10 ? 40  GLU A CB  1 
ATOM   353 C  CG  . GLU A 1 43 ? 8.385   -9.111  -1.589  1.00 35.79 ? 40  GLU A CG  1 
ATOM   354 C  CD  . GLU A 1 43 ? 9.433   -9.658  -2.542  1.00 55.48 ? 40  GLU A CD  1 
ATOM   355 O  OE1 . GLU A 1 43 ? 10.639  -9.535  -2.238  1.00 64.53 ? 40  GLU A OE1 1 
ATOM   356 O  OE2 . GLU A 1 43 ? 9.051   -10.210 -3.596  1.00 61.99 ? 40  GLU A OE2 1 
ATOM   357 N  N   . ARG A 1 44 ? 6.936   -9.735  2.009   1.00 16.09 ? 41  ARG A N   1 
ATOM   358 C  CA  . ARG A 1 44 ? 5.861   -10.644 2.370   1.00 14.35 ? 41  ARG A CA  1 
ATOM   359 C  C   . ARG A 1 44 ? 4.576   -9.895  2.704   1.00 13.76 ? 41  ARG A C   1 
ATOM   360 O  O   . ARG A 1 44 ? 3.492   -10.363 2.392   1.00 13.54 ? 41  ARG A O   1 
ATOM   361 C  CB  . ARG A 1 44 ? 6.277   -11.524 3.544   1.00 21.96 ? 41  ARG A CB  1 
ATOM   362 C  CG  . ARG A 1 44 ? 5.213   -12.528 4.000   1.00 17.43 ? 41  ARG A CG  1 
ATOM   363 C  CD  . ARG A 1 44 ? 4.752   -13.440 2.857   1.00 19.54 ? 41  ARG A CD  1 
ATOM   364 N  NE  . ARG A 1 44 ? 3.844   -14.476 3.338   1.00 18.36 ? 41  ARG A NE  1 
ATOM   365 C  CZ  . ARG A 1 44 ? 3.194   -15.325 2.539   1.00 21.01 ? 41  ARG A CZ  1 
ATOM   366 N  NH1 . ARG A 1 44 ? 3.357   -15.270 1.230   1.00 16.73 ? 41  ARG A NH1 1 
ATOM   367 N  NH2 . ARG A 1 44 ? 2.391   -16.234 3.058   1.00 24.17 ? 41  ARG A NH2 1 
ATOM   368 N  N   . ALA A 1 45 ? 4.705   -8.721  3.325   1.00 14.01 ? 42  ALA A N   1 
ATOM   369 C  CA  . ALA A 1 45 ? 3.550   -7.895  3.667   1.00 12.80 ? 42  ALA A CA  1 
ATOM   370 C  C   . ALA A 1 45 ? 2.841   -7.457  2.417   1.00 10.82 ? 42  ALA A C   1 
ATOM   371 O  O   . ALA A 1 45 ? 1.621   -7.440  2.361   1.00 11.77 ? 42  ALA A O   1 
ATOM   372 C  CB  . ALA A 1 45 ? 3.973   -6.673  4.474   1.00 10.82 ? 42  ALA A CB  1 
ATOM   373 N  N   . HIS A 1 46 ? 3.620   -7.078  1.413   1.00 11.52 ? 43  HIS A N   1 
ATOM   374 C  CA  . HIS A 1 46 ? 3.024   -6.608  0.188   1.00 13.13 ? 43  HIS A CA  1 
ATOM   375 C  C   . HIS A 1 46 ? 2.291   -7.746  -0.502  1.00 11.48 ? 43  HIS A C   1 
ATOM   376 O  O   . HIS A 1 46 ? 1.197   -7.559  -0.990  1.00 12.79 ? 43  HIS A O   1 
ATOM   377 C  CB  . HIS A 1 46 ? 4.071   -6.020  -0.741  1.00 10.10 ? 43  HIS A CB  1 
ATOM   378 C  CG  . HIS A 1 46 ? 3.554   -5.752  -2.111  1.00 12.06 ? 43  HIS A CG  1 
ATOM   379 N  ND1 . HIS A 1 46 ? 4.025   -6.411  -3.226  1.00 15.02 ? 43  HIS A ND1 1 
ATOM   380 C  CD2 . HIS A 1 46 ? 2.584   -4.910  -2.550  1.00 15.09 ? 43  HIS A CD2 1 
ATOM   381 C  CE1 . HIS A 1 46 ? 3.376   -5.975  -4.293  1.00 15.30 ? 43  HIS A CE1 1 
ATOM   382 N  NE2 . HIS A 1 46 ? 2.489   -5.075  -3.912  1.00 14.20 ? 43  HIS A NE2 1 
ATOM   383 N  N   . GLN A 1 47 ? 2.898   -8.930  -0.535  1.00 10.72 ? 44  GLN A N   1 
ATOM   384 C  CA  . GLN A 1 47 ? 2.250   -10.080 -1.152  1.00 11.31 ? 44  GLN A CA  1 
ATOM   385 C  C   . GLN A 1 47 ? 0.928   -10.404 -0.459  1.00 10.89 ? 44  GLN A C   1 
ATOM   386 O  O   . GLN A 1 47 ? -0.079  -10.604 -1.118  1.00 14.86 ? 44  GLN A O   1 
ATOM   387 C  CB  . GLN A 1 47 ? 3.176   -11.297 -1.123  1.00 17.18 ? 44  GLN A CB  1 
ATOM   388 C  CG  . GLN A 1 47 ? 4.367   -11.200 -2.050  1.00 17.48 ? 44  GLN A CG  1 
ATOM   389 C  CD  . GLN A 1 47 ? 5.275   -12.387 -1.869  1.00 28.63 ? 44  GLN A CD  1 
ATOM   390 O  OE1 . GLN A 1 47 ? 5.180   -13.098 -0.868  1.00 27.45 ? 44  GLN A OE1 1 
ATOM   391 N  NE2 . GLN A 1 47 ? 6.148   -12.628 -2.839  1.00 31.87 ? 44  GLN A NE2 1 
ATOM   392 N  N   . ASN A 1 48 ? 0.925   -10.437 0.869   1.00 10.48 ? 45  ASN A N   1 
ATOM   393 C  CA  . ASN A 1 48 ? -0.310  -10.683 1.612   1.00 10.28 ? 45  ASN A CA  1 
ATOM   394 C  C   . ASN A 1 48 ? -1.378  -9.602  1.403   1.00 12.34 ? 45  ASN A C   1 
ATOM   395 O  O   . ASN A 1 48 ? -2.570  -9.890  1.414   1.00 10.81 ? 45  ASN A O   1 
ATOM   396 C  CB  . ASN A 1 48 ? -0.028  -10.808 3.106   1.00 12.45 ? 45  ASN A CB  1 
ATOM   397 C  CG  . ASN A 1 48 ? 0.713   -12.080 3.453   1.00 15.76 ? 45  ASN A CG  1 
ATOM   398 O  OD1 . ASN A 1 48 ? 0.781   -13.024 2.654   1.00 18.34 ? 45  ASN A OD1 1 
ATOM   399 N  ND2 . ASN A 1 48 ? 1.272   -12.115 4.657   1.00 14.82 ? 45  ASN A ND2 1 
ATOM   400 N  N   . PHE A 1 49 ? -0.938  -8.364  1.251   1.00 11.36 ? 46  PHE A N   1 
ATOM   401 C  CA  . PHE A 1 49 ? -1.814  -7.235  0.941   1.00 9.71  ? 46  PHE A CA  1 
ATOM   402 C  C   . PHE A 1 49 ? -2.535  -7.501  -0.365  1.00 9.69  ? 46  PHE A C   1 
ATOM   403 O  O   . PHE A 1 49 ? -3.749  -7.345  -0.461  1.00 11.05 ? 46  PHE A O   1 
ATOM   404 C  CB  . PHE A 1 49 ? -0.990  -5.951  0.828   1.00 8.82  ? 46  PHE A CB  1 
ATOM   405 C  CG  . PHE A 1 49 ? -1.777  -4.653  1.000   1.00 8.61  ? 46  PHE A CG  1 
ATOM   406 C  CD1 . PHE A 1 49 ? -3.144  -4.632  1.225   1.00 8.91  ? 46  PHE A CD1 1 
ATOM   407 C  CD2 . PHE A 1 49 ? -1.102  -3.445  0.943   1.00 9.57  ? 46  PHE A CD2 1 
ATOM   408 C  CE1 . PHE A 1 49 ? -3.823  -3.415  1.392   1.00 10.04 ? 46  PHE A CE1 1 
ATOM   409 C  CE2 . PHE A 1 49 ? -1.767  -2.219  1.106   1.00 11.52 ? 46  PHE A CE2 1 
ATOM   410 C  CZ  . PHE A 1 49 ? -3.140  -2.208  1.320   1.00 8.62  ? 46  PHE A CZ  1 
HETATM 411 N  N   . MSE A 1 50 ? -1.782  -7.922  -1.372  1.00 10.10 ? 47  MSE A N   1 
HETATM 412 C  CA  . MSE A 1 50 ? -2.355  -8.116  -2.702  1.00 11.54 ? 47  MSE A CA  1 
HETATM 413 C  C   . MSE A 1 50 ? -3.306  -9.309  -2.733  1.00 13.83 ? 47  MSE A C   1 
HETATM 414 O  O   . MSE A 1 50 ? -4.250  -9.332  -3.525  1.00 17.36 ? 47  MSE A O   1 
HETATM 415 C  CB  . MSE A 1 50 ? -1.253  -8.290  -3.749  1.00 12.84 ? 47  MSE A CB  1 
HETATM 416 C  CG  . MSE A 1 50 ? -0.370  -7.060  -3.926  1.00 14.16 ? 47  MSE A CG  1 
HETATM 417 SE SE  . MSE A 1 50 ? -1.338  -5.346  -4.113  0.70 23.61 ? 47  MSE A SE  1 
HETATM 418 C  CE  . MSE A 1 50 ? -2.085  -5.553  -5.895  1.00 21.86 ? 47  MSE A CE  1 
ATOM   419 N  N   . SER A 1 51 ? -3.074  -10.284 -1.859  1.00 11.30 ? 48  SER A N   1 
ATOM   420 C  CA  . SER A 1 51 ? -3.928  -11.469 -1.807  1.00 14.59 ? 48  SER A CA  1 
ATOM   421 C  C   . SER A 1 51 ? -5.114  -11.352 -0.877  1.00 14.29 ? 48  SER A C   1 
ATOM   422 O  O   . SER A 1 51 ? -5.967  -12.232 -0.862  1.00 18.65 ? 48  SER A O   1 
ATOM   423 C  CB  . SER A 1 51 ? -3.108  -12.686 -1.385  1.00 18.26 ? 48  SER A CB  1 
ATOM   424 O  OG  . SER A 1 51 ? -2.066  -12.901 -2.307  1.00 34.48 ? 48  SER A OG  1 
ATOM   425 N  N   . ALA A 1 52 ? -5.170  -10.290 -0.085  1.00 10.12 ? 49  ALA A N   1 
ATOM   426 C  CA  . ALA A 1 52 ? -6.229  -10.154 0.912   1.00 10.42 ? 49  ALA A CA  1 
ATOM   427 C  C   . ALA A 1 52 ? -7.607  -10.106 0.269   1.00 11.35 ? 49  ALA A C   1 
ATOM   428 O  O   . ALA A 1 52 ? -7.785  -9.513  -0.797  1.00 15.24 ? 49  ALA A O   1 
ATOM   429 C  CB  . ALA A 1 52 ? -6.016  -8.895  1.749   1.00 10.73 ? 49  ALA A CB  1 
ATOM   430 N  N   . VAL A 1 53 ? -8.573  -10.721 0.939   1.00 12.19 ? 50  VAL A N   1 
ATOM   431 C  CA  . VAL A 1 53 ? -9.975  -10.614 0.576   1.00 17.27 ? 50  VAL A CA  1 
ATOM   432 C  C   . VAL A 1 53 ? -10.420 -9.143  0.550   1.00 19.30 ? 50  VAL A C   1 
ATOM   433 O  O   . VAL A 1 53 ? -11.025 -8.678  -0.420  1.00 18.41 ? 50  VAL A O   1 
ATOM   434 C  CB  . VAL A 1 53 ? -10.850 -11.417 1.568   1.00 14.76 ? 50  VAL A CB  1 
ATOM   435 C  CG1 . VAL A 1 53 ? -12.310 -11.064 1.413   1.00 14.44 ? 50  VAL A CG1 1 
ATOM   436 C  CG2 . VAL A 1 53 ? -10.628 -12.901 1.395   1.00 16.93 ? 50  VAL A CG2 1 
ATOM   437 N  N   . SER A 1 54 ? -10.099 -8.419  1.621   1.00 12.05 ? 51  SER A N   1 
ATOM   438 C  CA  . SER A 1 54 ? -10.430 -7.002  1.768   1.00 14.26 ? 51  SER A CA  1 
ATOM   439 C  C   . SER A 1 54 ? -9.175  -6.141  1.910   1.00 11.09 ? 51  SER A C   1 
ATOM   440 O  O   . SER A 1 54 ? -8.466  -6.262  2.910   1.00 13.89 ? 51  SER A O   1 
ATOM   441 C  CB  . SER A 1 54 ? -11.311 -6.784  2.996   1.00 12.83 ? 51  SER A CB  1 
ATOM   442 O  OG  . SER A 1 54 ? -11.520 -5.394  3.226   1.00 16.79 ? 51  SER A OG  1 
ATOM   443 N  N   . LYS A 1 55 ? -8.893  -5.289  0.923   1.00 12.58 ? 52  LYS A N   1 
ATOM   444 C  CA  . LYS A 1 55 ? -7.697  -4.431  1.010   1.00 12.96 ? 52  LYS A CA  1 
ATOM   445 C  C   . LYS A 1 55 ? -7.846  -3.469  2.188   1.00 12.74 ? 52  LYS A C   1 
ATOM   446 O  O   . LYS A 1 55 ? -6.876  -3.157  2.885   1.00 12.30 ? 52  LYS A O   1 
ATOM   447 C  CB  . LYS A 1 55 ? -7.475  -3.647  -0.295  1.00 13.23 ? 52  LYS A CB  1 
ATOM   448 C  CG  . LYS A 1 55 ? -7.293  -4.503  -1.554  1.00 19.18 ? 52  LYS A CG  1 
ATOM   449 C  CD  . LYS A 1 55 ? -6.013  -5.307  -1.516  1.00 20.76 ? 52  LYS A CD  1 
ATOM   450 C  CE  . LYS A 1 55 ? -5.786  -6.034  -2.830  1.00 19.37 ? 52  LYS A CE  1 
ATOM   451 N  NZ  . LYS A 1 55 ? -6.630  -7.257  -2.947  1.00 23.86 ? 52  LYS A NZ  1 
ATOM   452 N  N   . GLY A 1 56 ? -9.063  -2.985  2.407   1.00 11.00 ? 53  GLY A N   1 
ATOM   453 C  CA  . GLY A 1 56 ? -9.309  -2.113  3.541   1.00 13.79 ? 53  GLY A CA  1 
ATOM   454 C  C   . GLY A 1 56 ? -9.015  -2.758  4.886   1.00 17.23 ? 53  GLY A C   1 
ATOM   455 O  O   . GLY A 1 56 ? -8.360  -2.161  5.742   1.00 13.10 ? 53  GLY A O   1 
ATOM   456 N  N   . ARG A 1 57 ? -9.493  -3.983  5.077   1.00 15.25 ? 54  ARG A N   1 
ATOM   457 C  CA  . ARG A 1 57 ? -9.282  -4.682  6.335   1.00 12.18 ? 54  ARG A CA  1 
ATOM   458 C  C   . ARG A 1 57 ? -7.816  -4.956  6.558   1.00 11.21 ? 54  ARG A C   1 
ATOM   459 O  O   . ARG A 1 57 ? -7.311  -4.814  7.677   1.00 14.69 ? 54  ARG A O   1 
ATOM   460 C  CB  . ARG A 1 57 ? -10.053 -6.004  6.374   1.00 14.19 ? 54  ARG A CB  1 
ATOM   461 C  CG  . ARG A 1 57 ? -9.805  -6.788  7.667   1.00 14.49 ? 54  ARG A CG  1 
ATOM   462 C  CD  . ARG A 1 57 ? -10.556 -8.129  7.712   1.00 24.31 ? 54  ARG A CD  1 
ATOM   463 N  NE  . ARG A 1 57 ? -10.071 -8.978  8.801   1.00 26.64 ? 54  ARG A NE  1 
ATOM   464 C  CZ  . ARG A 1 57 ? -10.587 -8.982  10.023  1.00 36.14 ? 54  ARG A CZ  1 
ATOM   465 N  NH1 . ARG A 1 57 ? -11.616 -8.191  10.318  1.00 40.09 ? 54  ARG A NH1 1 
ATOM   466 N  NH2 . ARG A 1 57 ? -10.076 -9.781  10.953  1.00 42.88 ? 54  ARG A NH2 1 
ATOM   467 N  N   . PHE A 1 58 ? -7.134  -5.359  5.493   1.00 10.50 ? 55  PHE A N   1 
ATOM   468 C  CA  . PHE A 1 58 ? -5.708  -5.651  5.602   1.00 11.48 ? 55  PHE A CA  1 
ATOM   469 C  C   . PHE A 1 58 ? -4.944  -4.368  5.894   1.00 9.53  ? 55  PHE A C   1 
ATOM   470 O  O   . PHE A 1 58 ? -4.068  -4.350  6.744   1.00 10.65 ? 55  PHE A O   1 
ATOM   471 C  CB  . PHE A 1 58 ? -5.165  -6.310  4.337   1.00 13.85 ? 55  PHE A CB  1 
ATOM   472 C  CG  . PHE A 1 58 ? -3.735  -6.759  4.465   1.00 10.82 ? 55  PHE A CG  1 
ATOM   473 C  CD1 . PHE A 1 58 ? -2.691  -5.876  4.240   1.00 13.17 ? 55  PHE A CD1 1 
ATOM   474 C  CD2 . PHE A 1 58 ? -3.445  -8.054  4.820   1.00 10.84 ? 55  PHE A CD2 1 
ATOM   475 C  CE1 . PHE A 1 58 ? -1.383  -6.278  4.371   1.00 15.90 ? 55  PHE A CE1 1 
ATOM   476 C  CE2 . PHE A 1 58 ? -2.133  -8.465  4.950   1.00 15.78 ? 55  PHE A CE2 1 
ATOM   477 C  CZ  . PHE A 1 58 ? -1.102  -7.577  4.725   1.00 12.53 ? 55  PHE A CZ  1 
ATOM   478 N  N   . PHE A 1 59 ? -5.278  -3.289  5.198   1.00 9.43  ? 56  PHE A N   1 
ATOM   479 C  CA  . PHE A 1 59 ? -4.632  -2.019  5.497   1.00 10.58 ? 56  PHE A CA  1 
ATOM   480 C  C   . PHE A 1 59 ? -4.827  -1.658  6.965   1.00 13.28 ? 56  PHE A C   1 
ATOM   481 O  O   . PHE A 1 59 ? -3.882  -1.305  7.666   1.00 9.82  ? 56  PHE A O   1 
ATOM   482 C  CB  . PHE A 1 59 ? -5.162  -0.900  4.621   1.00 9.67  ? 56  PHE A CB  1 
ATOM   483 C  CG  . PHE A 1 59 ? -4.687  0.450   5.038   1.00 11.38 ? 56  PHE A CG  1 
ATOM   484 C  CD1 . PHE A 1 59 ? -3.359  0.806   4.886   1.00 13.65 ? 56  PHE A CD1 1 
ATOM   485 C  CD2 . PHE A 1 59 ? -5.553  1.358   5.604   1.00 16.26 ? 56  PHE A CD2 1 
ATOM   486 C  CE1 . PHE A 1 59 ? -2.915  2.054   5.274   1.00 12.47 ? 56  PHE A CE1 1 
ATOM   487 C  CE2 . PHE A 1 59 ? -5.113  2.613   5.998   1.00 14.01 ? 56  PHE A CE2 1 
ATOM   488 C  CZ  . PHE A 1 59 ? -3.800  2.964   5.839   1.00 14.55 ? 56  PHE A CZ  1 
ATOM   489 N  N   . ASP A 1 60 ? -6.059  -1.760  7.445   1.00 11.91 ? 57  ASP A N   1 
ATOM   490 C  CA  . ASP A 1 60 ? -6.342  -1.387  8.833   1.00 14.39 ? 57  ASP A CA  1 
ATOM   491 C  C   . ASP A 1 60 ? -5.605  -2.251  9.848   1.00 19.72 ? 57  ASP A C   1 
ATOM   492 O  O   . ASP A 1 60 ? -5.155  -1.754  10.885  1.00 18.61 ? 57  ASP A O   1 
ATOM   493 C  CB  . ASP A 1 60 ? -7.848  -1.459  9.120   1.00 15.57 ? 57  ASP A CB  1 
ATOM   494 C  CG  . ASP A 1 60 ? -8.610  -0.291  8.546   1.00 24.11 ? 57  ASP A CG  1 
ATOM   495 O  OD1 . ASP A 1 60 ? -7.984  0.760   8.313   1.00 31.14 ? 57  ASP A OD1 1 
ATOM   496 O  OD2 . ASP A 1 60 ? -9.838  -0.413  8.339   1.00 24.31 ? 57  ASP A OD2 1 
ATOM   497 N  N   . GLY A 1 61 ? -5.467  -3.538  9.555   1.00 13.98 ? 58  GLY A N   1 
ATOM   498 C  CA  . GLY A 1 61 ? -4.923  -4.466  10.531  1.00 13.86 ? 58  GLY A CA  1 
ATOM   499 C  C   . GLY A 1 61 ? -3.417  -4.637  10.516  1.00 18.83 ? 58  GLY A C   1 
ATOM   500 O  O   . GLY A 1 61 ? -2.812  -4.992  11.541  1.00 17.56 ? 58  GLY A O   1 
ATOM   501 N  N   . VAL A 1 62 ? -2.797  -4.383  9.365   1.00 10.62 ? 59  VAL A N   1 
ATOM   502 C  CA  . VAL A 1 62 ? -1.396  -4.736  9.188   1.00 10.56 ? 59  VAL A CA  1 
ATOM   503 C  C   . VAL A 1 62 ? -0.494  -3.553  8.863   1.00 12.04 ? 59  VAL A C   1 
ATOM   504 O  O   . VAL A 1 62 ? 0.675   -3.539  9.244   1.00 13.09 ? 59  VAL A O   1 
ATOM   505 C  CB  . VAL A 1 62 ? -1.258  -5.794  8.081   1.00 10.27 ? 59  VAL A CB  1 
ATOM   506 C  CG1 . VAL A 1 62 ? 0.178   -6.230  7.911   1.00 15.79 ? 59  VAL A CG1 1 
ATOM   507 C  CG2 . VAL A 1 62 ? -2.143  -6.984  8.404   1.00 15.50 ? 59  VAL A CG2 1 
ATOM   508 N  N   . ILE A 1 63 ? -1.034  -2.564  8.158   1.00 9.27  ? 60  ILE A N   1 
ATOM   509 C  CA  . ILE A 1 63 ? -0.191  -1.478  7.652   1.00 9.01  ? 60  ILE A CA  1 
ATOM   510 C  C   . ILE A 1 63 ? -0.373  -0.189  8.451   1.00 10.79 ? 60  ILE A C   1 
ATOM   511 O  O   . ILE A 1 63 ? 0.602   0.429   8.879   1.00 11.27 ? 60  ILE A O   1 
ATOM   512 C  CB  . ILE A 1 63 ? -0.483  -1.175  6.158   1.00 8.64  ? 60  ILE A CB  1 
ATOM   513 C  CG1 . ILE A 1 63 ? -0.356  -2.434  5.299   1.00 8.21  ? 60  ILE A CG1 1 
ATOM   514 C  CG2 . ILE A 1 63 ? 0.438   -0.057  5.648   1.00 9.00  ? 60  ILE A CG2 1 
ATOM   515 C  CD1 . ILE A 1 63 ? 1.021   -3.038  5.343   1.00 15.46 ? 60  ILE A CD1 1 
ATOM   516 N  N   . LYS A 1 64 ? -1.626  0.205   8.651   1.00 10.27 ? 61  LYS A N   1 
ATOM   517 C  CA  . LYS A 1 64 ? -1.940  1.517   9.207   1.00 10.36 ? 61  LYS A CA  1 
ATOM   518 C  C   . LYS A 1 64 ? -1.280  1.689   10.560  1.00 10.98 ? 61  LYS A C   1 
ATOM   519 O  O   . LYS A 1 64 ? -1.467  0.874   11.451  1.00 13.28 ? 61  LYS A O   1 
ATOM   520 C  CB  . LYS A 1 64 ? -3.467  1.703   9.332   1.00 10.93 ? 61  LYS A CB  1 
ATOM   521 C  CG  . LYS A 1 64 ? -3.880  3.077   9.859   1.00 19.46 ? 61  LYS A CG  1 
ATOM   522 C  CD  . LYS A 1 64 ? -5.273  3.040   10.457  1.00 35.13 ? 61  LYS A CD  1 
ATOM   523 C  CE  . LYS A 1 64 ? -6.303  3.062   9.381   1.00 35.60 ? 61  LYS A CE  1 
ATOM   524 N  NZ  . LYS A 1 64 ? -7.692  3.079   9.935   1.00 32.00 ? 61  LYS A NZ  1 
ATOM   525 N  N   . GLY A 1 65 ? -0.457  2.722   10.685  1.00 13.74 ? 62  GLY A N   1 
ATOM   526 C  CA  . GLY A 1 65 ? 0.175   3.043   11.946  1.00 13.58 ? 62  GLY A CA  1 
ATOM   527 C  C   . GLY A 1 65 ? 1.269   2.100   12.375  1.00 18.07 ? 62  GLY A C   1 
ATOM   528 O  O   . GLY A 1 65 ? 1.810   2.239   13.468  1.00 18.99 ? 62  GLY A O   1 
ATOM   529 N  N   . LYS A 1 66 ? 1.597   1.134   11.526  1.00 11.22 ? 63  LYS A N   1 
ATOM   530 C  CA  . LYS A 1 66 ? 2.627   0.161   11.861  1.00 12.74 ? 63  LYS A CA  1 
ATOM   531 C  C   . LYS A 1 66 ? 3.920   0.403   11.086  1.00 18.31 ? 63  LYS A C   1 
ATOM   532 O  O   . LYS A 1 66 ? 4.952   -0.201  11.370  1.00 17.52 ? 63  LYS A O   1 
ATOM   533 C  CB  . LYS A 1 66 ? 2.114   -1.257  11.614  1.00 11.98 ? 63  LYS A CB  1 
ATOM   534 C  CG  . LYS A 1 66 ? 0.925   -1.574  12.521  1.00 19.98 ? 63  LYS A CG  1 
ATOM   535 C  CD  . LYS A 1 66 ? 0.886   -3.005  12.958  1.00 27.19 ? 63  LYS A CD  1 
ATOM   536 C  CE  . LYS A 1 66 ? -0.062  -3.157  14.141  1.00 27.68 ? 63  LYS A CE  1 
ATOM   537 N  NZ  . LYS A 1 66 ? -1.424  -2.699  13.788  1.00 29.91 ? 63  LYS A NZ  1 
ATOM   538 N  N   . PHE A 1 67 ? 3.853   1.278   10.089  1.00 11.81 ? 64  PHE A N   1 
ATOM   539 C  CA  . PHE A 1 67 ? 5.033   1.695   9.343   1.00 10.60 ? 64  PHE A CA  1 
ATOM   540 C  C   . PHE A 1 67 ? 5.001   3.202   9.170   1.00 20.37 ? 64  PHE A C   1 
ATOM   541 O  O   . PHE A 1 67 ? 3.925   3.793   9.030   1.00 14.17 ? 64  PHE A O   1 
ATOM   542 C  CB  . PHE A 1 67 ? 5.102   1.015   7.966   1.00 10.94 ? 64  PHE A CB  1 
ATOM   543 C  CG  . PHE A 1 67 ? 5.092   -0.470  8.033   1.00 10.25 ? 64  PHE A CG  1 
ATOM   544 C  CD1 . PHE A 1 67 ? 6.284   -1.176  8.137   1.00 10.60 ? 64  PHE A CD1 1 
ATOM   545 C  CD2 . PHE A 1 67 ? 3.893   -1.173  8.003   1.00 11.21 ? 64  PHE A CD2 1 
ATOM   546 C  CE1 . PHE A 1 67 ? 6.271   -2.555  8.213   1.00 10.71 ? 64  PHE A CE1 1 
ATOM   547 C  CE2 . PHE A 1 67 ? 3.876   -2.537  8.081   1.00 17.92 ? 64  PHE A CE2 1 
ATOM   548 C  CZ  . PHE A 1 67 ? 5.065   -3.235  8.188   1.00 14.40 ? 64  PHE A CZ  1 
ATOM   549 N  N   . LEU A 1 68 ? 6.172   3.827   9.187   1.00 11.80 ? 65  LEU A N   1 
ATOM   550 C  CA  . LEU A 1 68 ? 6.260   5.265   8.947   1.00 13.49 ? 65  LEU A CA  1 
ATOM   551 C  C   . LEU A 1 68 ? 5.693   5.598   7.579   1.00 13.28 ? 65  LEU A C   1 
ATOM   552 O  O   . LEU A 1 68 ? 6.007   4.926   6.592   1.00 14.38 ? 65  LEU A O   1 
ATOM   553 C  CB  . LEU A 1 68 ? 7.709   5.732   9.044   1.00 16.47 ? 65  LEU A CB  1 
ATOM   554 C  CG  . LEU A 1 68 ? 8.052   7.206   9.243   1.00 26.44 ? 65  LEU A CG  1 
ATOM   555 C  CD1 . LEU A 1 68 ? 9.467   7.273   9.762   1.00 23.33 ? 65  LEU A CD1 1 
ATOM   556 C  CD2 . LEU A 1 68 ? 7.950   7.997   7.953   1.00 32.59 ? 65  LEU A CD2 1 
ATOM   557 N  N   . CYS A 1 69 ? 4.881   6.646   7.514   1.00 11.96 ? 66  CYS A N   1 
ATOM   558 C  CA  . CYS A 1 69 ? 4.332   7.029   6.226   1.00 13.47 ? 66  CYS A CA  1 
ATOM   559 C  C   . CYS A 1 69 ? 4.438   8.507   5.936   1.00 13.74 ? 66  CYS A C   1 
ATOM   560 O  O   . CYS A 1 69 ? 4.583   9.341   6.840   1.00 17.90 ? 66  CYS A O   1 
ATOM   561 C  CB  . CYS A 1 69 ? 2.880   6.581   6.106   1.00 16.99 ? 66  CYS A CB  1 
ATOM   562 S  SG  . CYS A 1 69 ? 1.685   7.582   6.956   1.00 21.19 ? 66  CYS A SG  1 
ATOM   563 N  N   . ARG A 1 70 ? 4.421   8.821   4.652   1.00 12.72 ? 67  ARG A N   1 
ATOM   564 C  CA  . ARG A 1 70 ? 4.422   10.198  4.211   1.00 14.09 ? 67  ARG A CA  1 
ATOM   565 C  C   . ARG A 1 70 ? 3.484   10.351  3.024   1.00 13.12 ? 67  ARG A C   1 
ATOM   566 O  O   . ARG A 1 70 ? 3.351   9.449   2.188   1.00 16.70 ? 67  ARG A O   1 
ATOM   567 C  CB  . ARG A 1 70 ? 5.834   10.650  3.850   1.00 21.49 ? 67  ARG A CB  1 
ATOM   568 C  CG  . ARG A 1 70 ? 6.475   9.844   2.765   1.00 23.58 ? 67  ARG A CG  1 
ATOM   569 C  CD  . ARG A 1 70 ? 7.933   10.200  2.591   1.00 34.53 ? 67  ARG A CD  1 
ATOM   570 N  NE  . ARG A 1 70 ? 8.529   9.403   1.523   1.00 39.42 ? 67  ARG A NE  1 
ATOM   571 C  CZ  . ARG A 1 70 ? 9.822   9.121   1.440   1.00 42.45 ? 67  ARG A CZ  1 
ATOM   572 N  NH1 . ARG A 1 70 ? 10.653  9.573   2.369   1.00 41.28 ? 67  ARG A NH1 1 
ATOM   573 N  NH2 . ARG A 1 70 ? 10.283  8.384   0.437   1.00 41.45 ? 67  ARG A NH2 1 
ATOM   574 N  N   . LYS A 1 71 ? 2.812   11.497  2.968   1.00 17.33 ? 68  LYS A N   1 
ATOM   575 C  CA  . LYS A 1 71 ? 1.914   11.788  1.874   1.00 13.54 ? 68  LYS A CA  1 
ATOM   576 C  C   . LYS A 1 71 ? 2.720   12.380  0.722   1.00 19.22 ? 68  LYS A C   1 
ATOM   577 O  O   . LYS A 1 71 ? 3.598   13.219  0.935   1.00 25.96 ? 68  LYS A O   1 
ATOM   578 C  CB  . LYS A 1 71 ? 0.811   12.749  2.310   1.00 14.67 ? 68  LYS A CB  1 
ATOM   579 C  CG  . LYS A 1 71 ? -0.307  12.842  1.300   1.00 22.06 ? 68  LYS A CG  1 
ATOM   580 C  CD  . LYS A 1 71 ? -1.401  13.809  1.709   1.00 21.64 ? 68  LYS A CD  1 
ATOM   581 C  CE  . LYS A 1 71 ? -2.521  13.781  0.678   1.00 28.21 ? 68  LYS A CE  1 
ATOM   582 N  NZ  . LYS A 1 71 ? -3.296  15.037  0.643   1.00 34.78 ? 68  LYS A NZ  1 
ATOM   583 N  N   . ILE A 1 72 ? 2.442   11.937  -0.494  1.00 19.42 ? 69  ILE A N   1 
ATOM   584 C  CA  . ILE A 1 72 ? 3.135   12.508  -1.645  1.00 24.06 ? 69  ILE A CA  1 
ATOM   585 C  C   . ILE A 1 72 ? 2.163   13.269  -2.540  1.00 28.78 ? 69  ILE A C   1 
ATOM   586 O  O   . ILE A 1 72 ? 1.013   12.870  -2.714  1.00 35.95 ? 69  ILE A O   1 
ATOM   587 C  CB  . ILE A 1 72 ? 3.870   11.431  -2.458  1.00 27.01 ? 69  ILE A CB  1 
ATOM   588 C  CG1 . ILE A 1 72 ? 2.891   10.440  -3.079  1.00 24.54 ? 69  ILE A CG1 1 
ATOM   589 C  CG2 . ILE A 1 72 ? 4.875   10.702  -1.587  1.00 28.28 ? 69  ILE A CG2 1 
ATOM   590 C  CD1 . ILE A 1 72 ? 3.551   9.463   -4.017  1.00 31.96 ? 69  ILE A CD1 1 
ATOM   591 N  N   . GLY A 1 73 ? 2.634   14.380  -3.095  1.00 34.52 ? 70  GLY A N   1 
ATOM   592 C  CA  . GLY A 1 73 ? 1.798   15.237  -3.917  1.00 47.34 ? 70  GLY A CA  1 
ATOM   593 C  C   . GLY A 1 73 ? 2.325   16.658  -3.991  1.00 60.55 ? 70  GLY A C   1 
ATOM   594 O  O   . GLY A 1 73 ? 3.488   16.915  -3.668  1.00 70.28 ? 70  GLY A O   1 
HETATM 595 S  S   . SO4 B 2 .  ? -12.700 -2.795  0.960   1.00 27.77 ? 101 SO4 A S   1 
HETATM 596 O  O1  . SO4 B 2 .  ? -12.744 -1.561  1.715   1.00 31.61 ? 101 SO4 A O1  1 
HETATM 597 O  O2  . SO4 B 2 .  ? -13.578 -2.649  -0.194  1.00 20.21 ? 101 SO4 A O2  1 
HETATM 598 O  O3  . SO4 B 2 .  ? -11.321 -3.004  0.528   1.00 24.79 ? 101 SO4 A O3  1 
HETATM 599 O  O4  . SO4 B 2 .  ? -13.152 -3.922  1.790   1.00 22.79 ? 101 SO4 A O4  1 
HETATM 600 C  C1  . GOL C 3 .  ? -6.744  -8.427  -6.987  1.00 48.51 ? 102 GOL A C1  1 
HETATM 601 O  O1  . GOL C 3 .  ? -6.241  -8.146  -5.698  1.00 47.98 ? 102 GOL A O1  1 
HETATM 602 C  C2  . GOL C 3 .  ? -7.133  -7.125  -7.671  1.00 46.39 ? 102 GOL A C2  1 
HETATM 603 O  O2  . GOL C 3 .  ? -7.501  -7.373  -9.006  1.00 61.79 ? 102 GOL A O2  1 
HETATM 604 C  C3  . GOL C 3 .  ? -8.322  -6.489  -6.964  1.00 36.47 ? 102 GOL A C3  1 
HETATM 605 O  O3  . GOL C 3 .  ? -7.897  -6.002  -5.716  1.00 50.73 ? 102 GOL A O3  1 
HETATM 606 C  C1  . GOL D 3 .  ? -6.593  -13.355 8.093   1.00 50.58 ? 103 GOL A C1  1 
HETATM 607 O  O1  . GOL D 3 .  ? -5.657  -12.557 7.398   1.00 58.80 ? 103 GOL A O1  1 
HETATM 608 C  C2  . GOL D 3 .  ? -7.340  -12.509 9.119   1.00 44.41 ? 103 GOL A C2  1 
HETATM 609 O  O2  . GOL D 3 .  ? -7.460  -11.166 8.711   1.00 46.56 ? 103 GOL A O2  1 
HETATM 610 C  C3  . GOL D 3 .  ? -6.665  -12.579 10.479  1.00 42.06 ? 103 GOL A C3  1 
HETATM 611 O  O3  . GOL D 3 .  ? -7.515  -11.953 11.411  1.00 42.05 ? 103 GOL A O3  1 
HETATM 612 C  C1  . GOL E 3 .  ? 12.091  -7.227  2.122   1.00 40.21 ? 104 GOL A C1  1 
HETATM 613 O  O1  . GOL E 3 .  ? 10.897  -7.932  1.910   1.00 40.03 ? 104 GOL A O1  1 
HETATM 614 C  C2  . GOL E 3 .  ? 12.732  -8.070  3.164   1.00 42.56 ? 104 GOL A C2  1 
HETATM 615 O  O2  . GOL E 3 .  ? 11.680  -8.914  3.591   1.00 47.32 ? 104 GOL A O2  1 
HETATM 616 C  C3  . GOL E 3 .  ? 13.167  -7.174  4.288   1.00 48.58 ? 104 GOL A C3  1 
HETATM 617 O  O3  . GOL E 3 .  ? 14.182  -7.850  5.020   1.00 65.58 ? 104 GOL A O3  1 
HETATM 618 O  O   . HOH F 4 .  ? -8.996  -9.352  4.216   1.00 16.40 ? 201 HOH A O   1 
HETATM 619 O  O   . HOH F 4 .  ? -2.473  -1.659  11.630  1.00 18.67 ? 202 HOH A O   1 
HETATM 620 O  O   . HOH F 4 .  ? -1.121  5.029   8.226   1.00 22.75 ? 203 HOH A O   1 
HETATM 621 O  O   . HOH F 4 .  ? 1.300   5.016   9.527   1.00 25.07 ? 204 HOH A O   1 
HETATM 622 O  O   . HOH F 4 .  ? 10.346  -1.563  9.289   1.00 22.21 ? 205 HOH A O   1 
HETATM 623 O  O   . HOH F 4 .  ? -3.723  -11.904 3.136   1.00 23.89 ? 206 HOH A O   1 
HETATM 624 O  O   . HOH F 4 .  ? 4.228   8.214   9.986   1.00 23.56 ? 207 HOH A O   1 
HETATM 625 O  O   . HOH F 4 .  ? -10.847 -4.928  -1.325  1.00 20.30 ? 208 HOH A O   1 
HETATM 626 O  O   . HOH F 4 .  ? 4.415   -2.436  -7.588  1.00 22.82 ? 209 HOH A O   1 
HETATM 627 O  O   . HOH F 4 .  ? 11.360  2.245   2.650   1.00 22.05 ? 210 HOH A O   1 
HETATM 628 O  O   . HOH F 4 .  ? -12.753 -1.522  4.768   1.00 27.11 ? 211 HOH A O   1 
HETATM 629 O  O   . HOH F 4 .  ? -10.577 0.342   -6.051  1.00 21.41 ? 212 HOH A O   1 
HETATM 630 O  O   . HOH F 4 .  ? -8.570  -4.862  10.256  1.00 36.86 ? 213 HOH A O   1 
HETATM 631 O  O   . HOH F 4 .  ? -1.685  12.561  -2.712  1.00 24.39 ? 214 HOH A O   1 
HETATM 632 O  O   . HOH F 4 .  ? 2.296   10.808  7.938   1.00 35.61 ? 215 HOH A O   1 
HETATM 633 O  O   . HOH F 4 .  ? -8.384  5.382   9.164   1.00 43.73 ? 216 HOH A O   1 
HETATM 634 O  O   . HOH F 4 .  ? -8.276  4.704   6.195   1.00 35.18 ? 217 HOH A O   1 
HETATM 635 O  O   . HOH F 4 .  ? 9.449   -10.331 3.371   1.00 20.81 ? 218 HOH A O   1 
HETATM 636 O  O   . HOH F 4 .  ? 2.208   -5.223  10.543  1.00 20.92 ? 219 HOH A O   1 
HETATM 637 O  O   . HOH F 4 .  ? 1.381   -9.873  6.326   1.00 27.77 ? 220 HOH A O   1 
HETATM 638 O  O   . HOH F 4 .  ? 6.337   1.105   -18.054 1.00 21.66 ? 221 HOH A O   1 
HETATM 639 O  O   . HOH F 4 .  ? 2.363   8.884   -7.744  0.50 29.87 ? 222 HOH A O   1 
HETATM 640 O  O   . HOH F 4 .  ? -14.528 -0.607  -5.874  1.00 28.49 ? 223 HOH A O   1 
HETATM 641 O  O   . HOH F 4 .  ? 1.679   -3.929  -6.244  1.00 24.76 ? 224 HOH A O   1 
HETATM 642 O  O   . HOH F 4 .  ? -7.147  10.164  -3.747  1.00 25.33 ? 225 HOH A O   1 
HETATM 643 O  O   . HOH F 4 .  ? -1.001  5.129   -10.874 1.00 31.00 ? 226 HOH A O   1 
HETATM 644 O  O   . HOH F 4 .  ? -4.723  12.413  3.345   1.00 24.42 ? 227 HOH A O   1 
HETATM 645 O  O   . HOH F 4 .  ? -11.188 -3.005  9.062   1.00 32.72 ? 228 HOH A O   1 
HETATM 646 O  O   . HOH F 4 .  ? 4.255   5.943   -8.267  1.00 43.70 ? 229 HOH A O   1 
HETATM 647 O  O   . HOH F 4 .  ? 6.403   -5.039  -6.857  1.00 41.42 ? 230 HOH A O   1 
HETATM 648 O  O   . HOH F 4 .  ? 4.551   -4.714  12.029  1.00 34.86 ? 231 HOH A O   1 
HETATM 649 O  O   . HOH F 4 .  ? 9.019   8.965   -4.560  1.00 44.19 ? 232 HOH A O   1 
HETATM 650 O  O   . HOH F 4 .  ? 6.280   6.827   -6.508  1.00 34.74 ? 233 HOH A O   1 
HETATM 651 O  O   . HOH F 4 .  ? 5.193   8.781   -7.163  1.00 39.96 ? 234 HOH A O   1 
HETATM 652 O  O   . HOH F 4 .  ? -7.071  -8.980  5.835   1.00 25.01 ? 235 HOH A O   1 
HETATM 653 O  O   . HOH F 4 .  ? -5.762  -11.171 4.978   1.00 30.74 ? 236 HOH A O   1 
HETATM 654 O  O   . HOH F 4 .  ? -13.757 -7.299  9.039   1.00 27.17 ? 237 HOH A O   1 
HETATM 655 O  O   . HOH F 4 .  ? -2.266  -12.944 4.954   1.00 30.66 ? 238 HOH A O   1 
HETATM 656 O  O   . HOH F 4 .  ? -3.951  10.659  -5.233  1.00 38.82 ? 239 HOH A O   1 
HETATM 657 O  O   . HOH F 4 .  ? 6.050   -2.744  12.106  1.00 41.12 ? 240 HOH A O   1 
HETATM 658 O  O   . HOH F 4 .  ? 0.377   0.539   -13.419 1.00 40.09 ? 241 HOH A O   1 
HETATM 659 O  O   . HOH F 4 .  ? -8.731  -8.973  -10.368 1.00 38.34 ? 242 HOH A O   1 
HETATM 660 O  O   . HOH F 4 .  ? 1.463   2.708   -13.874 1.00 38.57 ? 243 HOH A O   1 
HETATM 661 O  O   . HOH F 4 .  ? 5.471   15.655  -2.603  0.50 38.24 ? 244 HOH A O   1 
HETATM 662 O  O   . HOH F 4 .  ? -9.770  7.574   0.512   1.00 40.51 ? 245 HOH A O   1 
HETATM 663 O  O   . HOH F 4 .  ? 19.130  -5.702  0.890   1.00 43.79 ? 246 HOH A O   1 
HETATM 664 O  O   . HOH F 4 .  ? 3.694   -9.299  7.779   1.00 47.01 ? 247 HOH A O   1 
HETATM 665 O  O   . HOH F 4 .  ? -6.370  -0.460  12.891  1.00 44.97 ? 248 HOH A O   1 
HETATM 666 O  O   . HOH F 4 .  ? -10.835 -8.857  -11.785 1.00 39.72 ? 249 HOH A O   1 
HETATM 667 O  O   . HOH F 4 .  ? 6.588   -6.470  9.964   1.00 40.62 ? 250 HOH A O   1 
HETATM 668 O  O   . HOH F 4 .  ? 3.078   12.490  9.836   1.00 42.59 ? 251 HOH A O   1 
HETATM 669 O  O   . HOH F 4 .  ? -12.151 8.316   3.897   1.00 41.68 ? 252 HOH A O   1 
HETATM 670 O  O   . HOH F 4 .  ? 4.212   -6.787  8.337   1.00 38.16 ? 253 HOH A O   1 
HETATM 671 O  O   . HOH F 4 .  ? 18.397  -3.980  -1.402  1.00 48.82 ? 254 HOH A O   1 
HETATM 672 O  O   . HOH F 4 .  ? 12.890  8.482   0.532   1.00 45.36 ? 255 HOH A O   1 
HETATM 673 O  O   . HOH F 4 .  ? 4.301   -3.195  14.068  1.00 47.00 ? 256 HOH A O   1 
HETATM 674 O  O   . HOH F 4 .  ? 9.574   0.583   9.231   0.44 47.28 ? 257 HOH A O   1 
HETATM 675 O  O   . HOH F 4 .  ? -9.600  5.228   4.070   1.00 41.13 ? 258 HOH A O   1 
HETATM 676 O  O   . HOH F 4 .  ? 12.224  -6.882  -0.452  1.00 35.25 ? 259 HOH A O   1 
HETATM 677 O  O   . HOH F 4 .  ? 14.277  -7.611  0.914   1.00 51.03 ? 260 HOH A O   1 
HETATM 678 O  O   . HOH F 4 .  ? 13.166  3.604   3.080   0.50 39.25 ? 261 HOH A O   1 
HETATM 679 O  O   . HOH F 4 .  ? -9.073  -5.372  -9.737  1.00 41.35 ? 262 HOH A O   1 
HETATM 680 O  O   . HOH F 4 .  ? -15.090 4.476   3.134   1.00 34.74 ? 263 HOH A O   1 
HETATM 681 O  O   . HOH F 4 .  ? 1.007   -6.713  12.255  1.00 42.93 ? 264 HOH A O   1 
HETATM 682 O  O   . HOH F 4 .  ? -14.242 2.045   -9.117  1.00 49.52 ? 265 HOH A O   1 
HETATM 683 O  O   . HOH F 4 .  ? -15.402 1.233   3.775   1.00 36.18 ? 266 HOH A O   1 
# 
loop_
_atom_site_anisotrop.id 
_atom_site_anisotrop.type_symbol 
_atom_site_anisotrop.pdbx_label_atom_id 
_atom_site_anisotrop.pdbx_label_alt_id 
_atom_site_anisotrop.pdbx_label_comp_id 
_atom_site_anisotrop.pdbx_label_asym_id 
_atom_site_anisotrop.pdbx_label_seq_id 
_atom_site_anisotrop.pdbx_PDB_ins_code 
_atom_site_anisotrop.U[1][1] 
_atom_site_anisotrop.U[2][2] 
_atom_site_anisotrop.U[3][3] 
_atom_site_anisotrop.U[1][2] 
_atom_site_anisotrop.U[1][3] 
_atom_site_anisotrop.U[2][3] 
_atom_site_anisotrop.pdbx_auth_seq_id 
_atom_site_anisotrop.pdbx_auth_comp_id 
_atom_site_anisotrop.pdbx_auth_asym_id 
_atom_site_anisotrop.pdbx_auth_atom_id 
1   N  N   . ALA A 3  ? 0.5084 0.7982 0.6369 -0.1468 0.1531  0.0740  0  ALA A N   
2   C  CA  . ALA A 3  ? 0.4159 0.7136 0.5550 -0.1447 0.1266  0.0745  0  ALA A CA  
3   C  C   . ALA A 3  ? 0.4762 0.7590 0.5904 -0.1326 0.1216  0.0712  0  ALA A C   
4   O  O   . ALA A 3  ? 0.6931 0.9584 0.7826 -0.1268 0.1380  0.0677  0  ALA A O   
5   C  CB  . ALA A 3  ? 0.3617 0.6444 0.4914 -0.1651 0.1096  0.0834  0  ALA A CB  
6   N  N   A MSE A 4  ? 0.3950 0.6836 0.5163 -0.1292 0.0996  0.0714  1  MSE A N   
7   N  N   B MSE A 4  ? 0.3927 0.6813 0.5137 -0.1289 0.0997  0.0713  1  MSE A N   
8   C  CA  A MSE A 4  ? 0.4133 0.6907 0.5141 -0.1178 0.0938  0.0687  1  MSE A CA  
9   C  CA  B MSE A 4  ? 0.4211 0.6981 0.5213 -0.1170 0.0950  0.0684  1  MSE A CA  
10  C  C   A MSE A 4  ? 0.3771 0.6240 0.4429 -0.1323 0.0814  0.0761  1  MSE A C   
11  C  C   B MSE A 4  ? 0.3752 0.6249 0.4442 -0.1305 0.0799  0.0754  1  MSE A C   
12  O  O   A MSE A 4  ? 0.3589 0.5973 0.4272 -0.1476 0.0687  0.0839  1  MSE A O   
13  O  O   B MSE A 4  ? 0.3695 0.6118 0.4463 -0.1412 0.0631  0.0807  1  MSE A O   
14  C  CB  A MSE A 4  ? 0.3995 0.7020 0.5291 -0.1029 0.0779  0.0641  1  MSE A CB  
15  C  CB  B MSE A 4  ? 0.4037 0.7073 0.5334 -0.0991 0.0830  0.0631  1  MSE A CB  
16  C  CG  A MSE A 4  ? 0.4308 0.7239 0.5651 -0.1098 0.0529  0.0634  1  MSE A CG  
17  C  CG  B MSE A 4  ? 0.4160 0.7329 0.5696 -0.1048 0.0606  0.0619  1  MSE A CG  
18  SE SE  A MSE A 4  ? 0.2995 0.5922 0.4336 -0.0886 0.0343  0.0536  1  MSE A SE  
19  SE SE  B MSE A 4  ? 0.4446 0.7503 0.5892 -0.0879 0.0382  0.0537  1  MSE A SE  
20  C  CE  A MSE A 4  ? 0.1596 0.5013 0.3400 -0.0839 0.0261  0.0470  1  MSE A CE  
21  C  CE  B MSE A 4  ? 0.1997 0.4556 0.3028 -0.1008 0.0322  0.0602  1  MSE A CE  
22  N  N   . GLN A 5  ? 0.3006 0.5275 0.3351 -0.1265 0.0840  0.0738  2  GLN A N   
23  C  CA  . GLN A 5  ? 0.3256 0.5236 0.3292 -0.1365 0.0682  0.0809  2  GLN A CA  
24  C  C   . GLN A 5  ? 0.2730 0.4635 0.2724 -0.1196 0.0565  0.0743  2  GLN A C   
25  O  O   . GLN A 5  ? 0.3047 0.5031 0.3051 -0.1051 0.0685  0.0660  2  GLN A O   
26  C  CB  . GLN A 5  ? 0.3791 0.5497 0.3413 -0.1472 0.0788  0.0828  2  GLN A CB  
27  C  CG  . GLN A 5  ? 0.4892 0.6569 0.4500 -0.1627 0.0844  0.0898  2  GLN A CG  
28  C  CD  . GLN A 5  ? 0.5929 0.7357 0.5118 -0.1725 0.0922  0.0904  2  GLN A CD  
29  O  OE1 . GLN A 5  ? 0.6600 0.7834 0.5512 -0.1796 0.0767  0.0965  2  GLN A OE1 
30  N  NE2 . GLN A 5  ? 0.4767 0.6232 0.3934 -0.1728 0.1157  0.0841  2  GLN A NE2 
31  N  N   . ARG A 6  ? 0.2661 0.4413 0.2639 -0.1215 0.0342  0.0787  3  ARG A N   
32  C  CA  . ARG A 6  ? 0.2373 0.4073 0.2342 -0.1069 0.0232  0.0723  3  ARG A CA  
33  C  C   . ARG A 6  ? 0.2556 0.4052 0.2136 -0.1121 0.0267  0.0750  3  ARG A C   
34  O  O   . ARG A 6  ? 0.3878 0.5222 0.3188 -0.1303 0.0264  0.0852  3  ARG A O   
35  C  CB  . ARG A 6  ? 0.2270 0.3910 0.2446 -0.1055 0.0001  0.0738  3  ARG A CB  
36  C  CG  . ARG A 6  ? 0.2133 0.3954 0.2674 -0.1033 -0.0043 0.0680  3  ARG A CG  
37  C  CD  . ARG A 6  ? 0.2046 0.3788 0.2793 -0.0995 -0.0232 0.0638  3  ARG A CD  
38  N  NE  . ARG A 6  ? 0.3194 0.4675 0.3874 -0.1101 -0.0351 0.0773  3  ARG A NE  
39  C  CZ  . ARG A 6  ? 0.2421 0.3794 0.3251 -0.1226 -0.0421 0.0863  3  ARG A CZ  
40  N  NH1 . ARG A 6  ? 0.2402 0.3907 0.3453 -0.1275 -0.0375 0.0807  3  ARG A NH1 
41  N  NH2 . ARG A 6  ? 0.2883 0.4023 0.3666 -0.1308 -0.0545 0.1023  3  ARG A NH2 
42  N  N   . GLN A 7  ? 0.2418 0.3919 0.1959 -0.0978 0.0299  0.0662  4  GLN A N   
43  C  CA  . GLN A 7  ? 0.2577 0.3893 0.1778 -0.1026 0.0319  0.0659  4  GLN A CA  
44  C  C   . GLN A 7  ? 0.2465 0.3708 0.1718 -0.0991 0.0093  0.0687  4  GLN A C   
45  O  O   . GLN A 7  ? 0.2203 0.3556 0.1723 -0.0842 0.0017  0.0626  4  GLN A O   
46  C  CB  . GLN A 7  ? 0.2606 0.3944 0.1755 -0.0900 0.0512  0.0550  4  GLN A CB  
47  C  CG  . GLN A 7  ? 0.4261 0.5677 0.3483 -0.0865 0.0749  0.0500  4  GLN A CG  
48  C  CD  . GLN A 7  ? 0.7531 0.8884 0.6773 -0.0696 0.0911  0.0403  4  GLN A CD  
49  O  OE1 . GLN A 7  ? 0.7601 0.9159 0.7104 -0.0534 0.0918  0.0396  4  GLN A OE1 
50  N  NE2 . GLN A 7  ? 0.8234 0.9315 0.7218 -0.0731 0.1029  0.0342  4  GLN A NE2 
51  N  N   . PRO A 8  ? 0.2684 0.3765 0.1689 -0.1135 -0.0013 0.0780  5  PRO A N   
52  C  CA  . PRO A 8  ? 0.2571 0.3615 0.1689 -0.1083 -0.0219 0.0809  5  PRO A CA  
53  C  C   . PRO A 8  ? 0.2407 0.3479 0.1511 -0.0948 -0.0162 0.0688  5  PRO A C   
54  O  O   . PRO A 8  ? 0.2510 0.3536 0.1384 -0.0960 0.0015  0.0622  5  PRO A O   
55  C  CB  . PRO A 8  ? 0.3391 0.4294 0.2221 -0.1286 -0.0336 0.0958  5  PRO A CB  
56  C  CG  . PRO A 8  ? 0.4247 0.5112 0.2912 -0.1435 -0.0238 0.1016  5  PRO A CG  
57  C  CD  . PRO A 8  ? 0.3053 0.4004 0.1730 -0.1346 0.0016  0.0868  5  PRO A CD  
58  N  N   . VAL A 9  ? 0.2181 0.3319 0.1544 -0.0824 -0.0287 0.0653  6  VAL A N   
59  C  CA  . VAL A 9  ? 0.2048 0.3211 0.1399 -0.0713 -0.0245 0.0560  6  VAL A CA  
60  C  C   . VAL A 9  ? 0.2836 0.3985 0.2307 -0.0713 -0.0427 0.0595  6  VAL A C   
61  O  O   . VAL A 9  ? 0.2365 0.3503 0.2019 -0.0751 -0.0584 0.0682  6  VAL A O   
62  C  CB  . VAL A 9  ? 0.1794 0.3125 0.1375 -0.0534 -0.0168 0.0455  6  VAL A CB  
63  C  CG1 . VAL A 9  ? 0.1828 0.3220 0.1368 -0.0513 0.0007  0.0436  6  VAL A CG1 
64  C  CG2 . VAL A 9  ? 0.1638 0.3076 0.1544 -0.0479 -0.0300 0.0433  6  VAL A CG2 
65  N  N   A SER A 10 ? 0.2099 0.3248 0.1505 -0.0670 -0.0399 0.0537  7  SER A N   
66  N  N   B SER A 10 ? 0.2064 0.3215 0.1471 -0.0668 -0.0398 0.0536  7  SER A N   
67  C  CA  A SER A 10 ? 0.2234 0.3417 0.1812 -0.0655 -0.0552 0.0559  7  SER A CA  
68  C  CA  B SER A 10 ? 0.2267 0.3449 0.1839 -0.0653 -0.0546 0.0555  7  SER A CA  
69  C  C   A SER A 10 ? 0.2075 0.3397 0.1939 -0.0484 -0.0529 0.0444  7  SER A C   
70  C  C   B SER A 10 ? 0.2076 0.3400 0.1940 -0.0482 -0.0528 0.0443  7  SER A C   
71  O  O   A SER A 10 ? 0.2244 0.3612 0.2031 -0.0403 -0.0398 0.0360  7  SER A O   
72  O  O   B SER A 10 ? 0.2224 0.3595 0.2017 -0.0400 -0.0399 0.0358  7  SER A O   
73  C  CB  A SER A 10 ? 0.2588 0.3695 0.1916 -0.0756 -0.0551 0.0572  7  SER A CB  
74  C  CB  B SER A 10 ? 0.2423 0.3529 0.1736 -0.0747 -0.0529 0.0560  7  SER A CB  
75  O  OG  A SER A 10 ? 0.1981 0.3165 0.1533 -0.0742 -0.0703 0.0604  7  SER A OG  
76  O  OG  B SER A 10 ? 0.2633 0.3610 0.1595 -0.0931 -0.0511 0.0627  7  SER A OG  
77  N  N   . SER A 11 ? 0.1752 0.3136 0.1944 -0.0436 -0.0648 0.0444  8  SER A N   
78  C  CA  . SER A 11 ? 0.1364 0.2885 0.1810 -0.0301 -0.0617 0.0310  8  SER A CA  
79  C  C   . SER A 11 ? 0.1716 0.3250 0.2535 -0.0277 -0.0746 0.0314  8  SER A C   
80  O  O   . SER A 11 ? 0.2093 0.3534 0.3015 -0.0341 -0.0855 0.0427  8  SER A O   
81  C  CB  . SER A 11 ? 0.1288 0.2887 0.1741 -0.0249 -0.0526 0.0235  8  SER A CB  
82  O  OG  . SER A 11 ? 0.1505 0.3239 0.2191 -0.0159 -0.0521 0.0100  8  SER A OG  
83  N  N   . SER A 12 ? 0.1655 0.3301 0.2692 -0.0184 -0.0722 0.0193  9  SER A N   
84  C  CA  . SER A 12 ? 0.1928 0.3585 0.3384 -0.0139 -0.0808 0.0167  9  SER A CA  
85  C  C   . SER A 12 ? 0.2616 0.4248 0.4263 -0.0114 -0.0794 0.0077  9  SER A C   
86  O  O   . SER A 12 ? 0.2666 0.4240 0.4680 -0.0089 -0.0862 0.0071  9  SER A O   
87  C  CB  . SER A 12 ? 0.1574 0.3370 0.3209 -0.0057 -0.0749 0.0039  9  SER A CB  
88  O  OG  . SER A 12 ? 0.2269 0.4181 0.3823 0.0001  -0.0613 -0.0139 9  SER A OG  
89  N  N   . ARG A 13 ? 0.1627 0.3306 0.3059 -0.0123 -0.0708 0.0012  10 ARG A N   
90  C  CA  . ARG A 13 ? 0.1239 0.2928 0.2842 -0.0121 -0.0692 -0.0097 10 ARG A CA  
91  C  C   . ARG A 13 ? 0.1302 0.2925 0.2762 -0.0204 -0.0704 0.0001  10 ARG A C   
92  O  O   . ARG A 13 ? 0.1374 0.2951 0.3021 -0.0239 -0.0729 -0.0038 10 ARG A O   
93  C  CB  . ARG A 13 ? 0.1484 0.3361 0.3036 -0.0068 -0.0584 -0.0297 10 ARG A CB  
94  C  CG  . ARG A 13 ? 0.2305 0.4257 0.4027 -0.0001 -0.0544 -0.0425 10 ARG A CG  
95  C  CD  . ARG A 13 ? 0.1705 0.3857 0.3231 0.0026  -0.0438 -0.0557 10 ARG A CD  
96  N  NE  . ARG A 13 ? 0.1645 0.3897 0.3172 -0.0007 -0.0411 -0.0698 10 ARG A NE  
97  C  CZ  . ARG A 13 ? 0.2598 0.5059 0.3929 -0.0007 -0.0345 -0.0790 10 ARG A CZ  
98  N  NH1 . ARG A 13 ? 0.3063 0.5608 0.4187 0.0034  -0.0288 -0.0742 10 ARG A NH1 
99  N  NH2 . ARG A 13 ? 0.2496 0.5074 0.3824 -0.0064 -0.0343 -0.0914 10 ARG A NH2 
100 N  N   . ILE A 14 ? 0.1764 0.1683 0.2205 0.0144  -0.0514 0.0124  11 ILE A N   
101 C  CA  . ILE A 14 ? 0.1522 0.1376 0.1746 0.0063  -0.0509 0.0212  11 ILE A CA  
102 C  C   . ILE A 14 ? 0.1689 0.1607 0.1762 -0.0019 -0.0593 0.0332  11 ILE A C   
103 O  O   . ILE A 14 ? 0.1953 0.1977 0.1984 -0.0035 -0.0603 0.0284  11 ILE A O   
104 C  CB  . ILE A 14 ? 0.1745 0.1615 0.1797 0.0049  -0.0355 0.0123  11 ILE A CB  
105 C  CG1 . ILE A 14 ? 0.1129 0.0948 0.1270 0.0142  -0.0294 0.0023  11 ILE A CG1 
106 C  CG2 . ILE A 14 ? 0.1883 0.1757 0.1739 -0.0032 -0.0334 0.0195  11 ILE A CG2 
107 C  CD1 . ILE A 14 ? 0.1466 0.1308 0.1461 0.0162  -0.0158 -0.0055 11 ILE A CD1 
108 N  N   . LEU A 15 ? 0.1776 0.1646 0.1773 -0.0074 -0.0660 0.0493  12 LEU A N   
109 C  CA  . LEU A 15 ? 0.1614 0.1585 0.1414 -0.0142 -0.0705 0.0609  12 LEU A CA  
110 C  C   . LEU A 15 ? 0.1726 0.1814 0.1240 -0.0209 -0.0586 0.0598  12 LEU A C   
111 O  O   . LEU A 15 ? 0.2031 0.2249 0.1361 -0.0219 -0.0579 0.0553  12 LEU A O   
112 C  CB  . LEU A 15 ? 0.1976 0.1860 0.1872 -0.0163 -0.0781 0.0772  12 LEU A CB  
113 C  CG  . LEU A 15 ? 0.3045 0.2839 0.3214 -0.0088 -0.0904 0.0767  12 LEU A CG  
114 C  CD1 . LEU A 15 ? 0.4036 0.3714 0.4310 -0.0125 -0.0978 0.0928  12 LEU A CD1 
115 C  CD2 . LEU A 15 ? 0.3653 0.3573 0.3774 -0.0055 -0.0980 0.0739  12 LEU A CD2 
116 N  N   . SER A 16 ? 0.1689 0.1745 0.1196 -0.0239 -0.0496 0.0608  13 SER A N   
117 C  CA  . SER A 16 ? 0.1596 0.1792 0.0902 -0.0283 -0.0364 0.0569  13 SER A CA  
118 C  C   . SER A 16 ? 0.1663 0.1824 0.1029 -0.0284 -0.0271 0.0509  13 SER A C   
119 O  O   . SER A 16 ? 0.1568 0.1585 0.1152 -0.0258 -0.0303 0.0511  13 SER A O   
120 C  CB  . SER A 16 ? 0.2263 0.2557 0.1490 -0.0344 -0.0351 0.0723  13 SER A CB  
121 O  OG  . SER A 16 ? 0.2610 0.2803 0.2032 -0.0396 -0.0390 0.0883  13 SER A OG  
122 N  N   . ILE A 17 ? 0.1621 0.1911 0.0853 -0.0283 -0.0153 0.0398  14 ILE A N   
123 C  CA  . ILE A 17 ? 0.1601 0.1882 0.0906 -0.0256 -0.0063 0.0296  14 ILE A CA  
124 C  C   . ILE A 17 ? 0.1801 0.2274 0.1033 -0.0289 0.0038  0.0291  14 ILE A C   
125 O  O   . ILE A 17 ? 0.1723 0.2276 0.0850 -0.0257 0.0068  0.0216  14 ILE A O   
126 C  CB  . ILE A 17 ? 0.1134 0.1336 0.0435 -0.0164 -0.0027 0.0109  14 ILE A CB  
127 C  CG1 . ILE A 17 ? 0.1476 0.1528 0.0907 -0.0116 -0.0092 0.0098  14 ILE A CG1 
128 C  CG2 . ILE A 17 ? 0.1265 0.1460 0.0629 -0.0115 0.0046  0.0016  14 ILE A CG2 
129 C  CD1 . ILE A 17 ? 0.1420 0.1420 0.0848 -0.0056 -0.0046 -0.0028 14 ILE A CD1 
130 N  N   . GLY A 18 ? 0.1452 0.1991 0.0797 -0.0341 0.0084  0.0352  15 GLY A N   
131 C  CA  . GLY A 18 ? 0.1468 0.2219 0.0819 -0.0355 0.0190  0.0321  15 GLY A CA  
132 C  C   . GLY A 18 ? 0.1300 0.2105 0.0781 -0.0321 0.0249  0.0202  15 GLY A C   
133 O  O   . GLY A 18 ? 0.1554 0.2164 0.1193 -0.0276 0.0175  0.0161  15 GLY A O   
134 N  N   . TYR A 19 ? 0.1360 0.2332 0.0860 -0.0281 0.0331  0.0103  16 TYR A N   
135 C  CA  . TYR A 19 ? 0.1149 0.2201 0.0809 -0.0229 0.0371  -0.0020 16 TYR A CA  
136 C  C   . TYR A 19 ? 0.1750 0.3071 0.1527 -0.0266 0.0461  -0.0008 16 TYR A C   
137 O  O   . TYR A 19 ? 0.1438 0.2846 0.1093 -0.0250 0.0505  -0.0019 16 TYR A O   
138 C  CB  . TYR A 19 ? 0.1950 0.2802 0.1559 -0.0079 0.0329  -0.0195 16 TYR A CB  
139 C  CG  . TYR A 19 ? 0.1534 0.2410 0.1297 0.0005  0.0325  -0.0308 16 TYR A CG  
140 C  CD1 . TYR A 19 ? 0.1478 0.2276 0.1343 0.0036  0.0266  -0.0330 16 TYR A CD1 
141 C  CD2 . TYR A 19 ? 0.2115 0.3070 0.1935 0.0067  0.0351  -0.0394 16 TYR A CD2 
142 C  CE1 . TYR A 19 ? 0.1731 0.2556 0.1735 0.0136  0.0230  -0.0438 16 TYR A CE1 
143 C  CE2 . TYR A 19 ? 0.2201 0.3175 0.2173 0.0151  0.0319  -0.0481 16 TYR A CE2 
144 C  CZ  . TYR A 19 ? 0.1704 0.2619 0.1763 0.0184  0.0254  -0.0496 16 TYR A CZ  
145 O  OH  . TYR A 19 ? 0.1900 0.2827 0.2093 0.0279  0.0190  -0.0576 16 TYR A OH  
146 N  N   . ASP A 20 ? 0.1226 0.2705 0.1283 -0.0318 0.0486  0.0007  17 ASP A N   
147 C  CA  . ASP A 20 ? 0.2098 0.3842 0.2345 -0.0355 0.0570  0.0018  17 ASP A CA  
148 C  C   . ASP A 20 ? 0.2216 0.4018 0.2612 -0.0221 0.0558  -0.0195 17 ASP A C   
149 O  O   . ASP A 20 ? 0.2052 0.3856 0.2695 -0.0206 0.0487  -0.0252 17 ASP A O   
150 C  CB  . ASP A 20 ? 0.1836 0.3657 0.2387 -0.0530 0.0559  0.0219  17 ASP A CB  
151 C  CG  . ASP A 20 ? 0.2761 0.4852 0.3552 -0.0586 0.0660  0.0253  17 ASP A CG  
152 O  OD1 . ASP A 20 ? 0.3484 0.5746 0.4219 -0.0485 0.0742  0.0113  17 ASP A OD1 
153 O  OD2 . ASP A 20 ? 0.2906 0.5005 0.3970 -0.0733 0.0645  0.0418  17 ASP A OD2 
154 N  N   . PRO A 21 ? 0.2323 0.4136 0.2591 -0.0110 0.0588  -0.0317 18 PRO A N   
155 C  CA  . PRO A 21 ? 0.2359 0.4144 0.2747 0.0029  0.0536  -0.0490 18 PRO A CA  
156 C  C   . PRO A 21 ? 0.2541 0.4596 0.3280 0.0007  0.0560  -0.0513 18 PRO A C   
157 O  O   . PRO A 21 ? 0.2938 0.4942 0.3816 0.0112  0.0469  -0.0630 18 PRO A O   
158 C  CB  . PRO A 21 ? 0.3259 0.5034 0.3496 0.0105  0.0567  -0.0577 18 PRO A CB  
159 C  CG  . PRO A 21 ? 0.3427 0.5394 0.3554 0.0003  0.0671  -0.0472 18 PRO A CG  
160 C  CD  . PRO A 21 ? 0.2547 0.4417 0.2603 -0.0114 0.0650  -0.0300 18 PRO A CD  
161 N  N   . ASP A 22 ? 0.2592 0.4903 0.3480 -0.0131 0.0665  -0.0381 19 ASP A N   
162 C  CA  . ASP A 22 ? 0.2964 0.5536 0.4253 -0.0176 0.0686  -0.0379 19 ASP A CA  
163 C  C   . ASP A 22 ? 0.2940 0.5435 0.4524 -0.0227 0.0546  -0.0367 19 ASP A C   
164 O  O   . ASP A 22 ? 0.2602 0.5148 0.4432 -0.0151 0.0452  -0.0489 19 ASP A O   
165 C  CB  . ASP A 22 ? 0.4401 0.7229 0.5788 -0.0326 0.0840  -0.0202 19 ASP A CB  
166 C  CG  . ASP A 22 ? 0.6661 0.9617 0.7787 -0.0255 0.0960  -0.0260 19 ASP A CG  
167 O  OD1 . ASP A 22 ? 0.6392 0.9313 0.7438 -0.0096 0.0924  -0.0459 19 ASP A OD1 
168 O  OD2 . ASP A 22 ? 0.7773 1.0857 0.8786 -0.0359 0.1076  -0.0108 19 ASP A OD2 
169 N  N   . ASN A 23 ? 0.1854 0.4202 0.3410 -0.0349 0.0503  -0.0234 20 ASN A N   
170 C  CA  . ASN A 23 ? 0.1326 0.3547 0.3169 -0.0403 0.0332  -0.0250 20 ASN A CA  
171 C  C   . ASN A 23 ? 0.0885 0.2725 0.2453 -0.0231 0.0180  -0.0382 20 ASN A C   
172 O  O   . ASN A 23 ? 0.1801 0.3426 0.3473 -0.0217 0.0013  -0.0423 20 ASN A O   
173 C  CB  . ASN A 23 ? 0.2298 0.4426 0.4257 -0.0617 0.0323  -0.0010 20 ASN A CB  
174 C  CG  . ASN A 23 ? 0.4074 0.6413 0.6158 -0.0754 0.0490  0.0177  20 ASN A CG  
175 O  OD1 . ASN A 23 ? 0.4459 0.7061 0.6712 -0.0718 0.0579  0.0122  20 ASN A OD1 
176 N  ND2 . ASN A 23 ? 0.4878 0.7069 0.6833 -0.0889 0.0522  0.0392  20 ASN A ND2 
177 N  N   . ARG A 24 ? 0.1195 0.2954 0.2413 -0.0099 0.0240  -0.0448 21 ARG A N   
178 C  CA  . ARG A 24 ? 0.1916 0.3326 0.2845 0.0044  0.0137  -0.0520 21 ARG A CA  
179 C  C   . ARG A 24 ? 0.1560 0.2695 0.2402 -0.0028 0.0055  -0.0417 21 ARG A C   
180 O  O   . ARG A 24 ? 0.1276 0.2201 0.2077 0.0058  -0.0075 -0.0487 21 ARG A O   
181 C  CB  . ARG A 24 ? 0.1428 0.2804 0.2453 0.0202  0.0002  -0.0675 21 ARG A CB  
182 C  CG  . ARG A 24 ? 0.2290 0.3931 0.3505 0.0270  0.0037  -0.0775 21 ARG A CG  
183 C  CD  . ARG A 24 ? 0.3114 0.4699 0.4077 0.0331  0.0135  -0.0780 21 ARG A CD  
184 N  NE  . ARG A 24 ? 0.4448 0.6097 0.5511 0.0431  0.0089  -0.0872 21 ARG A NE  
185 C  CZ  . ARG A 24 ? 0.4866 0.6818 0.6212 0.0399  0.0142  -0.0911 21 ARG A CZ  
186 N  NH1 . ARG A 24 ? 0.5342 0.7553 0.6894 0.0244  0.0248  -0.0828 21 ARG A NH1 
187 N  NH2 . ARG A 24 ? 0.4092 0.6089 0.5530 0.0509  0.0087  -0.1007 21 ARG A NH2 
188 N  N   A MSE A 25 ? 0.0945 0.2101 0.1743 -0.0170 0.0132  -0.0254 22 MSE A N   
189 N  N   B MSE A 25 ? 0.1107 0.2262 0.1918 -0.0174 0.0128  -0.0251 22 MSE A N   
190 C  CA  A MSE A 25 ? 0.1021 0.1934 0.1804 -0.0241 0.0047  -0.0144 22 MSE A CA  
191 C  CA  B MSE A 25 ? 0.1071 0.1972 0.1854 -0.0235 0.0040  -0.0149 22 MSE A CA  
192 C  C   A MSE A 25 ? 0.1179 0.1953 0.1636 -0.0227 0.0092  -0.0073 22 MSE A C   
193 C  C   B MSE A 25 ? 0.1152 0.1925 0.1609 -0.0224 0.0092  -0.0076 22 MSE A C   
194 O  O   A MSE A 25 ? 0.1270 0.2201 0.1572 -0.0263 0.0207  -0.0019 22 MSE A O   
195 O  O   B MSE A 25 ? 0.1199 0.2132 0.1504 -0.0263 0.0208  -0.0020 22 MSE A O   
196 C  CB  A MSE A 25 ? 0.1033 0.2059 0.2119 -0.0433 0.0053  0.0030  22 MSE A CB  
197 C  CB  B MSE A 25 ? 0.1577 0.2555 0.2669 -0.0423 0.0026  0.0017  22 MSE A CB  
198 C  CG  A MSE A 25 ? 0.2479 0.3233 0.3650 -0.0505 -0.0068 0.0145  22 MSE A CG  
199 C  CG  B MSE A 25 ? 0.1645 0.2333 0.2766 -0.0473 -0.0090 0.0120  22 MSE A CG  
200 SE SE  A MSE A 25 ? 0.6146 0.7021 0.7847 -0.0752 -0.0096 0.0354  22 MSE A SE  
201 SE SE  B MSE A 25 ? 0.2547 0.3219 0.3398 -0.0582 0.0001  0.0390  22 MSE A SE  
202 C  CE  A MSE A 25 ? 0.5879 0.7038 0.7316 -0.0887 0.0140  0.0642  22 MSE A CE  
203 C  CE  B MSE A 25 ? 0.4772 0.5771 0.5920 -0.0822 0.0114  0.0653  22 MSE A CE  
204 N  N   . LEU A 26 ? 0.0915 0.1428 0.1281 -0.0163 -0.0002 -0.0098 23 LEU A N   
205 C  CA  . LEU A 26 ? 0.0918 0.1306 0.1040 -0.0144 0.0017  -0.0048 23 LEU A CA  
206 C  C   . LEU A 26 ? 0.1332 0.1589 0.1552 -0.0231 -0.0063 0.0092  23 LEU A C   
207 O  O   . LEU A 26 ? 0.1674 0.1804 0.2095 -0.0219 -0.0170 0.0057  23 LEU A O   
208 C  CB  . LEU A 26 ? 0.1035 0.1266 0.1011 0.0001  -0.0012 -0.0174 23 LEU A CB  
209 C  CG  . LEU A 26 ? 0.1242 0.1358 0.1039 0.0021  0.0003  -0.0141 23 LEU A CG  
210 C  CD1 . LEU A 26 ? 0.1636 0.1843 0.1270 0.0011  0.0091  -0.0150 23 LEU A CD1 
211 C  CD2 . LEU A 26 ? 0.1396 0.1385 0.1134 0.0143  -0.0024 -0.0230 23 LEU A CD2 
212 N  N   . GLU A 27 ? 0.1193 0.1480 0.1282 -0.0305 -0.0030 0.0237  24 GLU A N   
213 C  CA  . GLU A 27 ? 0.1207 0.1353 0.1405 -0.0374 -0.0129 0.0395  24 GLU A CA  
214 C  C   . GLU A 27 ? 0.1978 0.2013 0.2002 -0.0308 -0.0165 0.0386  24 GLU A C   
215 O  O   . GLU A 27 ? 0.1623 0.1762 0.1418 -0.0301 -0.0100 0.0381  24 GLU A O   
216 C  CB  . GLU A 27 ? 0.1442 0.1741 0.1674 -0.0534 -0.0086 0.0634  24 GLU A CB  
217 C  CG  . GLU A 27 ? 0.2116 0.2236 0.2552 -0.0621 -0.0212 0.0838  24 GLU A CG  
218 C  CD  . GLU A 27 ? 0.3008 0.3294 0.3491 -0.0753 -0.0153 0.1057  24 GLU A CD  
219 O  OE1 . GLU A 27 ? 0.2973 0.3322 0.3712 -0.0822 -0.0130 0.1069  24 GLU A OE1 
220 O  OE2 . GLU A 27 ? 0.2950 0.3317 0.3207 -0.0756 -0.0130 0.1168  24 GLU A OE2 
221 N  N   . ILE A 28 ? 0.1199 0.1043 0.1368 -0.0251 -0.0278 0.0358  25 ILE A N   
222 C  CA  . ILE A 28 ? 0.1177 0.0950 0.1257 -0.0179 -0.0311 0.0331  25 ILE A CA  
223 C  C   . ILE A 28 ? 0.1374 0.1019 0.1621 -0.0213 -0.0447 0.0480  25 ILE A C   
224 O  O   . ILE A 28 ? 0.1539 0.1040 0.2041 -0.0201 -0.0545 0.0470  25 ILE A O   
225 C  CB  . ILE A 28 ? 0.1059 0.0763 0.1161 -0.0042 -0.0307 0.0138  25 ILE A CB  
226 C  CG1 . ILE A 28 ? 0.0953 0.0744 0.0910 0.0001  -0.0201 0.0023  25 ILE A CG1 
227 C  CG2 . ILE A 28 ? 0.1350 0.1044 0.1410 0.0011  -0.0318 0.0126  25 ILE A CG2 
228 C  CD1 . ILE A 28 ? 0.1247 0.0998 0.1169 0.0131  -0.0181 -0.0120 25 ILE A CD1 
229 N  N   . GLN A 29 ? 0.1481 0.1174 0.1601 -0.0245 -0.0474 0.0606  26 GLN A N   
230 C  CA  . GLN A 29 ? 0.1655 0.1222 0.1935 -0.0246 -0.0621 0.0738  26 GLN A CA  
231 C  C   . GLN A 29 ? 0.1616 0.1147 0.1961 -0.0122 -0.0674 0.0607  26 GLN A C   
232 O  O   . GLN A 29 ? 0.2271 0.1917 0.2448 -0.0107 -0.0637 0.0572  26 GLN A O   
233 C  CB  . GLN A 29 ? 0.1801 0.1509 0.1920 -0.0340 -0.0608 0.0916  26 GLN A CB  
234 C  CG  . GLN A 29 ? 0.2007 0.1637 0.2264 -0.0326 -0.0734 0.1008  26 GLN A CG  
235 C  CD  . GLN A 29 ? 0.2762 0.2526 0.2814 -0.0398 -0.0724 0.1182  26 GLN A CD  
236 O  OE1 . GLN A 29 ? 0.2579 0.2520 0.2350 -0.0414 -0.0631 0.1160  26 GLN A OE1 
237 N  NE2 . GLN A 29 ? 0.3120 0.2805 0.3314 -0.0431 -0.0823 0.1343  26 GLN A NE2 
238 N  N   . PHE A 30 ? 0.1907 0.1326 0.2510 -0.0039 -0.0739 0.0494  27 PHE A N   
239 C  CA  . PHE A 30 ? 0.2080 0.1522 0.2780 0.0079  -0.0753 0.0351  27 PHE A CA  
240 C  C   . PHE A 30 ? 0.2944 0.2377 0.3748 0.0071  -0.0858 0.0443  27 PHE A C   
241 O  O   . PHE A 30 ? 0.3263 0.2624 0.4130 -0.0002 -0.0937 0.0588  27 PHE A O   
242 C  CB  . PHE A 30 ? 0.2158 0.1556 0.3025 0.0178  -0.0743 0.0145  27 PHE A CB  
243 C  CG  . PHE A 30 ? 0.1790 0.1220 0.2536 0.0216  -0.0642 0.0023  27 PHE A CG  
244 C  CD1 . PHE A 30 ? 0.1555 0.0917 0.2331 0.0167  -0.0661 0.0023  27 PHE A CD1 
245 C  CD2 . PHE A 30 ? 0.2018 0.1559 0.2637 0.0297  -0.0530 -0.0087 27 PHE A CD2 
246 C  CE1 . PHE A 30 ? 0.1958 0.1362 0.2614 0.0213  -0.0580 -0.0103 27 PHE A CE1 
247 C  CE2 . PHE A 30 ? 0.1550 0.1130 0.2019 0.0333  -0.0432 -0.0188 27 PHE A CE2 
248 C  CZ  . PHE A 30 ? 0.1771 0.1286 0.2246 0.0298  -0.0464 -0.0204 27 PHE A CZ  
249 N  N   . ARG A 31 ? 0.2237 0.2293 0.3379 0.0178  -0.0547 0.0549  28 ARG A N   
250 C  CA  . ARG A 31 ? 0.3204 0.3223 0.4554 0.0179  -0.0712 0.0652  28 ARG A CA  
251 C  C   . ARG A 31 ? 0.4093 0.4012 0.5543 0.0263  -0.0729 0.0659  28 ARG A C   
252 O  O   . ARG A 31 ? 0.5156 0.4919 0.6497 0.0200  -0.0873 0.0711  28 ARG A O   
253 C  CB  . ARG A 31 ? 0.3402 0.3596 0.5095 0.0217  -0.0711 0.0696  28 ARG A CB  
254 C  CG  . ARG A 31 ? 0.3628 0.3863 0.5245 0.0113  -0.0782 0.0728  28 ARG A CG  
255 C  CD  . ARG A 31 ? 0.3371 0.3681 0.5241 0.0083  -0.0849 0.0788  28 ARG A CD  
256 N  NE  . ARG A 31 ? 0.3443 0.3733 0.5192 -0.0032 -0.0941 0.0819  28 ARG A NE  
257 C  CZ  . ARG A 31 ? 0.3975 0.4116 0.5571 -0.0151 -0.1114 0.0872  28 ARG A CZ  
258 N  NH1 . ARG A 31 ? 0.3830 0.3843 0.5394 -0.0179 -0.1221 0.0909  28 ARG A NH1 
259 N  NH2 . ARG A 31 ? 0.5056 0.5150 0.6512 -0.0251 -0.1183 0.0885  28 ARG A NH2 
260 N  N   . GLU A 32 ? 0.4332 0.4321 0.5949 0.0391  -0.0573 0.0596  29 GLU A N   
261 C  CA  . GLU A 32 ? 0.3906 0.3795 0.5614 0.0483  -0.0554 0.0571  29 GLU A CA  
262 C  C   . GLU A 32 ? 0.3021 0.2744 0.4457 0.0495  -0.0486 0.0498  29 GLU A C   
263 O  O   . GLU A 32 ? 0.4735 0.4287 0.6150 0.0529  -0.0544 0.0501  29 GLU A O   
264 C  CB  . GLU A 32 ? 0.3851 0.3894 0.5850 0.0599  -0.0405 0.0526  29 GLU A CB  
265 C  CG  . GLU A 32 ? 0.6998 0.6954 0.8983 0.0723  -0.0259 0.0432  29 GLU A CG  
266 C  CD  . GLU A 32 ? 0.5798 0.5899 0.8032 0.0825  -0.0107 0.0387  29 GLU A CD  
267 O  OE1 . GLU A 32 ? 0.5090 0.5138 0.7470 0.0905  -0.0116 0.0376  29 GLU A OE1 
268 O  OE2 . GLU A 32 ? 0.5070 0.5326 0.7341 0.0821  0.0023  0.0362  29 GLU A OE2 
269 N  N   . GLN A 33 ? 0.2354 0.2118 0.3553 0.0448  -0.0370 0.0426  30 GLN A N   
270 C  CA  . GLN A 33 ? 0.2447 0.2085 0.3414 0.0460  -0.0283 0.0342  30 GLN A CA  
271 C  C   . GLN A 33 ? 0.1814 0.1356 0.2457 0.0330  -0.0338 0.0337  30 GLN A C   
272 O  O   . GLN A 33 ? 0.2304 0.1774 0.2768 0.0321  -0.0271 0.0273  30 GLN A O   
273 C  CB  . GLN A 33 ? 0.3555 0.3292 0.4510 0.0517  -0.0102 0.0260  30 GLN A CB  
274 C  CG  . GLN A 33 ? 0.4732 0.4504 0.5937 0.0658  0.0012  0.0230  30 GLN A CG  
275 C  CD  . GLN A 33 ? 0.4883 0.4674 0.5966 0.0695  0.0194  0.0141  30 GLN A CD  
276 O  OE1 . GLN A 33 ? 0.4791 0.4431 0.5605 0.0677  0.0229  0.0075  30 GLN A OE1 
277 N  NE2 . GLN A 33 ? 0.4169 0.4135 0.5439 0.0732  0.0299  0.0148  30 GLN A NE2 
278 N  N   . GLY A 34 ? 0.2481 0.2014 0.3042 0.0221  -0.0458 0.0404  31 GLY A N   
279 C  CA  . GLY A 34 ? 0.1990 0.1437 0.2259 0.0093  -0.0490 0.0401  31 GLY A CA  
280 C  C   . GLY A 34 ? 0.2016 0.1586 0.2148 0.0031  -0.0400 0.0347  31 GLY A C   
281 O  O   . GLY A 34 ? 0.2032 0.1736 0.2262 0.0063  -0.0349 0.0330  31 GLY A O   
282 N  N   . THR A 35 ? 0.1921 0.1447 0.1842 -0.0058 -0.0382 0.0324  32 THR A N   
283 C  CA  . THR A 35 ? 0.1746 0.1391 0.1568 -0.0115 -0.0301 0.0274  32 THR A CA  
284 C  C   . THR A 35 ? 0.1593 0.1273 0.1384 -0.0094 -0.0214 0.0207  32 THR A C   
285 O  O   . THR A 35 ? 0.1864 0.1441 0.1580 -0.0118 -0.0232 0.0209  32 THR A O   
286 C  CB  . THR A 35 ? 0.2220 0.1823 0.1841 -0.0255 -0.0344 0.0305  32 THR A CB  
287 O  OG1 . THR A 35 ? 0.2182 0.1721 0.1797 -0.0288 -0.0451 0.0373  32 THR A OG1 
288 C  CG2 . THR A 35 ? 0.2577 0.2310 0.2133 -0.0296 -0.0245 0.0240  32 THR A CG2 
289 N  N   . TYR A 36 ? 0.1408 0.1213 0.1254 -0.0055 -0.0135 0.0156  33 TYR A N   
290 C  CA  . TYR A 36 ? 0.1358 0.1192 0.1181 -0.0041 -0.0076 0.0103  33 TYR A CA  
291 C  C   . TYR A 36 ? 0.1360 0.1324 0.1171 -0.0089 -0.0031 0.0068  33 TYR A C   
292 O  O   . TYR A 36 ? 0.1551 0.1586 0.1391 -0.0089 -0.0018 0.0062  33 TYR A O   
293 C  CB  . TYR A 36 ? 0.1324 0.1167 0.1230 0.0060  -0.0027 0.0074  33 TYR A CB  
294 C  CG  . TYR A 36 ? 0.1805 0.1514 0.1725 0.0126  -0.0032 0.0080  33 TYR A CG  
295 C  CD1 . TYR A 36 ? 0.1459 0.1138 0.1489 0.0165  -0.0072 0.0124  33 TYR A CD1 
296 C  CD2 . TYR A 36 ? 0.2124 0.1727 0.1955 0.0153  -0.0003 0.0038  33 TYR A CD2 
297 C  CE1 . TYR A 36 ? 0.1582 0.1141 0.1665 0.0244  -0.0066 0.0120  33 TYR A CE1 
298 C  CE2 . TYR A 36 ? 0.1854 0.1309 0.1682 0.0223  0.0007  0.0026  33 TYR A CE2 
299 C  CZ  . TYR A 36 ? 0.1840 0.1283 0.1813 0.0277  -0.0015 0.0062  33 TYR A CZ  
300 O  OH  . TYR A 36 ? 0.1958 0.1255 0.1965 0.0365  0.0004  0.0041  33 TYR A OH  
301 N  N   . GLN A 37 ? 0.1411 0.1400 0.1198 -0.0123 -0.0014 0.0042  34 GLN A N   
302 C  CA  . GLN A 37 ? 0.1245 0.1371 0.1088 -0.0142 0.0032  0.0003  34 GLN A CA  
303 C  C   . GLN A 37 ? 0.1458 0.1598 0.1360 -0.0081 0.0035  -0.0024 34 GLN A C   
304 O  O   . GLN A 37 ? 0.1735 0.1773 0.1582 -0.0072 0.0007  -0.0020 34 GLN A O   
305 C  CB  . GLN A 37 ? 0.1629 0.1803 0.1448 -0.0239 0.0044  0.0005  34 GLN A CB  
306 C  CG  . GLN A 37 ? 0.2304 0.2454 0.2018 -0.0323 0.0050  0.0035  34 GLN A CG  
307 C  CD  . GLN A 37 ? 0.3697 0.3899 0.3382 -0.0434 0.0077  0.0046  34 GLN A CD  
308 O  OE1 . GLN A 37 ? 0.3427 0.3640 0.3166 -0.0454 0.0055  0.0053  34 GLN A OE1 
309 N  NE2 . GLN A 37 ? 0.3772 0.3999 0.3361 -0.0520 0.0125  0.0053  34 GLN A NE2 
310 N  N   . TYR A 38 ? 0.1427 0.1663 0.1412 -0.0047 0.0061  -0.0053 35 TYR A N   
311 C  CA  . TYR A 38 ? 0.1300 0.1539 0.1326 -0.0002 0.0048  -0.0068 35 TYR A CA  
312 C  C   . TYR A 38 ? 0.1161 0.1521 0.1303 -0.0027 0.0046  -0.0093 35 TYR A C   
313 O  O   . TYR A 38 ? 0.1033 0.1494 0.1252 -0.0032 0.0088  -0.0119 35 TYR A O   
314 C  CB  . TYR A 38 ? 0.0975 0.1213 0.1027 0.0058  0.0063  -0.0068 35 TYR A CB  
315 C  CG  . TYR A 38 ? 0.1313 0.1461 0.1309 0.0092  0.0075  -0.0042 35 TYR A CG  
316 C  CD1 . TYR A 38 ? 0.1593 0.1654 0.1525 0.0125  0.0086  -0.0041 35 TYR A CD1 
317 C  CD2 . TYR A 38 ? 0.1810 0.1951 0.1818 0.0087  0.0075  -0.0018 35 TYR A CD2 
318 C  CE1 . TYR A 38 ? 0.2232 0.2226 0.2146 0.0167  0.0126  -0.0028 35 TYR A CE1 
319 C  CE2 . TYR A 38 ? 0.1340 0.1419 0.1363 0.0131  0.0085  0.0008  35 TYR A CE2 
320 C  CZ  . TYR A 38 ? 0.2085 0.2104 0.2076 0.0178  0.0123  -0.0002 35 TYR A CZ  
321 O  OH  . TYR A 38 ? 0.2954 0.2928 0.2990 0.0233  0.0162  0.0012  35 TYR A OH  
322 N  N   . LEU A 39 ? 0.1083 0.1424 0.1241 -0.0043 -0.0006 -0.0086 36 LEU A N   
323 C  CA  . LEU A 39 ? 0.0992 0.1468 0.1316 -0.0073 -0.0021 -0.0097 36 LEU A CA  
324 C  C   . LEU A 39 ? 0.1342 0.1847 0.1775 -0.0022 -0.0066 -0.0107 36 LEU A C   
325 O  O   . LEU A 39 ? 0.1542 0.1924 0.1867 0.0002  -0.0115 -0.0089 36 LEU A O   
326 C  CB  . LEU A 39 ? 0.1438 0.1879 0.1740 -0.0147 -0.0080 -0.0069 36 LEU A CB  
327 C  CG  . LEU A 39 ? 0.2702 0.3072 0.2877 -0.0207 -0.0060 -0.0048 36 LEU A CG  
328 C  CD1 . LEU A 39 ? 0.2414 0.2743 0.2579 -0.0290 -0.0134 -0.0017 36 LEU A CD1 
329 C  CD2 . LEU A 39 ? 0.2726 0.3227 0.2964 -0.0239 0.0025  -0.0060 36 LEU A CD2 
330 N  N   . GLY A 40 ? 0.0942 0.1604 0.1588 -0.0007 -0.0045 -0.0136 37 GLY A N   
331 C  CA  . GLY A 40 ? 0.1526 0.2212 0.2316 0.0042  -0.0112 -0.0139 37 GLY A CA  
332 C  C   . GLY A 40 ? 0.1374 0.1985 0.2100 0.0105  -0.0102 -0.0152 37 GLY A C   
333 O  O   . GLY A 40 ? 0.1381 0.1908 0.2088 0.0129  -0.0182 -0.0127 37 GLY A O   
334 N  N   . VAL A 41 ? 0.1159 0.1787 0.1837 0.0119  -0.0014 -0.0184 38 VAL A N   
335 C  CA  . VAL A 41 ? 0.0948 0.1506 0.1569 0.0164  -0.0007 -0.0193 38 VAL A CA  
336 C  C   . VAL A 41 ? 0.1214 0.1845 0.2002 0.0212  0.0016  -0.0251 38 VAL A C   
337 O  O   . VAL A 41 ? 0.1127 0.1851 0.1975 0.0204  0.0101  -0.0303 38 VAL A O   
338 C  CB  . VAL A 41 ? 0.1003 0.1511 0.1468 0.0141  0.0049  -0.0185 38 VAL A CB  
339 C  CG1 . VAL A 41 ? 0.1259 0.1706 0.1690 0.0171  0.0044  -0.0185 38 VAL A CG1 
340 C  CG2 . VAL A 41 ? 0.0847 0.1274 0.1180 0.0113  0.0033  -0.0138 38 VAL A CG2 
341 N  N   . PRO A 42 ? 0.1008 0.1578 0.1854 0.0260  -0.0053 -0.0246 39 PRO A N   
342 C  CA  . PRO A 42 ? 0.1420 0.2026 0.2432 0.0323  -0.0041 -0.0308 39 PRO A CA  
343 C  C   . PRO A 42 ? 0.1401 0.1956 0.2304 0.0328  0.0034  -0.0359 39 PRO A C   
344 O  O   . PRO A 42 ? 0.1514 0.1986 0.2239 0.0292  0.0030  -0.0322 39 PRO A O   
345 C  CB  . PRO A 42 ? 0.1362 0.1866 0.2415 0.0356  -0.0165 -0.0266 39 PRO A CB  
346 C  CG  . PRO A 42 ? 0.1797 0.2189 0.2627 0.0305  -0.0199 -0.0192 39 PRO A CG  
347 C  CD  . PRO A 42 ? 0.0903 0.1349 0.1649 0.0255  -0.0145 -0.0180 39 PRO A CD  
348 N  N   . GLU A 43 ? 0.1326 0.1929 0.2343 0.0372  0.0100  -0.0445 40 GLU A N   
349 C  CA  . GLU A 43 ? 0.2002 0.2525 0.2870 0.0363  0.0169  -0.0504 40 GLU A CA  
350 C  C   . GLU A 43 ? 0.1630 0.1986 0.2386 0.0370  0.0082  -0.0471 40 GLU A C   
351 O  O   . GLU A 43 ? 0.1779 0.2050 0.2352 0.0324  0.0091  -0.0463 40 GLU A O   
352 C  CB  . GLU A 43 ? 0.2907 0.3484 0.3905 0.0419  0.0270  -0.0619 40 GLU A CB  
353 C  CG  . GLU A 43 ? 0.4120 0.4574 0.4904 0.0399  0.0345  -0.0694 40 GLU A CG  
354 C  CD  . GLU A 43 ? 0.6565 0.7067 0.7448 0.0452  0.0484  -0.0826 40 GLU A CD  
355 O  OE1 . GLU A 43 ? 0.7577 0.8236 0.8706 0.0490  0.0519  -0.0826 40 GLU A OE1 
356 O  OE2 . GLU A 43 ? 0.7503 0.7865 0.8183 0.0441  0.0547  -0.0904 40 GLU A OE2 
357 N  N   . ARG A 44 ? 0.1648 0.1952 0.2512 0.0415  -0.0016 -0.0441 41 ARG A N   
358 C  CA  . ARG A 44 ? 0.1513 0.1663 0.2277 0.0405  -0.0101 -0.0397 41 ARG A CA  
359 C  C   . ARG A 44 ? 0.1498 0.1630 0.2099 0.0330  -0.0112 -0.0308 41 ARG A C   
360 O  O   . ARG A 44 ? 0.1533 0.1577 0.2035 0.0298  -0.0137 -0.0284 41 ARG A O   
361 C  CB  . ARG A 44 ? 0.2456 0.2544 0.3343 0.0448  -0.0215 -0.0360 41 ARG A CB  
362 C  CG  . ARG A 44 ? 0.1974 0.1893 0.2756 0.0422  -0.0307 -0.0302 41 ARG A CG  
363 C  CD  . ARG A 44 ? 0.2300 0.2105 0.3018 0.0432  -0.0292 -0.0372 41 ARG A CD  
364 N  NE  . ARG A 44 ? 0.2230 0.1872 0.2877 0.0400  -0.0398 -0.0309 41 ARG A NE  
365 C  CZ  . ARG A 44 ? 0.2643 0.2141 0.3198 0.0383  -0.0422 -0.0342 41 ARG A CZ  
366 N  NH1 . ARG A 44 ? 0.2127 0.1610 0.2619 0.0398  -0.0345 -0.0443 41 ARG A NH1 
367 N  NH2 . ARG A 44 ? 0.3108 0.2463 0.3611 0.0339  -0.0528 -0.0269 41 ARG A NH2 
368 N  N   . ALA A 45 ? 0.1504 0.1722 0.2098 0.0306  -0.0095 -0.0262 42 ALA A N   
369 C  CA  . ALA A 45 ? 0.1393 0.1604 0.1867 0.0253  -0.0086 -0.0190 42 ALA A CA  
370 C  C   . ALA A 45 ? 0.1169 0.1385 0.1557 0.0219  -0.0038 -0.0206 42 ALA A C   
371 O  O   . ALA A 45 ? 0.1320 0.1500 0.1651 0.0185  -0.0057 -0.0154 42 ALA A O   
372 C  CB  . ALA A 45 ? 0.1127 0.1394 0.1590 0.0240  -0.0073 -0.0158 42 ALA A CB  
373 N  N   . HIS A 46 ? 0.1242 0.1506 0.1628 0.0217  0.0021  -0.0271 43 HIS A N   
374 C  CA  . HIS A 46 ? 0.1496 0.1736 0.1757 0.0168  0.0053  -0.0280 43 HIS A CA  
375 C  C   . HIS A 46 ? 0.1350 0.1473 0.1539 0.0156  0.0013  -0.0298 43 HIS A C   
376 O  O   . HIS A 46 ? 0.1562 0.1634 0.1662 0.0104  -0.0024 -0.0252 43 HIS A O   
377 C  CB  . HIS A 46 ? 0.1098 0.1400 0.1337 0.0152  0.0136  -0.0345 43 HIS A CB  
378 C  CG  . HIS A 46 ? 0.1430 0.1664 0.1488 0.0088  0.0160  -0.0359 43 HIS A CG  
379 N  ND1 . HIS A 46 ? 0.1857 0.2032 0.1820 0.0079  0.0220  -0.0449 43 HIS A ND1 
380 C  CD2 . HIS A 46 ? 0.1866 0.2058 0.1808 0.0025  0.0123  -0.0295 43 HIS A CD2 
381 C  CE1 . HIS A 46 ? 0.1990 0.2077 0.1746 -0.0003 0.0211  -0.0433 43 HIS A CE1 
382 N  NE2 . HIS A 46 ? 0.1845 0.1945 0.1604 -0.0034 0.0142  -0.0335 43 HIS A NE2 
383 N  N   . GLN A 47 ? 0.1255 0.1323 0.1493 0.0203  0.0007  -0.0364 44 GLN A N   
384 C  CA  . GLN A 47 ? 0.1411 0.1328 0.1559 0.0189  -0.0044 -0.0387 44 GLN A CA  
385 C  C   . GLN A 47 ? 0.1370 0.1243 0.1526 0.0152  -0.0138 -0.0284 44 GLN A C   
386 O  O   . GLN A 47 ? 0.1930 0.1725 0.1992 0.0093  -0.0188 -0.0255 44 GLN A O   
387 C  CB  . GLN A 47 ? 0.2151 0.2001 0.2378 0.0264  -0.0040 -0.0477 44 GLN A CB  
388 C  CG  . GLN A 47 ? 0.2173 0.2062 0.2405 0.0300  0.0078  -0.0597 44 GLN A CG  
389 C  CD  . GLN A 47 ? 0.3554 0.3391 0.3932 0.0397  0.0080  -0.0684 44 GLN A CD  
390 O  OE1 . GLN A 47 ? 0.3380 0.3174 0.3876 0.0435  -0.0020 -0.0637 44 GLN A OE1 
391 N  NE2 . GLN A 47 ? 0.3967 0.3800 0.4340 0.0437  0.0197  -0.0810 44 GLN A NE2 
392 N  N   . ASN A 48 ? 0.1264 0.1189 0.1528 0.0176  -0.0164 -0.0225 45 ASN A N   
393 C  CA  . ASN A 48 ? 0.1240 0.1146 0.1520 0.0134  -0.0223 -0.0123 45 ASN A CA  
394 C  C   . ASN A 48 ? 0.1478 0.1464 0.1748 0.0086  -0.0203 -0.0056 45 ASN A C   
395 O  O   . ASN A 48 ? 0.1279 0.1254 0.1575 0.0038  -0.0250 0.0015  45 ASN A O   
396 C  CB  . ASN A 48 ? 0.1484 0.1415 0.1831 0.0157  -0.0236 -0.0075 45 ASN A CB  
397 C  CG  . ASN A 48 ? 0.1928 0.1751 0.2310 0.0195  -0.0301 -0.0108 45 ASN A CG  
398 O  OD1 . ASN A 48 ? 0.2297 0.2012 0.2660 0.0206  -0.0337 -0.0163 45 ASN A OD1 
399 N  ND2 . ASN A 48 ? 0.1795 0.1620 0.2217 0.0215  -0.0327 -0.0075 45 ASN A ND2 
400 N  N   . PHE A 49 ? 0.1329 0.1399 0.1588 0.0098  -0.0141 -0.0072 46 PHE A N   
401 C  CA  . PHE A 49 ? 0.1100 0.1227 0.1363 0.0066  -0.0130 -0.0018 46 PHE A CA  
402 C  C   . PHE A 49 ? 0.1144 0.1201 0.1337 0.0010  -0.0191 -0.0011 46 PHE A C   
403 O  O   . PHE A 49 ? 0.1287 0.1365 0.1545 -0.0029 -0.0241 0.0066  46 PHE A O   
404 C  CB  . PHE A 49 ? 0.0978 0.1163 0.1211 0.0084  -0.0068 -0.0049 46 PHE A CB  
405 C  CG  . PHE A 49 ? 0.0923 0.1159 0.1188 0.0074  -0.0056 0.0012  46 PHE A CG  
406 C  CD1 . PHE A 49 ? 0.0923 0.1183 0.1280 0.0063  -0.0084 0.0087  46 PHE A CD1 
407 C  CD2 . PHE A 49 ? 0.1050 0.1310 0.1276 0.0081  -0.0016 -0.0007 46 PHE A CD2 
408 C  CE1 . PHE A 49 ? 0.1028 0.1335 0.1453 0.0075  -0.0065 0.0132  46 PHE A CE1 
409 C  CE2 . PHE A 49 ? 0.1282 0.1559 0.1538 0.0084  -0.0011 0.0041  46 PHE A CE2 
410 C  CZ  . PHE A 49 ? 0.0870 0.1169 0.1234 0.0089  -0.0033 0.0106  46 PHE A CZ  
411 N  N   . MSE A 50 ? 0.1266 0.1238 0.1333 -0.0001 -0.0186 -0.0094 47 MSE A N   
412 C  CA  . MSE A 50 ? 0.1533 0.1392 0.1459 -0.0070 -0.0247 -0.0097 47 MSE A CA  
413 C  C   . MSE A 50 ? 0.1851 0.1614 0.1791 -0.0108 -0.0348 -0.0058 47 MSE A C   
414 O  O   . MSE A 50 ? 0.2340 0.2033 0.2222 -0.0183 -0.0440 -0.0009 47 MSE A O   
415 C  CB  . MSE A 50 ? 0.1788 0.1559 0.1532 -0.0075 -0.0189 -0.0210 47 MSE A CB  
416 C  CG  . MSE A 50 ? 0.1932 0.1796 0.1651 -0.0068 -0.0097 -0.0235 47 MSE A CG  
417 SE SE  . MSE A 50 ? 0.3111 0.3029 0.2832 -0.0126 -0.0147 -0.0119 47 MSE A SE  
418 C  CE  . MSE A 50 ? 0.3047 0.2764 0.2495 -0.0247 -0.0248 -0.0108 47 MSE A CE  
419 N  N   . SER A 51 ? 0.1508 0.1258 0.1526 -0.0068 -0.0349 -0.0069 48 SER A N   
420 C  CA  . SER A 51 ? 0.1955 0.1602 0.1986 -0.0115 -0.0451 -0.0025 48 SER A CA  
421 C  C   . SER A 51 ? 0.1818 0.1581 0.2032 -0.0145 -0.0483 0.0101  48 SER A C   
422 O  O   . SER A 51 ? 0.2378 0.2079 0.2629 -0.0205 -0.0573 0.0161  48 SER A O   
423 C  CB  . SER A 51 ? 0.2462 0.2001 0.2476 -0.0064 -0.0453 -0.0094 48 SER A CB  
424 O  OG  . SER A 51 ? 0.4597 0.4033 0.4470 -0.0029 -0.0406 -0.0222 48 SER A OG  
425 N  N   . ALA A 52 ? 0.1137 0.1327 0.1381 -0.0158 -0.0248 -0.0181 49 ALA A N   
426 C  CA  . ALA A 52 ? 0.1142 0.1346 0.1470 -0.0215 -0.0190 -0.0136 49 ALA A CA  
427 C  C   . ALA A 52 ? 0.1168 0.1481 0.1664 -0.0252 -0.0212 -0.0136 49 ALA A C   
428 O  O   . ALA A 52 ? 0.1618 0.2019 0.2153 -0.0220 -0.0262 -0.0149 49 ALA A O   
429 C  CB  . ALA A 52 ? 0.1172 0.1417 0.1487 -0.0194 -0.0109 -0.0108 49 ALA A CB  
430 N  N   . VAL A 53 ? 0.1245 0.1549 0.1837 -0.0327 -0.0180 -0.0118 50 VAL A N   
431 C  CA  . VAL A 53 ? 0.1771 0.2209 0.2582 -0.0370 -0.0188 -0.0118 50 VAL A CA  
432 C  C   . VAL A 53 ? 0.1936 0.2522 0.2874 -0.0320 -0.0145 -0.0105 50 VAL A C   
433 O  O   . VAL A 53 ? 0.1742 0.2440 0.2812 -0.0296 -0.0219 -0.0112 50 VAL A O   
434 C  CB  . VAL A 53 ? 0.1430 0.1844 0.2332 -0.0472 -0.0118 -0.0095 50 VAL A CB  
435 C  CG1 . VAL A 53 ? 0.1230 0.1833 0.2422 -0.0514 -0.0096 -0.0098 50 VAL A CG1 
436 C  CG2 . VAL A 53 ? 0.1787 0.2041 0.2604 -0.0528 -0.0188 -0.0104 50 VAL A CG2 
437 N  N   . SER A 54 ? 0.1041 0.1609 0.1929 -0.0304 -0.0038 -0.0089 51 SER A N   
438 C  CA  . SER A 54 ? 0.1248 0.1920 0.2248 -0.0252 0.0014  -0.0085 51 SER A CA  
439 C  C   . SER A 54 ? 0.0934 0.1529 0.1752 -0.0190 0.0026  -0.0082 51 SER A C   
440 O  O   . SER A 54 ? 0.1373 0.1869 0.2038 -0.0205 0.0088  -0.0080 51 SER A O   
441 C  CB  . SER A 54 ? 0.1005 0.1734 0.2135 -0.0297 0.0152  -0.0089 51 SER A CB  
442 O  OG  . SER A 54 ? 0.1448 0.2251 0.2678 -0.0234 0.0209  -0.0103 51 SER A OG  
443 N  N   . LYS A 55 ? 0.1106 0.1739 0.1934 -0.0131 -0.0038 -0.0074 52 LYS A N   
444 C  CA  . LYS A 55 ? 0.1227 0.1793 0.1904 -0.0087 -0.0022 -0.0069 52 LYS A CA  
445 C  C   . LYS A 55 ? 0.1191 0.1748 0.1903 -0.0077 0.0082  -0.0076 52 LYS A C   
446 O  O   . LYS A 55 ? 0.1211 0.1685 0.1776 -0.0074 0.0122  -0.0084 52 LYS A O   
447 C  CB  . LYS A 55 ? 0.1253 0.1849 0.1925 -0.0042 -0.0103 -0.0047 52 LYS A CB  
448 C  CG  . LYS A 55 ? 0.2034 0.2630 0.2626 -0.0053 -0.0201 -0.0054 52 LYS A CG  
449 C  CD  . LYS A 55 ? 0.2320 0.2835 0.2731 -0.0060 -0.0193 -0.0084 52 LYS A CD  
450 C  CE  . LYS A 55 ? 0.2175 0.2687 0.2495 -0.0064 -0.0274 -0.0111 52 LYS A CE  
451 N  NZ  . LYS A 55 ? 0.2723 0.3232 0.3110 -0.0103 -0.0324 -0.0139 52 LYS A NZ  
452 N  N   . GLY A 56 ? 0.0870 0.1519 0.1791 -0.0070 0.0126  -0.0084 53 GLY A N   
453 C  CA  . GLY A 56 ? 0.1212 0.1854 0.2174 -0.0060 0.0243  -0.0113 53 GLY A CA  
454 C  C   . GLY A 56 ? 0.1729 0.2290 0.2528 -0.0122 0.0340  -0.0131 53 GLY A C   
455 O  O   . GLY A 56 ? 0.1282 0.1757 0.1939 -0.0118 0.0397  -0.0152 53 GLY A O   
456 N  N   . ARG A 57 ? 0.1474 0.2044 0.2277 -0.0188 0.0349  -0.0120 54 ARG A N   
457 C  CA  . ARG A 57 ? 0.1179 0.1647 0.1800 -0.0260 0.0431  -0.0117 54 ARG A CA  
458 C  C   . ARG A 57 ? 0.1196 0.1514 0.1551 -0.0252 0.0366  -0.0100 54 ARG A C   
459 O  O   . ARG A 57 ? 0.1734 0.1949 0.1900 -0.0277 0.0421  -0.0106 54 ARG A O   
460 C  CB  . ARG A 57 ? 0.1410 0.1894 0.2088 -0.0342 0.0438  -0.0095 54 ARG A CB  
461 C  CG  . ARG A 57 ? 0.1574 0.1914 0.2018 -0.0428 0.0512  -0.0071 54 ARG A CG  
462 C  CD  . ARG A 57 ? 0.2804 0.3132 0.3299 -0.0527 0.0520  -0.0037 54 ARG A CD  
463 N  NE  . ARG A 57 ? 0.3260 0.3391 0.3470 -0.0606 0.0548  0.0010  54 ARG A NE  
464 C  CZ  . ARG A 57 ? 0.4513 0.4606 0.4615 -0.0692 0.0695  0.0020  54 ARG A CZ  
465 N  NH1 . ARG A 57 ? 0.4893 0.5154 0.5187 -0.0704 0.0842  -0.0030 54 ARG A NH1 
466 N  NH2 . ARG A 57 ? 0.5536 0.5420 0.5336 -0.0767 0.0695  0.0079  54 ARG A NH2 
467 N  N   . PHE A 58 ? 0.1110 0.1423 0.1455 -0.0217 0.0249  -0.0086 55 PHE A N   
468 C  CA  . PHE A 58 ? 0.1336 0.1537 0.1489 -0.0200 0.0185  -0.0079 55 PHE A CA  
469 C  C   . PHE A 58 ? 0.1110 0.1302 0.1208 -0.0160 0.0205  -0.0099 55 PHE A C   
470 O  O   . PHE A 58 ? 0.1339 0.1435 0.1274 -0.0171 0.0200  -0.0101 55 PHE A O   
471 C  CB  . PHE A 58 ? 0.1624 0.1840 0.1798 -0.0169 0.0079  -0.0080 55 PHE A CB  
472 C  CG  . PHE A 58 ? 0.1317 0.1443 0.1350 -0.0146 0.0018  -0.0085 55 PHE A CG  
473 C  CD1 . PHE A 58 ? 0.1616 0.1767 0.1622 -0.0103 0.0004  -0.0100 55 PHE A CD1 
474 C  CD2 . PHE A 58 ? 0.1384 0.1402 0.1334 -0.0169 -0.0028 -0.0074 55 PHE A CD2 
475 C  CE1 . PHE A 58 ? 0.2004 0.2106 0.1933 -0.0080 -0.0052 -0.0114 55 PHE A CE1 
476 C  CE2 . PHE A 58 ? 0.2062 0.2008 0.1926 -0.0134 -0.0097 -0.0083 55 PHE A CE2 
477 C  CZ  . PHE A 58 ? 0.1629 0.1634 0.1498 -0.0088 -0.0106 -0.0107 55 PHE A CZ  
478 N  N   . PHE A 59 ? 0.1024 0.1300 0.1258 -0.0118 0.0212  -0.0109 56 PHE A N   
479 C  CA  . PHE A 59 ? 0.1193 0.1440 0.1387 -0.0090 0.0233  -0.0128 56 PHE A CA  
480 C  C   . PHE A 59 ? 0.1591 0.1766 0.1687 -0.0121 0.0326  -0.0159 56 PHE A C   
481 O  O   . PHE A 59 ? 0.1233 0.1321 0.1177 -0.0130 0.0319  -0.0176 56 PHE A O   
482 C  CB  . PHE A 59 ? 0.0999 0.1316 0.1357 -0.0043 0.0228  -0.0123 56 PHE A CB  
483 C  CG  . PHE A 59 ? 0.1243 0.1504 0.1577 -0.0023 0.0260  -0.0145 56 PHE A CG  
484 C  CD1 . PHE A 59 ? 0.1584 0.1792 0.1812 -0.0025 0.0217  -0.0141 56 PHE A CD1 
485 C  CD2 . PHE A 59 ? 0.1826 0.2087 0.2267 -0.0002 0.0338  -0.0180 56 PHE A CD2 
486 C  CE1 . PHE A 59 ? 0.1461 0.1606 0.1674 -0.0019 0.0239  -0.0164 56 PHE A CE1 
487 C  CE2 . PHE A 59 ? 0.1574 0.1756 0.1992 0.0016  0.0363  -0.0211 56 PHE A CE2 
488 C  CZ  . PHE A 59 ? 0.1706 0.1820 0.2001 0.0003  0.0309  -0.0200 56 PHE A CZ  
489 N  N   . ASP A 60 ? 0.1375 0.1592 0.1557 -0.0144 0.0416  -0.0174 57 ASP A N   
490 C  CA  . ASP A 60 ? 0.1748 0.1901 0.1818 -0.0181 0.0532  -0.0217 57 ASP A CA  
491 C  C   . ASP A 60 ? 0.2562 0.2581 0.2351 -0.0244 0.0518  -0.0198 57 ASP A C   
492 O  O   . ASP A 60 ? 0.2520 0.2436 0.2118 -0.0266 0.0557  -0.0231 57 ASP A O   
493 C  CB  . ASP A 60 ? 0.1808 0.2060 0.2050 -0.0202 0.0652  -0.0242 57 ASP A CB  
494 C  CG  . ASP A 60 ? 0.2763 0.3122 0.3277 -0.0131 0.0680  -0.0279 57 ASP A CG  
495 O  OD1 . ASP A 60 ? 0.3674 0.3984 0.4176 -0.0077 0.0642  -0.0295 57 ASP A OD1 
496 O  OD2 . ASP A 60 ? 0.2663 0.3155 0.3418 -0.0128 0.0735  -0.0291 57 ASP A OD2 
497 N  N   . GLY A 61 ? 0.1855 0.1852 0.1605 -0.0273 0.0451  -0.0145 58 GLY A N   
498 C  CA  . GLY A 61 ? 0.1976 0.1822 0.1467 -0.0333 0.0427  -0.0111 58 GLY A CA  
499 C  C   . GLY A 61 ? 0.2679 0.2438 0.2037 -0.0303 0.0293  -0.0097 58 GLY A C   
500 O  O   . GLY A 61 ? 0.2644 0.2263 0.1765 -0.0341 0.0259  -0.0078 58 GLY A O   
501 N  N   . VAL A 62 ? 0.1561 0.1405 0.1070 -0.0238 0.0215  -0.0105 59 VAL A N   
502 C  CA  . VAL A 62 ? 0.1586 0.1389 0.1038 -0.0207 0.0094  -0.0096 59 VAL A CA  
503 C  C   . VAL A 62 ? 0.1737 0.1594 0.1245 -0.0168 0.0070  -0.0134 59 VAL A C   
504 O  O   . VAL A 62 ? 0.1909 0.1724 0.1342 -0.0162 -0.0009 -0.0141 59 VAL A O   
505 C  CB  . VAL A 62 ? 0.1499 0.1343 0.1063 -0.0177 0.0021  -0.0078 59 VAL A CB  
506 C  CG1 . VAL A 62 ? 0.2212 0.2030 0.1757 -0.0136 -0.0091 -0.0084 59 VAL A CG1 
507 C  CG2 . VAL A 62 ? 0.2201 0.1971 0.1718 -0.0228 0.0037  -0.0039 59 VAL A CG2 
508 N  N   . ILE A 63 ? 0.1307 0.1256 0.0959 -0.0146 0.0128  -0.0153 60 ILE A N   
509 C  CA  . ILE A 63 ? 0.1238 0.1229 0.0956 -0.0119 0.0104  -0.0175 60 ILE A CA  
510 C  C   . ILE A 63 ? 0.1497 0.1433 0.1171 -0.0133 0.0167  -0.0215 60 ILE A C   
511 O  O   . ILE A 63 ? 0.1591 0.1485 0.1205 -0.0146 0.0129  -0.0241 60 ILE A O   
512 C  CB  . ILE A 63 ? 0.1098 0.1199 0.0986 -0.0084 0.0104  -0.0159 60 ILE A CB  
513 C  CG1 . ILE A 63 ? 0.1019 0.1164 0.0938 -0.0070 0.0049  -0.0140 60 ILE A CG1 
514 C  CG2 . ILE A 63 ? 0.1119 0.1245 0.1054 -0.0075 0.0088  -0.0167 60 ILE A CG2 
515 C  CD1 . ILE A 63 ? 0.1952 0.2089 0.1831 -0.0059 -0.0022 -0.0152 60 ILE A CD1 
516 N  N   . LYS A 64 ? 0.1413 0.1355 0.1135 -0.0133 0.0261  -0.0229 61 LYS A N   
517 C  CA  . LYS A 64 ? 0.1437 0.1332 0.1165 -0.0129 0.0331  -0.0282 61 LYS A CA  
518 C  C   . LYS A 64 ? 0.1633 0.1405 0.1135 -0.0175 0.0331  -0.0327 61 LYS A C   
519 O  O   . LYS A 64 ? 0.2003 0.1714 0.1331 -0.0215 0.0349  -0.0322 61 LYS A O   
520 C  CB  . LYS A 64 ? 0.1457 0.1396 0.1301 -0.0116 0.0441  -0.0303 61 LYS A CB  
521 C  CG  . LYS A 64 ? 0.2540 0.2430 0.2426 -0.0095 0.0524  -0.0376 61 LYS A CG  
522 C  CD  . LYS A 64 ? 0.4486 0.4415 0.4445 -0.0095 0.0659  -0.0421 61 LYS A CD  
523 C  CE  . LYS A 64 ? 0.4404 0.4469 0.4655 -0.0042 0.0658  -0.0390 61 LYS A CE  
524 N  NZ  . LYS A 64 ? 0.3872 0.4017 0.4267 -0.0038 0.0795  -0.0445 61 LYS A NZ  
525 N  N   . GLY A 65 ? 0.2004 0.1726 0.1491 -0.0176 0.0298  -0.0365 62 GLY A N   
526 C  CA  . GLY A 65 ? 0.2096 0.1695 0.1367 -0.0222 0.0281  -0.0419 62 GLY A CA  
527 C  C   . GLY A 65 ? 0.2727 0.2293 0.1846 -0.0253 0.0162  -0.0387 62 GLY A C   
528 O  O   . GLY A 65 ? 0.2950 0.2406 0.1860 -0.0297 0.0122  -0.0424 62 GLY A O   
529 N  N   . LYS A 66 ? 0.1793 0.1451 0.1020 -0.0227 0.0097  -0.0325 63 LYS A N   
530 C  CA  . LYS A 66 ? 0.2024 0.1657 0.1159 -0.0238 -0.0028 -0.0295 63 LYS A CA  
531 C  C   . LYS A 66 ? 0.2640 0.2372 0.1945 -0.0215 -0.0121 -0.0297 63 LYS A C   
532 O  O   . LYS A 66 ? 0.2546 0.2279 0.1830 -0.0215 -0.0237 -0.0290 63 LYS A O   
533 C  CB  . LYS A 66 ? 0.1928 0.1572 0.1052 -0.0227 -0.0035 -0.0234 63 LYS A CB  
534 C  CG  . LYS A 66 ? 0.3034 0.2580 0.1979 -0.0271 0.0064  -0.0227 63 LYS A CG  
535 C  CD  . LYS A 66 ? 0.4023 0.3483 0.2825 -0.0297 0.0009  -0.0164 63 LYS A CD  
536 C  CE  . LYS A 66 ? 0.4208 0.3545 0.2764 -0.0371 0.0112  -0.0159 63 LYS A CE  
537 N  NZ  . LYS A 66 ? 0.4410 0.3843 0.3111 -0.0372 0.0276  -0.0188 63 LYS A NZ  
538 N  N   . PHE A 67 ? 0.1730 0.1547 0.1212 -0.0199 -0.0070 -0.0305 64 PHE A N   
539 C  CA  . PHE A 67 ? 0.1490 0.1406 0.1132 -0.0198 -0.0125 -0.0311 64 PHE A CA  
540 C  C   . PHE A 67 ? 0.2716 0.2606 0.2417 -0.0223 -0.0074 -0.0340 64 PHE A C   
541 O  O   . PHE A 67 ? 0.1948 0.1790 0.1647 -0.0210 0.0011  -0.0339 64 PHE A O   
542 C  CB  . PHE A 67 ? 0.1435 0.1485 0.1237 -0.0158 -0.0118 -0.0273 64 PHE A CB  
543 C  CG  . PHE A 67 ? 0.1358 0.1413 0.1124 -0.0127 -0.0169 -0.0252 64 PHE A CG  
544 C  CD1 . PHE A 67 ? 0.1368 0.1470 0.1190 -0.0111 -0.0269 -0.0263 64 PHE A CD1 
545 C  CD2 . PHE A 67 ? 0.1516 0.1527 0.1217 -0.0115 -0.0122 -0.0223 64 PHE A CD2 
546 C  CE1 . PHE A 67 ? 0.1399 0.1476 0.1194 -0.0075 -0.0327 -0.0244 64 PHE A CE1 
547 C  CE2 . PHE A 67 ? 0.2385 0.2374 0.2051 -0.0096 -0.0174 -0.0200 64 PHE A CE2 
548 C  CZ  . PHE A 67 ? 0.1921 0.1927 0.1624 -0.0072 -0.0279 -0.0209 64 PHE A CZ  
549 N  N   . LEU A 68 ? 0.1599 0.1516 0.1370 -0.0259 -0.0131 -0.0365 65 LEU A N   
550 C  CA  . LEU A 68 ? 0.1804 0.1678 0.1643 -0.0295 -0.0092 -0.0386 65 LEU A CA  
551 C  C   . LEU A 68 ? 0.1717 0.1647 0.1680 -0.0270 -0.0020 -0.0329 65 LEU A C   
552 O  O   . LEU A 68 ? 0.1785 0.1841 0.1837 -0.0253 -0.0024 -0.0288 65 LEU A O   
553 C  CB  . LEU A 68 ? 0.2134 0.2058 0.2066 -0.0351 -0.0170 -0.0415 65 LEU A CB  
554 C  CG  . LEU A 68 ? 0.3416 0.3249 0.3381 -0.0413 -0.0162 -0.0454 65 LEU A CG  
555 C  CD1 . LEU A 68 ? 0.2981 0.2872 0.3012 -0.0474 -0.0272 -0.0497 65 LEU A CD1 
556 C  CD2 . LEU A 68 ? 0.4136 0.4001 0.4248 -0.0427 -0.0092 -0.0401 65 LEU A CD2 
557 N  N   . CYS A 69 ? 0.1584 0.1411 0.1549 -0.0266 0.0039  -0.0332 66 CYS A N   
558 C  CA  . CYS A 69 ? 0.1732 0.1589 0.1797 -0.0244 0.0082  -0.0266 66 CYS A CA  
559 C  C   . CYS A 69 ? 0.1783 0.1533 0.1907 -0.0277 0.0097  -0.0258 66 CYS A C   
560 O  O   . CYS A 69 ? 0.2363 0.1989 0.2451 -0.0304 0.0094  -0.0321 66 CYS A O   
561 C  CB  . CYS A 69 ? 0.2184 0.2034 0.2237 -0.0180 0.0127  -0.0247 66 CYS A CB  
562 S  SG  . CYS A 69 ? 0.2768 0.2471 0.2810 -0.0150 0.0189  -0.0301 66 CYS A SG  
563 N  N   . ARG A 70 ? 0.1618 0.1400 0.1815 -0.0283 0.0110  -0.0179 67 ARG A N   
564 C  CA  . ARG A 70 ? 0.1819 0.1471 0.2064 -0.0315 0.0119  -0.0145 67 ARG A CA  
565 C  C   . ARG A 70 ? 0.1693 0.1330 0.1963 -0.0271 0.0128  -0.0053 67 ARG A C   
566 O  O   . ARG A 70 ? 0.2111 0.1873 0.2363 -0.0253 0.0126  -0.0006 67 ARG A O   
567 C  CB  . ARG A 70 ? 0.2727 0.2416 0.3020 -0.0412 0.0105  -0.0129 67 ARG A CB  
568 C  CG  . ARG A 70 ? 0.2925 0.2791 0.3242 -0.0434 0.0119  -0.0076 67 ARG A CG  
569 C  CD  . ARG A 70 ? 0.4258 0.4201 0.4661 -0.0535 0.0122  -0.0083 67 ARG A CD  
570 N  NE  . ARG A 70 ? 0.4805 0.4933 0.5240 -0.0551 0.0160  -0.0047 67 ARG A NE  
571 C  CZ  . ARG A 70 ? 0.5096 0.5387 0.5647 -0.0611 0.0171  -0.0082 67 ARG A CZ  
572 N  NH1 . ARG A 70 ? 0.4916 0.5205 0.5563 -0.0664 0.0127  -0.0144 67 ARG A NH1 
573 N  NH2 . ARG A 70 ? 0.4902 0.5362 0.5483 -0.0617 0.0224  -0.0065 67 ARG A NH2 
574 N  N   . LYS A 71 ? 0.2268 0.1740 0.2578 -0.0250 0.0127  -0.0032 68 LYS A N   
575 C  CA  . LYS A 71 ? 0.1791 0.1221 0.2132 -0.0206 0.0108  0.0063  68 LYS A CA  
576 C  C   . LYS A 71 ? 0.2537 0.1926 0.2840 -0.0288 0.0093  0.0167  68 LYS A C   
577 O  O   . LYS A 71 ? 0.3417 0.2717 0.3730 -0.0366 0.0101  0.0160  68 LYS A O   
578 C  CB  . LYS A 71 ? 0.1958 0.1226 0.2388 -0.0134 0.0103  0.0040  68 LYS A CB  
579 C  CG  . LYS A 71 ? 0.2879 0.2131 0.3371 -0.0065 0.0057  0.0131  68 LYS A CG  
580 C  CD  . LYS A 71 ? 0.2828 0.1931 0.3463 0.0023  0.0048  0.0101  68 LYS A CD  
581 C  CE  . LYS A 71 ? 0.3625 0.2743 0.4350 0.0098  -0.0023 0.0195  68 LYS A CE  
582 N  NZ  . LYS A 71 ? 0.4471 0.3397 0.5348 0.0173  -0.0069 0.0213  68 LYS A NZ  
583 N  N   . ILE A 72 ? 0.2560 0.2014 0.2807 -0.0282 0.0075  0.0258  69 ILE A N   
584 C  CA  . ILE A 72 ? 0.3190 0.2593 0.3361 -0.0371 0.0076  0.0366  69 ILE A CA  
585 C  C   . ILE A 72 ? 0.3853 0.3090 0.3993 -0.0336 0.0011  0.0483  69 ILE A C   
586 O  O   . ILE A 72 ? 0.4742 0.4004 0.4913 -0.0242 -0.0037 0.0493  69 ILE A O   
587 C  CB  . ILE A 72 ? 0.3528 0.3126 0.3609 -0.0418 0.0114  0.0380  69 ILE A CB  
588 C  CG1 . ILE A 72 ? 0.3205 0.2888 0.3231 -0.0342 0.0079  0.0399  69 ILE A CG1 
589 C  CG2 . ILE A 72 ? 0.3616 0.3370 0.3760 -0.0443 0.0157  0.0269  69 ILE A CG2 
590 C  CD1 . ILE A 72 ? 0.4128 0.3970 0.4045 -0.0386 0.0118  0.0407  69 ILE A CD1 
591 N  N   . GLY A 73 ? 0.4653 0.3719 0.4744 -0.0415 0.0002  0.0578  70 GLY A N   
592 C  CA  . GLY A 73 ? 0.6356 0.5219 0.6409 -0.0385 -0.0082 0.0706  70 GLY A CA  
593 C  C   . GLY A 73 ? 0.8115 0.6729 0.8163 -0.0468 -0.0091 0.0777  70 GLY A C   
594 O  O   . GLY A 73 ? 0.9342 0.7971 0.9391 -0.0578 -0.0022 0.0744  70 GLY A O   
# 
